data_9EXD
#
_entry.id   9EXD
#
_cell.length_a   1.00
_cell.length_b   1.00
_cell.length_c   1.00
_cell.angle_alpha   90.00
_cell.angle_beta   90.00
_cell.angle_gamma   90.00
#
_symmetry.space_group_name_H-M   'P 1'
#
loop_
_entity.id
_entity.type
_entity.pdbx_description
1 polymer 'Large T antigen'
2 non-polymer "ADENOSINE-5'-TRIPHOSPHATE"
#
_entity_poly.entity_id   1
_entity_poly.type   'polypeptide(L)'
_entity_poly.pdbx_seq_one_letter_code
;MDKVLNREESLQLMDLLGLERSAWGNIPLMRKAYLKKCKEFHPDKGGDEEKMKKMNTLYKKMEDGVKYAHQPDFGGFWDA
TEIPTYGTDEWEQWWNAFNEENLFCSEEMPSSDDEATADSQHSTPPKKKRKVEDPKDFPSELLSFLSHAVFSNRTLACFA
IYTTKEKAALLYKKIMEKYSVTFISRHNSYNHNILFFLTPHRHRVSAINNYAQKLCTFSFLICKGVNKEYLMYSALTRDP
FSVIEESLPGGLKEHDFNPEEAEETKQVSWKLVTEYAMETKCDDVLLLLGMYLEFQYSFEMCLKCIKKEQPSHYKYHEKH
YANAAIFADSKNQKTICQQAVDTVLAKKRVDSLQLTREQMLTNRFNDLLDRMDIMFGSTGSADIEEWMAGVAWLHCLLPK
MDSVVYDFLKCMVYNIPKKRYWLFKGPIDSGKTTLAAALLELCGGKALNVNLPLDRLNFELGVAIDQFLVVFEDVKGTGG
ESRDLPSGQGINNLDNLRDYLDGSVKVNLEKKHLNKRTQIFPPGIVTMNEYSVPKTLQARFVKQIDFRPKDYLKHCLERS
EFLLEKRIIQSGIALLLMLIWYRPVAEFAQSIQSRIVEWKERLDKEFSLSVYQKMKFNVAMGIGVLDWLRNSDDDDEDSQ
ENADKNEDGGEKNMEDSGHETGIDSQSQGSFQAPQSSQSVHDHNQPYHICRGFTCFKKPPTPPPEPET
;
_entity_poly.pdbx_strand_id   A,B,C,D,E,F
#
# COMPACT_ATOMS: atom_id res chain seq x y z
N LYS A 266 -37.16 -21.49 -10.34
CA LYS A 266 -36.32 -22.09 -9.32
C LYS A 266 -35.02 -21.34 -9.15
N GLN A 267 -34.37 -21.56 -8.03
CA GLN A 267 -33.11 -20.93 -7.72
C GLN A 267 -31.90 -21.71 -8.23
N VAL A 268 -30.78 -20.99 -8.32
CA VAL A 268 -29.50 -21.58 -8.70
C VAL A 268 -29.05 -22.56 -7.62
N SER A 269 -28.60 -23.74 -8.03
CA SER A 269 -27.88 -24.62 -7.12
C SER A 269 -26.40 -24.27 -7.09
N TRP A 270 -25.94 -23.68 -5.98
CA TRP A 270 -24.52 -23.40 -5.79
C TRP A 270 -23.70 -24.67 -5.63
N LYS A 271 -24.34 -25.75 -5.21
CA LYS A 271 -23.70 -27.07 -5.12
C LYS A 271 -23.30 -27.63 -6.48
N LEU A 272 -24.18 -27.57 -7.48
CA LEU A 272 -23.84 -28.09 -8.80
C LEU A 272 -22.72 -27.32 -9.47
N VAL A 273 -22.61 -26.01 -9.25
CA VAL A 273 -21.43 -25.28 -9.70
C VAL A 273 -20.18 -25.78 -9.01
N THR A 274 -20.26 -26.04 -7.71
CA THR A 274 -19.08 -26.49 -6.97
C THR A 274 -18.59 -27.84 -7.47
N GLU A 275 -19.51 -28.74 -7.80
CA GLU A 275 -19.12 -29.99 -8.45
C GLU A 275 -18.30 -29.77 -9.72
N TYR A 276 -18.78 -28.92 -10.62
CA TYR A 276 -18.01 -28.63 -11.84
C TYR A 276 -16.62 -28.10 -11.51
N ALA A 277 -16.53 -27.15 -10.57
CA ALA A 277 -15.22 -26.60 -10.21
C ALA A 277 -14.31 -27.67 -9.63
N MET A 278 -14.84 -28.54 -8.78
CA MET A 278 -14.03 -29.61 -8.20
C MET A 278 -13.56 -30.60 -9.26
N GLU A 279 -14.47 -31.05 -10.12
CA GLU A 279 -14.12 -32.03 -11.14
C GLU A 279 -13.15 -31.49 -12.17
N THR A 280 -13.31 -30.24 -12.61
CA THR A 280 -12.33 -29.65 -13.52
C THR A 280 -11.11 -29.07 -12.82
N LYS A 281 -11.05 -29.15 -11.49
CA LYS A 281 -9.93 -28.63 -10.68
C LYS A 281 -9.62 -27.17 -10.96
N CYS A 282 -10.67 -26.36 -11.12
CA CYS A 282 -10.54 -25.00 -11.62
C CYS A 282 -10.42 -24.03 -10.45
N ASP A 283 -9.31 -23.30 -10.38
CA ASP A 283 -9.06 -22.36 -9.29
C ASP A 283 -8.83 -20.94 -9.82
N ASP A 284 -9.43 -20.62 -10.94
CA ASP A 284 -9.52 -19.25 -11.43
C ASP A 284 -10.98 -18.85 -11.55
N VAL A 285 -11.34 -17.73 -10.91
CA VAL A 285 -12.73 -17.29 -10.83
C VAL A 285 -13.31 -16.97 -12.20
N LEU A 286 -12.52 -16.33 -13.06
CA LEU A 286 -13.04 -15.94 -14.37
C LEU A 286 -13.11 -17.12 -15.34
N LEU A 287 -12.19 -18.07 -15.25
CA LEU A 287 -12.25 -19.25 -16.09
C LEU A 287 -13.45 -20.12 -15.74
N LEU A 288 -13.74 -20.28 -14.45
CA LEU A 288 -14.96 -20.98 -14.02
C LEU A 288 -16.21 -20.26 -14.51
N LEU A 289 -16.28 -18.95 -14.30
CA LEU A 289 -17.41 -18.17 -14.77
C LEU A 289 -17.62 -18.33 -16.27
N GLY A 290 -16.54 -18.14 -17.04
CA GLY A 290 -16.65 -18.18 -18.49
C GLY A 290 -17.14 -19.51 -19.04
N MET A 291 -16.59 -20.62 -18.52
CA MET A 291 -17.03 -21.92 -19.00
C MET A 291 -18.43 -22.29 -18.53
N TYR A 292 -18.79 -21.92 -17.30
CA TYR A 292 -20.16 -22.23 -16.87
C TYR A 292 -21.20 -21.44 -17.66
N LEU A 293 -20.87 -20.23 -18.12
CA LEU A 293 -21.75 -19.51 -19.03
C LEU A 293 -21.94 -20.21 -20.38
N GLU A 294 -20.93 -20.92 -20.89
CA GLU A 294 -21.10 -21.62 -22.16
C GLU A 294 -22.22 -22.66 -22.13
N PHE A 295 -22.53 -23.20 -20.97
CA PHE A 295 -23.53 -24.25 -20.84
C PHE A 295 -24.97 -23.74 -20.90
N GLN A 296 -25.20 -22.43 -20.99
CA GLN A 296 -26.56 -21.92 -21.02
C GLN A 296 -27.30 -22.30 -22.31
N TYR A 297 -26.61 -22.48 -23.42
CA TYR A 297 -27.27 -22.76 -24.70
C TYR A 297 -27.74 -24.21 -24.80
N SER A 298 -28.71 -24.44 -25.67
CA SER A 298 -29.35 -25.75 -25.81
C SER A 298 -28.35 -26.83 -26.20
N PHE A 299 -28.37 -27.93 -25.44
CA PHE A 299 -27.49 -29.06 -25.69
C PHE A 299 -27.82 -29.80 -26.97
N GLU A 300 -29.08 -29.76 -27.42
CA GLU A 300 -29.50 -30.52 -28.59
C GLU A 300 -28.75 -30.12 -29.85
N MET A 301 -28.17 -28.93 -29.87
CA MET A 301 -27.54 -28.39 -31.06
C MET A 301 -26.08 -27.99 -30.85
N CYS A 302 -25.55 -28.17 -29.65
CA CYS A 302 -24.33 -27.48 -29.25
C CYS A 302 -23.17 -27.83 -30.17
N LEU A 303 -22.65 -26.81 -30.86
CA LEU A 303 -21.65 -27.03 -31.89
C LEU A 303 -20.31 -27.51 -31.32
N LYS A 304 -19.90 -26.99 -30.17
CA LYS A 304 -18.70 -27.47 -29.51
C LYS A 304 -18.82 -28.93 -29.09
N CYS A 305 -19.99 -29.34 -28.63
CA CYS A 305 -20.19 -30.74 -28.30
C CYS A 305 -20.14 -31.63 -29.54
N ILE A 306 -20.77 -31.21 -30.62
CA ILE A 306 -20.76 -31.98 -31.86
C ILE A 306 -19.37 -32.04 -32.47
N LYS A 307 -18.61 -30.95 -32.39
CA LYS A 307 -17.22 -30.93 -32.87
C LYS A 307 -16.21 -31.54 -31.89
N LYS A 308 -16.63 -31.85 -30.65
CA LYS A 308 -15.79 -32.49 -29.62
C LYS A 308 -14.48 -31.75 -29.33
N GLU A 309 -14.54 -30.43 -29.21
CA GLU A 309 -13.33 -29.60 -29.27
C GLU A 309 -12.46 -29.72 -28.03
N GLN A 310 -13.03 -29.53 -26.82
CA GLN A 310 -12.28 -29.50 -25.56
C GLN A 310 -12.92 -30.39 -24.50
N PRO A 311 -12.14 -31.21 -23.78
CA PRO A 311 -12.75 -32.20 -22.86
C PRO A 311 -13.64 -31.60 -21.79
N SER A 312 -13.24 -30.50 -21.21
CA SER A 312 -13.92 -29.89 -20.07
C SER A 312 -15.20 -29.16 -20.46
N HIS A 313 -15.60 -29.19 -21.73
CA HIS A 313 -16.94 -28.79 -22.13
C HIS A 313 -17.83 -30.00 -22.42
N TYR A 314 -17.48 -30.79 -23.42
CA TYR A 314 -18.45 -31.73 -23.96
C TYR A 314 -18.81 -32.84 -22.96
N LYS A 315 -17.94 -33.14 -22.01
CA LYS A 315 -18.30 -34.09 -20.95
C LYS A 315 -19.45 -33.59 -20.09
N TYR A 316 -19.53 -32.29 -19.85
CA TYR A 316 -20.30 -31.76 -18.71
C TYR A 316 -21.57 -31.02 -19.10
N HIS A 317 -21.64 -30.47 -20.30
CA HIS A 317 -22.76 -29.62 -20.72
C HIS A 317 -24.12 -30.27 -20.47
N GLU A 318 -24.28 -31.56 -20.80
CA GLU A 318 -25.58 -32.20 -20.66
C GLU A 318 -26.06 -32.28 -19.21
N LYS A 319 -25.16 -32.54 -18.27
CA LYS A 319 -25.52 -32.55 -16.86
C LYS A 319 -25.95 -31.17 -16.36
N HIS A 320 -25.27 -30.12 -16.78
CA HIS A 320 -25.35 -28.81 -16.13
C HIS A 320 -26.33 -27.84 -16.80
N TYR A 321 -26.84 -28.15 -17.99
CA TYR A 321 -27.64 -27.21 -18.77
C TYR A 321 -28.79 -26.54 -18.00
N ALA A 322 -29.60 -27.32 -17.30
CA ALA A 322 -30.72 -26.74 -16.55
C ALA A 322 -30.26 -25.72 -15.51
N ASN A 323 -29.17 -25.99 -14.81
CA ASN A 323 -28.65 -25.05 -13.82
C ASN A 323 -27.94 -23.85 -14.46
N ALA A 324 -27.24 -24.07 -15.57
CA ALA A 324 -26.59 -22.97 -16.28
C ALA A 324 -27.59 -21.96 -16.83
N ALA A 325 -28.74 -22.42 -17.32
CA ALA A 325 -29.78 -21.50 -17.74
C ALA A 325 -30.24 -20.58 -16.62
N ILE A 326 -30.47 -21.11 -15.43
CA ILE A 326 -30.89 -20.29 -14.29
C ILE A 326 -29.74 -19.43 -13.77
N PHE A 327 -28.51 -19.95 -13.80
CA PHE A 327 -27.34 -19.16 -13.49
C PHE A 327 -27.19 -17.94 -14.40
N ALA A 328 -27.47 -18.11 -15.69
CA ALA A 328 -27.37 -16.99 -16.62
C ALA A 328 -28.32 -15.84 -16.31
N ASP A 329 -29.46 -16.10 -15.67
CA ASP A 329 -30.35 -15.04 -15.21
C ASP A 329 -29.92 -14.41 -13.88
N SER A 330 -29.19 -15.13 -13.06
CA SER A 330 -28.90 -14.71 -11.69
C SER A 330 -28.20 -13.36 -11.61
N LYS A 331 -28.39 -12.71 -10.47
CA LYS A 331 -27.78 -11.43 -10.13
C LYS A 331 -26.49 -11.56 -9.30
N ASN A 332 -26.13 -12.76 -8.87
CA ASN A 332 -25.03 -13.00 -7.93
C ASN A 332 -23.87 -13.77 -8.54
N GLN A 333 -23.69 -13.70 -9.86
CA GLN A 333 -22.89 -14.68 -10.58
C GLN A 333 -21.47 -14.82 -10.04
N LYS A 334 -20.82 -13.71 -9.70
CA LYS A 334 -19.44 -13.82 -9.20
C LYS A 334 -19.37 -14.37 -7.78
N THR A 335 -20.38 -14.11 -6.94
CA THR A 335 -20.37 -14.65 -5.59
C THR A 335 -20.51 -16.16 -5.60
N ILE A 336 -21.28 -16.69 -6.53
CA ILE A 336 -21.38 -18.14 -6.73
C ILE A 336 -20.04 -18.74 -7.13
N CYS A 337 -19.36 -18.11 -8.09
CA CYS A 337 -18.07 -18.62 -8.55
C CYS A 337 -16.95 -18.48 -7.51
N GLN A 338 -16.94 -17.39 -6.73
CA GLN A 338 -15.93 -17.26 -5.69
C GLN A 338 -16.03 -18.37 -4.64
N GLN A 339 -17.24 -18.69 -4.17
CA GLN A 339 -17.40 -19.79 -3.23
C GLN A 339 -16.96 -21.12 -3.82
N ALA A 340 -17.29 -21.36 -5.09
CA ALA A 340 -16.85 -22.58 -5.78
C ALA A 340 -15.32 -22.68 -5.92
N VAL A 341 -14.65 -21.56 -6.20
CA VAL A 341 -13.18 -21.57 -6.24
C VAL A 341 -12.56 -21.74 -4.85
N ASP A 342 -13.13 -21.12 -3.82
CA ASP A 342 -12.63 -21.35 -2.46
C ASP A 342 -12.66 -22.84 -2.09
N THR A 343 -13.68 -23.56 -2.54
CA THR A 343 -13.77 -24.99 -2.25
C THR A 343 -12.62 -25.78 -2.89
N VAL A 344 -12.25 -25.44 -4.11
CA VAL A 344 -11.11 -26.10 -4.76
C VAL A 344 -9.80 -25.78 -4.05
N LEU A 345 -9.59 -24.52 -3.65
CA LEU A 345 -8.40 -24.19 -2.86
C LEU A 345 -8.40 -24.88 -1.50
N ALA A 346 -9.56 -24.95 -0.85
CA ALA A 346 -9.65 -25.65 0.43
C ALA A 346 -9.30 -27.13 0.32
N LYS A 347 -9.75 -27.79 -0.75
CA LYS A 347 -9.36 -29.17 -1.00
C LYS A 347 -7.83 -29.31 -1.09
N LYS A 348 -7.19 -28.48 -1.90
CA LYS A 348 -5.73 -28.53 -2.06
C LYS A 348 -4.98 -28.34 -0.76
N ARG A 349 -5.42 -27.42 0.11
CA ARG A 349 -4.72 -27.26 1.39
C ARG A 349 -4.91 -28.45 2.32
N VAL A 350 -6.12 -29.01 2.40
CA VAL A 350 -6.31 -30.26 3.15
C VAL A 350 -5.35 -31.34 2.68
N ASP A 351 -5.33 -31.61 1.36
CA ASP A 351 -4.46 -32.64 0.84
C ASP A 351 -2.98 -32.39 1.17
N SER A 352 -2.53 -31.14 1.05
CA SER A 352 -1.11 -30.85 1.21
C SER A 352 -0.59 -31.16 2.61
N LEU A 353 -1.42 -31.04 3.64
CA LEU A 353 -0.98 -31.39 4.98
C LEU A 353 -1.05 -32.89 5.24
N GLN A 354 -2.10 -33.54 4.75
CA GLN A 354 -2.42 -34.88 5.20
C GLN A 354 -1.83 -36.01 4.36
N LEU A 355 -1.63 -35.81 3.07
CA LEU A 355 -1.12 -36.90 2.24
C LEU A 355 0.38 -37.09 2.42
N THR A 356 0.83 -38.32 2.22
CA THR A 356 2.25 -38.57 2.08
C THR A 356 2.75 -38.07 0.74
N ARG A 357 4.01 -37.62 0.71
CA ARG A 357 4.59 -37.10 -0.52
C ARG A 357 4.64 -38.14 -1.62
N GLU A 358 4.83 -39.40 -1.26
CA GLU A 358 4.79 -40.47 -2.25
C GLU A 358 3.41 -40.63 -2.87
N GLN A 359 2.36 -40.42 -2.08
CA GLN A 359 1.00 -40.44 -2.64
C GLN A 359 0.68 -39.19 -3.46
N MET A 360 1.17 -38.03 -3.06
CA MET A 360 1.03 -36.83 -3.88
C MET A 360 1.65 -37.02 -5.27
N LEU A 361 2.83 -37.63 -5.32
CA LEU A 361 3.45 -37.90 -6.62
C LEU A 361 2.62 -38.89 -7.43
N THR A 362 2.10 -39.93 -6.78
CA THR A 362 1.22 -40.87 -7.46
C THR A 362 -0.03 -40.17 -7.98
N ASN A 363 -0.60 -39.25 -7.21
CA ASN A 363 -1.75 -38.49 -7.70
C ASN A 363 -1.38 -37.62 -8.90
N ARG A 364 -0.21 -36.99 -8.88
CA ARG A 364 0.27 -36.22 -10.02
C ARG A 364 0.47 -37.08 -11.26
N PHE A 365 1.03 -38.29 -11.12
CA PHE A 365 1.23 -39.17 -12.27
C PHE A 365 -0.08 -39.65 -12.88
N ASN A 366 -1.08 -39.92 -12.05
CA ASN A 366 -2.38 -40.34 -12.59
C ASN A 366 -3.00 -39.29 -13.49
N ASP A 367 -2.85 -38.01 -13.15
CA ASP A 367 -3.31 -36.94 -14.05
C ASP A 367 -2.52 -36.88 -15.35
N LEU A 368 -1.20 -37.08 -15.29
CA LEU A 368 -0.41 -37.11 -16.52
C LEU A 368 -0.73 -38.30 -17.41
N LEU A 369 -0.97 -39.47 -16.82
CA LEU A 369 -1.39 -40.62 -17.61
C LEU A 369 -2.77 -40.41 -18.23
N ASP A 370 -3.67 -39.71 -17.54
CA ASP A 370 -4.94 -39.33 -18.15
C ASP A 370 -4.78 -38.39 -19.35
N ARG A 371 -3.85 -37.44 -19.31
CA ARG A 371 -3.53 -36.68 -20.52
C ARG A 371 -3.06 -37.56 -21.65
N MET A 372 -2.13 -38.47 -21.35
CA MET A 372 -1.57 -39.34 -22.37
C MET A 372 -2.64 -40.21 -23.03
N ASP A 373 -3.65 -40.65 -22.29
CA ASP A 373 -4.76 -41.37 -22.90
C ASP A 373 -5.45 -40.55 -23.99
N ILE A 374 -5.72 -39.27 -23.71
CA ILE A 374 -6.40 -38.46 -24.72
C ILE A 374 -5.47 -38.08 -25.87
N MET A 375 -4.21 -37.71 -25.59
CA MET A 375 -3.35 -37.23 -26.67
C MET A 375 -3.08 -38.30 -27.73
N PHE A 376 -2.78 -39.52 -27.30
CA PHE A 376 -2.52 -40.62 -28.21
C PHE A 376 -3.75 -41.49 -28.44
N GLY A 377 -4.94 -40.98 -28.12
CA GLY A 377 -6.16 -41.76 -28.23
C GLY A 377 -6.73 -41.79 -29.65
N SER A 378 -7.95 -42.33 -29.72
CA SER A 378 -8.71 -42.31 -30.97
C SER A 378 -9.15 -40.89 -31.34
N THR A 379 -9.54 -40.09 -30.35
CA THR A 379 -9.68 -38.65 -30.56
C THR A 379 -8.34 -37.96 -30.44
N GLY A 380 -7.26 -38.68 -30.75
CA GLY A 380 -5.92 -38.19 -30.51
C GLY A 380 -5.54 -37.02 -31.39
N SER A 381 -4.42 -36.40 -31.02
CA SER A 381 -3.92 -35.22 -31.70
C SER A 381 -2.40 -35.21 -31.82
N ALA A 382 -1.72 -36.30 -31.51
CA ALA A 382 -0.26 -36.35 -31.58
C ALA A 382 0.19 -37.75 -31.99
N ASP A 383 1.45 -37.86 -32.37
CA ASP A 383 2.07 -39.11 -32.78
C ASP A 383 3.06 -39.59 -31.72
N ILE A 384 2.86 -40.82 -31.24
CA ILE A 384 3.72 -41.38 -30.20
C ILE A 384 5.15 -41.57 -30.69
N GLU A 385 5.34 -41.74 -32.00
CA GLU A 385 6.68 -41.85 -32.56
C GLU A 385 7.48 -40.56 -32.44
N GLU A 386 6.83 -39.42 -32.54
CA GLU A 386 7.51 -38.14 -32.35
C GLU A 386 7.88 -37.91 -30.89
N TRP A 387 7.01 -38.27 -29.97
CA TRP A 387 7.31 -38.08 -28.56
C TRP A 387 8.42 -39.02 -28.08
N MET A 388 8.49 -40.24 -28.62
CA MET A 388 9.62 -41.12 -28.34
C MET A 388 10.92 -40.64 -28.99
N ALA A 389 10.84 -39.94 -30.12
CA ALA A 389 12.01 -39.23 -30.60
C ALA A 389 12.48 -38.21 -29.57
N GLY A 390 11.53 -37.55 -28.91
CA GLY A 390 11.87 -36.69 -27.79
C GLY A 390 12.65 -37.38 -26.70
N VAL A 391 12.21 -38.56 -26.28
CA VAL A 391 12.93 -39.33 -25.27
C VAL A 391 14.36 -39.63 -25.70
N ALA A 392 14.55 -40.03 -26.96
CA ALA A 392 15.90 -40.29 -27.45
C ALA A 392 16.82 -39.07 -27.42
N TRP A 393 16.28 -37.88 -27.69
CA TRP A 393 17.06 -36.65 -27.56
C TRP A 393 17.41 -36.31 -26.12
N LEU A 394 16.45 -36.45 -25.21
CA LEU A 394 16.74 -36.25 -23.79
C LEU A 394 17.77 -37.22 -23.25
N HIS A 395 17.71 -38.49 -23.64
CA HIS A 395 18.69 -39.42 -23.10
C HIS A 395 20.12 -39.08 -23.51
N CYS A 396 20.32 -38.35 -24.60
CA CYS A 396 21.67 -37.90 -24.97
C CYS A 396 22.19 -36.72 -24.17
N LEU A 397 21.34 -35.99 -23.45
CA LEU A 397 21.77 -34.72 -22.85
C LEU A 397 22.77 -34.92 -21.71
N LEU A 398 22.49 -35.84 -20.80
CA LEU A 398 23.40 -36.16 -19.69
C LEU A 398 23.77 -37.63 -19.70
N PRO A 399 24.97 -38.00 -19.25
CA PRO A 399 25.24 -39.41 -18.92
C PRO A 399 24.25 -39.96 -17.90
N LYS A 400 23.82 -41.21 -18.11
CA LYS A 400 22.89 -41.90 -17.20
C LYS A 400 21.65 -41.08 -16.86
N MET A 401 20.97 -40.60 -17.90
CA MET A 401 19.81 -39.72 -17.71
C MET A 401 18.73 -40.33 -16.82
N ASP A 402 18.42 -41.62 -16.97
CA ASP A 402 17.36 -42.21 -16.15
C ASP A 402 17.73 -42.29 -14.67
N SER A 403 19.01 -42.45 -14.37
CA SER A 403 19.46 -42.44 -12.98
C SER A 403 19.29 -41.07 -12.34
N VAL A 404 19.60 -40.01 -13.08
CA VAL A 404 19.40 -38.65 -12.56
C VAL A 404 17.91 -38.39 -12.29
N VAL A 405 17.03 -38.77 -13.20
CA VAL A 405 15.61 -38.51 -12.97
C VAL A 405 15.06 -39.37 -11.84
N TYR A 406 15.50 -40.61 -11.71
CA TYR A 406 15.10 -41.41 -10.56
C TYR A 406 15.62 -40.83 -9.25
N ASP A 407 16.89 -40.43 -9.22
CA ASP A 407 17.40 -39.72 -8.04
C ASP A 407 16.56 -38.49 -7.72
N PHE A 408 16.19 -37.71 -8.73
CA PHE A 408 15.42 -36.50 -8.47
C PHE A 408 14.07 -36.81 -7.83
N LEU A 409 13.30 -37.72 -8.42
CA LEU A 409 12.03 -38.08 -7.81
C LEU A 409 12.22 -38.56 -6.38
N LYS A 410 13.16 -39.47 -6.17
CA LYS A 410 13.34 -40.08 -4.86
C LYS A 410 13.77 -39.05 -3.82
N CYS A 411 14.64 -38.11 -4.21
CA CYS A 411 14.99 -37.00 -3.33
C CYS A 411 13.77 -36.14 -2.98
N MET A 412 13.00 -35.72 -3.98
CA MET A 412 11.83 -34.88 -3.68
C MET A 412 10.79 -35.62 -2.83
N VAL A 413 10.70 -36.94 -2.98
CA VAL A 413 9.83 -37.72 -2.10
C VAL A 413 10.37 -37.81 -0.68
N TYR A 414 11.68 -38.04 -0.51
CA TYR A 414 12.21 -38.22 0.84
C TYR A 414 12.45 -36.91 1.59
N ASN A 415 12.78 -35.82 0.91
CA ASN A 415 12.77 -34.49 1.52
C ASN A 415 13.61 -34.40 2.81
N ILE A 416 14.86 -34.79 2.72
CA ILE A 416 15.77 -34.87 3.89
C ILE A 416 16.29 -33.47 4.24
N PRO A 417 16.14 -33.01 5.49
CA PRO A 417 16.57 -31.65 5.85
C PRO A 417 18.00 -31.28 5.47
N LYS A 418 18.17 -30.07 4.94
CA LYS A 418 19.43 -29.52 4.42
C LYS A 418 20.02 -30.29 3.24
N LYS A 419 19.32 -31.26 2.69
CA LYS A 419 19.73 -31.96 1.48
C LYS A 419 18.57 -31.99 0.49
N ARG A 420 17.99 -30.81 0.25
CA ARG A 420 16.72 -30.64 -0.44
C ARG A 420 16.84 -30.00 -1.82
N TYR A 421 17.95 -29.34 -2.14
CA TYR A 421 18.08 -28.56 -3.36
C TYR A 421 19.19 -29.07 -4.27
N TRP A 422 18.93 -29.01 -5.58
CA TRP A 422 19.89 -29.32 -6.64
C TRP A 422 20.24 -28.07 -7.43
N LEU A 423 21.52 -27.93 -7.76
CA LEU A 423 22.06 -26.79 -8.49
C LEU A 423 22.33 -27.18 -9.94
N PHE A 424 21.73 -26.46 -10.89
CA PHE A 424 22.04 -26.62 -12.31
C PHE A 424 22.90 -25.45 -12.77
N LYS A 425 24.13 -25.76 -13.16
CA LYS A 425 25.14 -24.75 -13.45
C LYS A 425 25.65 -24.95 -14.87
N GLY A 426 25.86 -23.85 -15.60
CA GLY A 426 26.58 -23.92 -16.85
C GLY A 426 26.42 -22.69 -17.72
N PRO A 427 27.24 -22.60 -18.78
CA PRO A 427 27.14 -21.45 -19.70
C PRO A 427 25.82 -21.36 -20.45
N ILE A 428 25.70 -20.32 -21.28
CA ILE A 428 24.49 -20.07 -22.04
C ILE A 428 24.13 -21.20 -23.00
N ASP A 429 22.84 -21.39 -23.22
CA ASP A 429 22.30 -22.40 -24.14
C ASP A 429 22.92 -23.76 -23.91
N SER A 430 22.73 -24.27 -22.70
CA SER A 430 23.33 -25.51 -22.25
C SER A 430 22.32 -26.60 -21.92
N GLY A 431 21.03 -26.28 -21.83
CA GLY A 431 20.00 -27.24 -21.57
C GLY A 431 19.54 -27.33 -20.13
N LYS A 432 20.08 -26.51 -19.24
CA LYS A 432 19.66 -26.54 -17.84
C LYS A 432 18.20 -26.14 -17.67
N THR A 433 17.74 -25.11 -18.39
CA THR A 433 16.31 -24.79 -18.36
C THR A 433 15.48 -25.90 -18.99
N THR A 434 15.94 -26.45 -20.11
CA THR A 434 15.21 -27.55 -20.75
C THR A 434 14.91 -28.68 -19.77
N LEU A 435 15.92 -29.13 -19.03
CA LEU A 435 15.68 -30.20 -18.06
C LEU A 435 14.82 -29.73 -16.89
N ALA A 436 15.06 -28.54 -16.37
CA ALA A 436 14.29 -28.07 -15.23
C ALA A 436 12.80 -27.97 -15.57
N ALA A 437 12.47 -27.44 -16.74
CA ALA A 437 11.07 -27.27 -17.12
C ALA A 437 10.35 -28.62 -17.22
N ALA A 438 11.04 -29.64 -17.70
CA ALA A 438 10.44 -30.98 -17.78
C ALA A 438 10.18 -31.58 -16.41
N LEU A 439 11.16 -31.48 -15.51
CA LEU A 439 10.98 -31.94 -14.14
C LEU A 439 9.85 -31.19 -13.43
N LEU A 440 9.73 -29.89 -13.70
CA LEU A 440 8.68 -29.04 -13.15
C LEU A 440 7.28 -29.31 -13.67
N GLU A 441 7.11 -30.08 -14.74
CA GLU A 441 5.78 -30.55 -15.12
C GLU A 441 5.56 -31.98 -14.67
N LEU A 442 6.60 -32.80 -14.65
CA LEU A 442 6.51 -34.14 -14.10
C LEU A 442 6.08 -34.08 -12.64
N CYS A 443 6.86 -33.39 -11.82
CA CYS A 443 6.39 -32.98 -10.50
C CYS A 443 5.60 -31.69 -10.66
N GLY A 444 4.53 -31.55 -9.88
CA GLY A 444 3.86 -30.26 -9.81
C GLY A 444 4.73 -29.22 -9.11
N GLY A 445 4.64 -27.98 -9.55
CA GLY A 445 5.44 -26.95 -8.92
C GLY A 445 5.25 -25.59 -9.54
N LYS A 446 6.07 -24.63 -9.08
CA LYS A 446 6.06 -23.25 -9.54
C LYS A 446 7.47 -22.71 -9.71
N ALA A 447 7.65 -21.85 -10.70
CA ALA A 447 8.88 -21.07 -10.89
C ALA A 447 8.87 -19.77 -10.09
N LEU A 448 10.05 -19.35 -9.62
CA LEU A 448 10.21 -18.10 -8.88
C LEU A 448 11.41 -17.30 -9.40
N ASN A 449 11.25 -15.98 -9.51
CA ASN A 449 12.33 -15.09 -9.94
C ASN A 449 12.80 -14.21 -8.77
N VAL A 450 13.97 -14.52 -8.22
CA VAL A 450 14.52 -13.79 -7.08
C VAL A 450 15.55 -12.74 -7.49
N ASN A 451 15.66 -12.41 -8.76
CA ASN A 451 16.57 -11.34 -9.19
C ASN A 451 16.00 -9.94 -8.96
N LEU A 452 14.72 -9.84 -8.64
CA LEU A 452 14.07 -8.59 -8.22
C LEU A 452 14.59 -8.08 -6.87
N PRO A 453 14.29 -6.82 -6.53
CA PRO A 453 14.83 -6.22 -5.29
C PRO A 453 14.17 -6.75 -4.02
N LEU A 454 14.90 -6.59 -2.92
CA LEU A 454 14.55 -7.19 -1.64
C LEU A 454 13.16 -6.81 -1.13
N ASP A 455 12.70 -5.58 -1.38
CA ASP A 455 11.42 -5.15 -0.79
C ASP A 455 10.20 -5.79 -1.45
N ARG A 456 10.33 -6.36 -2.63
CA ARG A 456 9.25 -7.10 -3.26
C ARG A 456 9.32 -8.60 -2.98
N LEU A 457 10.47 -9.07 -2.49
CA LEU A 457 10.73 -10.49 -2.35
C LEU A 457 9.69 -11.21 -1.49
N ASN A 458 9.14 -10.53 -0.50
CA ASN A 458 8.17 -11.15 0.41
C ASN A 458 6.90 -11.64 -0.29
N PHE A 459 6.28 -10.81 -1.13
CA PHE A 459 5.13 -11.31 -1.91
C PHE A 459 5.52 -12.36 -2.93
N GLU A 460 6.70 -12.24 -3.54
CA GLU A 460 7.12 -13.22 -4.54
C GLU A 460 7.20 -14.62 -3.96
N LEU A 461 7.85 -14.78 -2.81
CA LEU A 461 8.00 -16.10 -2.22
C LEU A 461 6.68 -16.70 -1.75
N GLY A 462 5.63 -15.89 -1.63
CA GLY A 462 4.29 -16.37 -1.31
C GLY A 462 3.67 -17.30 -2.32
N VAL A 463 4.26 -17.45 -3.50
CA VAL A 463 3.76 -18.41 -4.48
C VAL A 463 4.08 -19.86 -4.12
N ALA A 464 5.04 -20.10 -3.24
CA ALA A 464 5.38 -21.46 -2.83
C ALA A 464 4.34 -22.13 -1.92
N ILE A 465 3.27 -21.44 -1.55
CA ILE A 465 2.28 -21.98 -0.61
C ILE A 465 1.66 -23.26 -1.17
N ASP A 466 1.79 -24.35 -0.40
CA ASP A 466 1.33 -25.70 -0.72
C ASP A 466 1.87 -26.30 -2.02
N GLN A 467 2.99 -25.84 -2.56
CA GLN A 467 3.57 -26.42 -3.77
C GLN A 467 4.58 -27.52 -3.44
N PHE A 468 4.62 -28.54 -4.29
CA PHE A 468 5.49 -29.69 -4.07
C PHE A 468 6.95 -29.40 -4.38
N LEU A 469 7.20 -28.56 -5.37
CA LEU A 469 8.54 -28.32 -5.92
C LEU A 469 8.61 -26.86 -6.35
N VAL A 470 9.79 -26.24 -6.24
CA VAL A 470 10.02 -24.93 -6.86
C VAL A 470 11.30 -24.91 -7.68
N VAL A 471 11.31 -24.06 -8.70
CA VAL A 471 12.50 -23.80 -9.51
C VAL A 471 12.81 -22.30 -9.47
N PHE A 472 14.04 -21.96 -9.09
CA PHE A 472 14.57 -20.60 -9.15
C PHE A 472 15.38 -20.47 -10.44
N GLU A 473 14.89 -19.67 -11.38
CA GLU A 473 15.46 -19.66 -12.73
C GLU A 473 16.49 -18.56 -12.92
N ASP A 474 17.66 -18.97 -13.39
CA ASP A 474 18.79 -18.12 -13.78
C ASP A 474 19.10 -17.02 -12.75
N VAL A 475 19.55 -17.47 -11.59
CA VAL A 475 19.94 -16.57 -10.51
C VAL A 475 21.23 -15.84 -10.88
N LYS A 476 21.15 -14.52 -11.03
CA LYS A 476 22.31 -13.72 -11.39
C LYS A 476 23.23 -13.53 -10.19
N GLY A 477 24.54 -13.69 -10.40
CA GLY A 477 25.52 -13.50 -9.35
C GLY A 477 26.28 -12.19 -9.42
N THR A 478 27.35 -12.12 -8.64
CA THR A 478 28.34 -11.05 -8.69
C THR A 478 29.72 -11.65 -8.91
N GLY A 479 30.63 -10.85 -9.46
CA GLY A 479 31.91 -11.35 -9.91
C GLY A 479 31.87 -12.07 -11.24
N GLY A 480 30.91 -11.73 -12.09
CA GLY A 480 30.79 -12.29 -13.42
C GLY A 480 31.61 -11.59 -14.48
N GLU A 481 32.15 -10.42 -14.16
CA GLU A 481 32.75 -9.53 -15.15
C GLU A 481 33.95 -10.16 -15.86
N SER A 482 34.71 -11.01 -15.19
CA SER A 482 35.84 -11.70 -15.83
C SER A 482 35.39 -12.73 -16.85
N ARG A 483 34.10 -13.05 -16.90
CA ARG A 483 33.55 -14.05 -17.80
C ARG A 483 32.53 -13.43 -18.74
N ASP A 484 32.44 -12.10 -18.77
CA ASP A 484 31.44 -11.35 -19.53
C ASP A 484 30.00 -11.63 -19.10
N LEU A 485 29.77 -11.95 -17.83
CA LEU A 485 28.42 -12.17 -17.33
C LEU A 485 27.93 -10.98 -16.52
N PRO A 486 26.74 -10.43 -16.78
CA PRO A 486 26.28 -9.25 -16.06
C PRO A 486 25.85 -9.56 -14.63
N SER A 487 26.34 -8.76 -13.68
CA SER A 487 26.14 -8.99 -12.26
C SER A 487 24.78 -8.49 -11.75
N GLY A 488 24.36 -9.05 -10.62
CA GLY A 488 23.10 -8.70 -9.98
C GLY A 488 23.03 -9.33 -8.60
N GLN A 489 21.97 -8.96 -7.86
CA GLN A 489 21.79 -9.32 -6.46
C GLN A 489 21.15 -10.69 -6.23
N GLY A 490 20.90 -11.48 -7.28
CA GLY A 490 20.23 -12.75 -7.08
C GLY A 490 20.92 -13.67 -6.08
N ILE A 491 22.22 -13.89 -6.24
CA ILE A 491 22.97 -14.73 -5.30
C ILE A 491 22.93 -14.16 -3.88
N ASN A 492 22.95 -12.84 -3.74
CA ASN A 492 22.90 -12.24 -2.41
C ASN A 492 21.52 -12.29 -1.77
N ASN A 493 20.45 -12.19 -2.55
CA ASN A 493 19.10 -12.49 -2.03
C ASN A 493 18.99 -13.92 -1.54
N LEU A 494 19.51 -14.89 -2.29
CA LEU A 494 19.43 -16.28 -1.82
C LEU A 494 20.14 -16.49 -0.49
N ASP A 495 21.31 -15.89 -0.31
CA ASP A 495 22.02 -16.10 0.94
C ASP A 495 21.38 -15.38 2.13
N ASN A 496 20.36 -14.56 1.92
CA ASN A 496 19.50 -14.10 3.01
C ASN A 496 18.37 -15.08 3.33
N LEU A 497 18.08 -16.03 2.45
CA LEU A 497 16.96 -16.96 2.59
C LEU A 497 17.39 -18.35 3.07
N ARG A 498 18.54 -18.46 3.75
CA ARG A 498 19.09 -19.79 4.06
C ARG A 498 18.09 -20.74 4.71
N ASP A 499 17.31 -20.25 5.68
CA ASP A 499 16.37 -21.15 6.36
C ASP A 499 15.20 -21.59 5.49
N TYR A 500 14.87 -20.83 4.44
CA TYR A 500 13.92 -21.34 3.47
C TYR A 500 14.51 -22.52 2.70
N LEU A 501 15.80 -22.47 2.40
CA LEU A 501 16.45 -23.58 1.72
C LEU A 501 16.66 -24.77 2.65
N ASP A 502 17.09 -24.52 3.88
CA ASP A 502 17.37 -25.61 4.81
C ASP A 502 16.15 -26.48 5.09
N GLY A 503 15.00 -25.87 5.33
CA GLY A 503 13.80 -26.64 5.59
C GLY A 503 13.76 -27.31 6.95
N SER A 504 14.60 -26.90 7.90
CA SER A 504 14.48 -27.39 9.26
C SER A 504 13.28 -26.77 9.98
N VAL A 505 12.93 -25.53 9.68
CA VAL A 505 11.95 -24.79 10.44
C VAL A 505 10.86 -24.25 9.52
N LYS A 506 9.67 -24.07 10.09
CA LYS A 506 8.56 -23.47 9.37
C LYS A 506 8.80 -21.98 9.16
N VAL A 507 8.54 -21.51 7.94
CA VAL A 507 8.70 -20.11 7.59
C VAL A 507 7.34 -19.53 7.18
N ASN A 508 7.19 -18.23 7.44
CA ASN A 508 5.93 -17.50 7.35
C ASN A 508 5.77 -16.90 5.96
N LEU A 509 5.06 -17.60 5.08
CA LEU A 509 4.90 -17.16 3.70
C LEU A 509 3.77 -16.14 3.54
N GLU A 510 4.06 -15.04 2.85
CA GLU A 510 3.09 -14.01 2.53
C GLU A 510 2.02 -14.49 1.57
N LYS A 511 0.90 -13.77 1.56
CA LYS A 511 0.06 -13.67 0.38
C LYS A 511 -0.69 -12.34 0.47
N LYS A 512 -1.04 -11.80 -0.69
CA LYS A 512 -1.89 -10.61 -0.73
C LYS A 512 -3.33 -10.98 -0.36
N HIS A 513 -3.97 -10.09 0.39
CA HIS A 513 -5.29 -10.37 0.99
C HIS A 513 -5.27 -11.59 1.91
N LEU A 514 -4.18 -11.74 2.67
CA LEU A 514 -4.04 -12.77 3.68
C LEU A 514 -3.03 -12.28 4.72
N ASN A 515 -3.09 -12.88 5.91
CA ASN A 515 -1.95 -12.83 6.81
C ASN A 515 -0.82 -13.76 6.31
N LYS A 516 0.35 -13.61 6.95
CA LYS A 516 1.42 -14.60 6.83
C LYS A 516 0.90 -16.00 7.15
N ARG A 517 1.36 -17.00 6.40
CA ARG A 517 0.91 -18.39 6.56
C ARG A 517 2.13 -19.33 6.63
N THR A 518 2.16 -20.24 7.61
CA THR A 518 3.40 -20.86 8.08
C THR A 518 3.56 -22.31 7.63
N GLN A 519 4.70 -22.63 6.99
CA GLN A 519 4.95 -23.98 6.49
C GLN A 519 6.45 -24.18 6.22
N ILE A 520 6.82 -25.44 5.94
CA ILE A 520 8.14 -25.74 5.37
C ILE A 520 8.14 -25.38 3.89
N PHE A 521 9.08 -24.52 3.49
CA PHE A 521 9.20 -24.13 2.08
C PHE A 521 9.78 -25.28 1.23
N PRO A 522 9.19 -25.59 0.07
CA PRO A 522 9.46 -26.87 -0.63
C PRO A 522 10.87 -27.05 -1.18
N PRO A 523 11.25 -28.29 -1.52
CA PRO A 523 12.47 -28.59 -2.30
C PRO A 523 12.48 -27.93 -3.68
N GLY A 524 13.64 -27.94 -4.34
CA GLY A 524 13.71 -27.21 -5.60
C GLY A 524 15.02 -27.34 -6.37
N ILE A 525 15.02 -26.71 -7.54
CA ILE A 525 16.15 -26.59 -8.45
C ILE A 525 16.54 -25.11 -8.58
N VAL A 526 17.83 -24.80 -8.39
CA VAL A 526 18.37 -23.49 -8.71
C VAL A 526 19.19 -23.58 -10.00
N THR A 527 18.89 -22.72 -10.98
CA THR A 527 19.68 -22.64 -12.20
C THR A 527 20.49 -21.34 -12.23
N MET A 528 21.75 -21.43 -12.64
CA MET A 528 22.60 -20.25 -12.74
C MET A 528 23.69 -20.47 -13.79
N ASN A 529 24.23 -19.35 -14.27
CA ASN A 529 25.47 -19.34 -15.03
C ASN A 529 26.67 -19.48 -14.09
N GLU A 530 27.86 -19.57 -14.66
CA GLU A 530 29.07 -19.92 -13.91
C GLU A 530 29.64 -18.81 -13.04
N TYR A 531 28.82 -18.23 -12.17
CA TYR A 531 29.28 -17.29 -11.15
C TYR A 531 29.98 -18.03 -10.00
N SER A 532 30.63 -17.25 -9.14
CA SER A 532 31.04 -17.75 -7.82
C SER A 532 29.82 -17.98 -6.92
N VAL A 533 29.96 -18.92 -5.98
CA VAL A 533 28.92 -19.19 -4.99
C VAL A 533 29.49 -19.20 -3.58
N PRO A 534 28.86 -18.52 -2.60
CA PRO A 534 29.34 -18.58 -1.21
C PRO A 534 29.40 -19.99 -0.64
N LYS A 535 30.35 -20.20 0.28
CA LYS A 535 30.42 -21.46 1.03
C LYS A 535 29.17 -21.71 1.88
N THR A 536 28.58 -20.65 2.44
CA THR A 536 27.33 -20.81 3.19
C THR A 536 26.21 -21.33 2.31
N LEU A 537 26.15 -20.90 1.06
CA LEU A 537 25.12 -21.39 0.15
C LEU A 537 25.49 -22.76 -0.43
N GLN A 538 26.77 -22.99 -0.69
CA GLN A 538 27.22 -24.30 -1.17
C GLN A 538 26.85 -25.44 -0.21
N ALA A 539 26.85 -25.19 1.10
CA ALA A 539 26.44 -26.20 2.07
C ALA A 539 24.99 -26.65 1.95
N ARG A 540 24.12 -25.92 1.24
CA ARG A 540 22.73 -26.36 1.06
C ARG A 540 22.51 -27.30 -0.12
N PHE A 541 23.25 -27.16 -1.20
CA PHE A 541 22.98 -27.94 -2.41
C PHE A 541 23.55 -29.34 -2.28
N VAL A 542 22.70 -30.36 -2.32
CA VAL A 542 23.21 -31.72 -2.22
C VAL A 542 23.87 -32.20 -3.53
N LYS A 543 23.41 -31.74 -4.69
CA LYS A 543 23.96 -32.21 -5.96
C LYS A 543 24.09 -31.07 -6.97
N GLN A 544 25.18 -31.10 -7.74
CA GLN A 544 25.50 -30.09 -8.75
C GLN A 544 25.62 -30.74 -10.13
N ILE A 545 24.87 -30.22 -11.11
CA ILE A 545 24.90 -30.74 -12.47
C ILE A 545 25.56 -29.72 -13.41
N ASP A 546 26.67 -30.14 -14.01
CA ASP A 546 27.45 -29.34 -14.96
C ASP A 546 26.90 -29.52 -16.37
N PHE A 547 26.02 -28.62 -16.79
CA PHE A 547 25.46 -28.69 -18.14
C PHE A 547 26.47 -28.22 -19.18
N ARG A 548 26.61 -28.97 -20.26
CA ARG A 548 27.55 -28.66 -21.33
C ARG A 548 26.86 -28.39 -22.66
N PRO A 549 27.13 -27.27 -23.31
CA PRO A 549 26.79 -27.15 -24.74
C PRO A 549 27.45 -28.25 -25.58
N LYS A 550 26.66 -28.91 -26.41
CA LYS A 550 27.14 -29.92 -27.35
C LYS A 550 26.73 -29.56 -28.77
N ASP A 551 27.72 -29.45 -29.67
CA ASP A 551 27.42 -28.99 -31.02
C ASP A 551 26.52 -29.95 -31.79
N TYR A 552 26.69 -31.26 -31.61
CA TYR A 552 25.86 -32.22 -32.32
C TYR A 552 24.39 -32.16 -31.92
N LEU A 553 24.07 -31.81 -30.68
CA LEU A 553 22.67 -31.70 -30.29
C LEU A 553 21.97 -30.53 -30.99
N LYS A 554 22.67 -29.43 -31.20
CA LYS A 554 22.09 -28.33 -31.98
C LYS A 554 21.79 -28.75 -33.41
N HIS A 555 22.73 -29.41 -34.08
CA HIS A 555 22.51 -29.80 -35.47
C HIS A 555 21.36 -30.79 -35.64
N CYS A 556 21.05 -31.59 -34.63
CA CYS A 556 19.83 -32.38 -34.67
C CYS A 556 18.57 -31.51 -34.74
N LEU A 557 18.40 -30.61 -33.76
CA LEU A 557 17.20 -29.78 -33.73
C LEU A 557 17.05 -28.91 -34.96
N GLU A 558 18.17 -28.48 -35.55
CA GLU A 558 18.09 -27.71 -36.79
C GLU A 558 17.37 -28.45 -37.91
N ARG A 559 17.31 -29.77 -37.85
CA ARG A 559 16.68 -30.58 -38.88
C ARG A 559 15.39 -31.24 -38.41
N SER A 560 15.03 -31.08 -37.14
CA SER A 560 14.00 -31.84 -36.45
C SER A 560 13.11 -30.92 -35.63
N GLU A 561 12.74 -29.78 -36.20
CA GLU A 561 12.05 -28.70 -35.49
C GLU A 561 10.66 -29.06 -34.98
N PHE A 562 10.08 -30.20 -35.37
CA PHE A 562 8.83 -30.62 -34.76
C PHE A 562 8.94 -30.79 -33.25
N LEU A 563 10.13 -31.10 -32.75
CA LEU A 563 10.36 -31.18 -31.31
C LEU A 563 10.01 -29.87 -30.61
N LEU A 564 10.52 -28.75 -31.10
CA LEU A 564 10.28 -27.48 -30.40
C LEU A 564 8.91 -26.88 -30.71
N GLU A 565 8.39 -27.03 -31.92
CA GLU A 565 7.08 -26.44 -32.21
C GLU A 565 5.98 -27.10 -31.38
N LYS A 566 6.12 -28.38 -31.08
CA LYS A 566 5.19 -29.07 -30.21
C LYS A 566 5.62 -29.05 -28.74
N ARG A 567 6.75 -28.40 -28.44
CA ARG A 567 7.33 -28.30 -27.09
C ARG A 567 7.67 -29.66 -26.45
N ILE A 568 8.07 -30.63 -27.27
CA ILE A 568 8.23 -32.00 -26.80
C ILE A 568 9.38 -32.13 -25.77
N ILE A 569 10.57 -31.65 -26.09
CA ILE A 569 11.73 -31.94 -25.23
C ILE A 569 11.70 -31.24 -23.88
N GLN A 570 10.65 -30.47 -23.60
CA GLN A 570 10.53 -29.79 -22.33
C GLN A 570 9.27 -30.13 -21.55
N SER A 571 8.45 -31.05 -22.04
CA SER A 571 7.22 -31.45 -21.36
C SER A 571 7.47 -32.61 -20.40
N GLY A 572 6.70 -32.62 -19.31
CA GLY A 572 6.75 -33.71 -18.36
C GLY A 572 6.27 -35.04 -18.89
N ILE A 573 5.43 -35.01 -19.93
CA ILE A 573 5.00 -36.25 -20.58
C ILE A 573 6.18 -36.98 -21.22
N ALA A 574 7.16 -36.25 -21.73
CA ALA A 574 8.36 -36.88 -22.28
C ALA A 574 9.18 -37.62 -21.23
N LEU A 575 9.39 -37.04 -20.04
CA LEU A 575 10.11 -37.76 -18.99
C LEU A 575 9.33 -38.96 -18.47
N LEU A 576 8.01 -38.88 -18.38
CA LEU A 576 7.22 -40.04 -18.00
C LEU A 576 7.35 -41.18 -19.01
N LEU A 577 7.30 -40.88 -20.31
CA LEU A 577 7.61 -41.89 -21.32
C LEU A 577 9.02 -42.47 -21.17
N MET A 578 10.00 -41.64 -20.80
CA MET A 578 11.34 -42.17 -20.53
C MET A 578 11.38 -43.10 -19.32
N LEU A 579 10.70 -42.74 -18.23
CA LEU A 579 10.64 -43.63 -17.08
C LEU A 579 9.93 -44.94 -17.40
N ILE A 580 8.86 -44.88 -18.20
CA ILE A 580 8.19 -46.09 -18.65
C ILE A 580 9.12 -46.99 -19.46
N TRP A 581 10.02 -46.42 -20.25
CA TRP A 581 10.99 -47.22 -21.01
C TRP A 581 12.13 -47.79 -20.16
N TYR A 582 12.77 -46.97 -19.31
CA TYR A 582 14.03 -47.38 -18.69
C TYR A 582 13.91 -48.03 -17.30
N ARG A 583 12.96 -47.61 -16.44
CA ARG A 583 12.95 -48.13 -15.07
C ARG A 583 12.11 -49.40 -14.93
N PRO A 584 12.49 -50.31 -14.04
CA PRO A 584 11.61 -51.45 -13.70
C PRO A 584 10.26 -51.01 -13.16
N VAL A 585 9.26 -51.88 -13.33
CA VAL A 585 7.92 -51.61 -12.81
C VAL A 585 7.92 -51.49 -11.30
N ALA A 586 8.84 -52.17 -10.63
CA ALA A 586 8.86 -52.17 -9.16
C ALA A 586 9.11 -50.81 -8.54
N GLU A 587 9.65 -49.84 -9.28
CA GLU A 587 9.92 -48.53 -8.72
C GLU A 587 8.76 -47.54 -8.84
N PHE A 588 7.69 -47.90 -9.53
CA PHE A 588 6.44 -47.16 -9.41
C PHE A 588 5.66 -47.65 -8.21
N ALA A 589 4.90 -46.75 -7.59
CA ALA A 589 4.04 -47.14 -6.47
C ALA A 589 2.98 -48.16 -6.90
N GLN A 590 2.61 -49.02 -5.95
CA GLN A 590 1.83 -50.22 -6.28
C GLN A 590 0.49 -49.94 -6.95
N SER A 591 -0.15 -48.81 -6.65
CA SER A 591 -1.44 -48.53 -7.28
C SER A 591 -1.32 -48.21 -8.75
N ILE A 592 -0.27 -47.50 -9.15
CA ILE A 592 -0.11 -47.09 -10.55
C ILE A 592 0.62 -48.14 -11.39
N GLN A 593 1.23 -49.14 -10.76
CA GLN A 593 1.84 -50.25 -11.51
C GLN A 593 0.91 -50.87 -12.53
N SER A 594 -0.39 -50.97 -12.23
CA SER A 594 -1.35 -51.48 -13.22
C SER A 594 -1.36 -50.66 -14.51
N ARG A 595 -1.44 -49.33 -14.40
CA ARG A 595 -1.44 -48.49 -15.61
C ARG A 595 -0.08 -48.45 -16.28
N ILE A 596 1.00 -48.44 -15.50
CA ILE A 596 2.35 -48.45 -16.05
C ILE A 596 2.61 -49.70 -16.89
N VAL A 597 2.17 -50.86 -16.41
CA VAL A 597 2.32 -52.09 -17.20
C VAL A 597 1.65 -52.00 -18.55
N GLU A 598 0.44 -51.47 -18.61
CA GLU A 598 -0.22 -51.30 -19.91
C GLU A 598 0.57 -50.38 -20.85
N TRP A 599 1.13 -49.30 -20.33
CA TRP A 599 1.95 -48.42 -21.17
C TRP A 599 3.25 -49.06 -21.64
N LYS A 600 3.89 -49.90 -20.82
CA LYS A 600 5.06 -50.63 -21.33
C LYS A 600 4.68 -51.54 -22.50
N GLU A 601 3.54 -52.21 -22.42
CA GLU A 601 3.09 -53.03 -23.54
C GLU A 601 2.81 -52.21 -24.79
N ARG A 602 2.27 -51.00 -24.63
CA ARG A 602 2.07 -50.13 -25.79
C ARG A 602 3.38 -49.66 -26.42
N LEU A 603 4.39 -49.30 -25.61
CA LEU A 603 5.68 -48.94 -26.20
C LEU A 603 6.39 -50.14 -26.82
N ASP A 604 6.24 -51.33 -26.23
CA ASP A 604 6.77 -52.53 -26.88
C ASP A 604 6.04 -52.87 -28.17
N LYS A 605 4.74 -52.58 -28.24
CA LYS A 605 3.98 -52.83 -29.46
C LYS A 605 4.37 -51.87 -30.58
N GLU A 606 4.42 -50.58 -30.31
CA GLU A 606 4.55 -49.60 -31.38
C GLU A 606 6.00 -49.30 -31.78
N PHE A 607 7.00 -49.85 -31.09
CA PHE A 607 8.39 -49.63 -31.48
C PHE A 607 9.19 -50.92 -31.60
N SER A 608 10.49 -50.80 -31.82
CA SER A 608 11.44 -51.86 -31.53
C SER A 608 12.70 -51.26 -30.93
N LEU A 609 13.49 -52.11 -30.28
CA LEU A 609 14.80 -51.69 -29.78
C LEU A 609 15.74 -51.29 -30.91
N SER A 610 15.58 -51.88 -32.09
CA SER A 610 16.40 -51.48 -33.22
C SER A 610 16.05 -50.10 -33.75
N VAL A 611 14.76 -49.73 -33.76
CA VAL A 611 14.41 -48.36 -34.11
C VAL A 611 14.92 -47.38 -33.06
N TYR A 612 14.78 -47.72 -31.79
CA TYR A 612 15.21 -46.81 -30.74
C TYR A 612 16.72 -46.64 -30.71
N GLN A 613 17.47 -47.72 -30.89
CA GLN A 613 18.91 -47.62 -31.06
C GLN A 613 19.30 -46.79 -32.29
N LYS A 614 18.57 -46.96 -33.38
CA LYS A 614 18.75 -46.11 -34.56
C LYS A 614 18.46 -44.63 -34.28
N MET A 615 17.40 -44.33 -33.54
CA MET A 615 17.11 -42.93 -33.20
C MET A 615 18.23 -42.27 -32.39
N LYS A 616 18.78 -42.97 -31.41
CA LYS A 616 19.90 -42.41 -30.67
C LYS A 616 21.11 -42.17 -31.57
N PHE A 617 21.36 -43.09 -32.51
CA PHE A 617 22.43 -42.87 -33.45
C PHE A 617 22.19 -41.65 -34.34
N ASN A 618 20.95 -41.48 -34.83
CA ASN A 618 20.62 -40.29 -35.61
C ASN A 618 20.89 -39.00 -34.85
N VAL A 619 20.50 -38.92 -33.58
CA VAL A 619 20.79 -37.73 -32.78
C VAL A 619 22.29 -37.50 -32.65
N ALA A 620 23.03 -38.54 -32.32
CA ALA A 620 24.47 -38.37 -32.12
C ALA A 620 25.19 -37.95 -33.40
N MET A 621 24.70 -38.39 -34.55
CA MET A 621 25.25 -37.98 -35.84
C MET A 621 24.89 -36.55 -36.22
N GLY A 622 23.98 -35.91 -35.50
CA GLY A 622 23.54 -34.59 -35.87
C GLY A 622 22.68 -34.54 -37.13
N ILE A 623 21.97 -35.62 -37.42
CA ILE A 623 21.00 -35.65 -38.51
C ILE A 623 19.58 -35.70 -37.94
N GLY A 624 18.58 -35.77 -38.81
CA GLY A 624 17.20 -35.76 -38.32
C GLY A 624 16.83 -37.05 -37.61
N VAL A 625 16.13 -36.92 -36.49
CA VAL A 625 15.85 -38.10 -35.66
C VAL A 625 15.02 -39.12 -36.43
N LEU A 626 14.06 -38.67 -37.22
CA LEU A 626 13.21 -39.58 -37.99
C LEU A 626 13.89 -40.13 -39.24
N ASP A 627 15.15 -39.80 -39.49
CA ASP A 627 15.79 -40.22 -40.73
C ASP A 627 15.92 -41.74 -40.82
N LYS B 266 -42.14 -3.51 -13.54
CA LYS B 266 -41.11 -4.32 -14.17
C LYS B 266 -39.74 -4.03 -13.58
N GLN B 267 -38.75 -4.84 -13.94
CA GLN B 267 -37.41 -4.66 -13.43
C GLN B 267 -36.36 -4.79 -14.54
N VAL B 268 -35.17 -4.33 -14.22
CA VAL B 268 -34.05 -4.40 -15.16
C VAL B 268 -33.78 -5.86 -15.48
N SER B 269 -33.55 -6.13 -16.76
CA SER B 269 -32.97 -7.41 -17.17
C SER B 269 -31.45 -7.24 -17.27
N TRP B 270 -30.74 -7.93 -16.37
CA TRP B 270 -29.28 -7.93 -16.39
C TRP B 270 -28.74 -8.68 -17.59
N LYS B 271 -29.52 -9.63 -18.11
CA LYS B 271 -29.17 -10.37 -19.32
C LYS B 271 -29.02 -9.49 -20.55
N LEU B 272 -29.95 -8.55 -20.76
CA LEU B 272 -29.85 -7.63 -21.89
C LEU B 272 -28.64 -6.71 -21.82
N VAL B 273 -28.24 -6.27 -20.63
CA VAL B 273 -26.98 -5.51 -20.52
C VAL B 273 -25.79 -6.39 -20.88
N THR B 274 -25.81 -7.65 -20.45
CA THR B 274 -24.69 -8.55 -20.70
C THR B 274 -24.56 -8.88 -22.18
N GLU B 275 -25.68 -8.94 -22.90
CA GLU B 275 -25.65 -9.04 -24.36
C GLU B 275 -24.99 -7.83 -25.02
N TYR B 276 -25.39 -6.62 -24.63
CA TYR B 276 -24.78 -5.43 -25.21
C TYR B 276 -23.28 -5.36 -24.93
N ALA B 277 -22.87 -5.72 -23.72
CA ALA B 277 -21.43 -5.69 -23.43
C ALA B 277 -20.65 -6.66 -24.30
N MET B 278 -21.17 -7.86 -24.51
CA MET B 278 -20.51 -8.82 -25.38
C MET B 278 -20.61 -8.44 -26.86
N GLU B 279 -21.75 -7.88 -27.27
CA GLU B 279 -21.86 -7.37 -28.64
C GLU B 279 -20.84 -6.28 -28.94
N THR B 280 -20.65 -5.32 -28.02
CA THR B 280 -19.66 -4.26 -28.23
C THR B 280 -18.26 -4.60 -27.72
N LYS B 281 -18.05 -5.79 -27.18
CA LYS B 281 -16.74 -6.23 -26.65
C LYS B 281 -16.12 -5.18 -25.74
N CYS B 282 -16.93 -4.66 -24.82
CA CYS B 282 -16.60 -3.50 -24.00
C CYS B 282 -16.16 -3.97 -22.61
N ASP B 283 -14.98 -3.53 -22.18
CA ASP B 283 -14.44 -3.97 -20.90
C ASP B 283 -14.01 -2.80 -20.01
N ASP B 284 -14.61 -1.63 -20.18
CA ASP B 284 -14.48 -0.54 -19.22
C ASP B 284 -15.84 -0.18 -18.64
N VAL B 285 -15.94 -0.21 -17.31
CA VAL B 285 -17.22 -0.11 -16.61
C VAL B 285 -17.90 1.24 -16.85
N LEU B 286 -17.14 2.33 -16.76
CA LEU B 286 -17.70 3.66 -17.00
C LEU B 286 -18.13 3.85 -18.44
N LEU B 287 -17.33 3.34 -19.39
CA LEU B 287 -17.72 3.44 -20.80
C LEU B 287 -19.03 2.72 -21.07
N LEU B 288 -19.18 1.50 -20.57
CA LEU B 288 -20.45 0.79 -20.71
C LEU B 288 -21.60 1.54 -20.07
N LEU B 289 -21.43 2.00 -18.82
CA LEU B 289 -22.48 2.74 -18.12
C LEU B 289 -22.93 3.94 -18.92
N GLY B 290 -21.99 4.75 -19.39
CA GLY B 290 -22.34 5.95 -20.13
C GLY B 290 -23.10 5.67 -21.41
N MET B 291 -22.62 4.71 -22.20
CA MET B 291 -23.28 4.40 -23.46
C MET B 291 -24.67 3.81 -23.26
N TYR B 292 -24.85 2.95 -22.27
CA TYR B 292 -26.18 2.40 -22.03
C TYR B 292 -27.18 3.46 -21.56
N LEU B 293 -26.73 4.47 -20.81
CA LEU B 293 -27.60 5.57 -20.44
C LEU B 293 -28.05 6.42 -21.64
N GLU B 294 -27.28 6.45 -22.73
CA GLU B 294 -27.75 7.16 -23.92
C GLU B 294 -28.96 6.51 -24.58
N PHE B 295 -29.29 5.26 -24.25
CA PHE B 295 -30.46 4.61 -24.79
C PHE B 295 -31.76 4.97 -24.08
N GLN B 296 -31.70 5.67 -22.96
CA GLN B 296 -32.91 5.93 -22.19
C GLN B 296 -33.90 6.85 -22.92
N TYR B 297 -33.42 7.72 -23.79
CA TYR B 297 -34.29 8.67 -24.46
C TYR B 297 -35.04 8.03 -25.62
N SER B 298 -36.23 8.56 -25.90
CA SER B 298 -37.12 7.98 -26.89
C SER B 298 -36.46 7.83 -28.26
N PHE B 299 -36.59 6.63 -28.81
CA PHE B 299 -35.99 6.24 -30.08
C PHE B 299 -36.55 7.02 -31.27
N GLU B 300 -37.81 7.43 -31.19
CA GLU B 300 -38.50 8.02 -32.33
C GLU B 300 -37.82 9.25 -32.91
N MET B 301 -36.96 9.91 -32.14
CA MET B 301 -36.42 11.21 -32.51
C MET B 301 -34.89 11.29 -32.44
N CYS B 302 -34.21 10.19 -32.20
CA CYS B 302 -32.84 10.22 -31.72
C CYS B 302 -31.89 10.83 -32.76
N LEU B 303 -31.25 11.93 -32.38
CA LEU B 303 -30.33 12.64 -33.28
C LEU B 303 -29.13 11.79 -33.68
N LYS B 304 -28.53 11.06 -32.75
CA LYS B 304 -27.37 10.24 -33.10
C LYS B 304 -27.73 9.15 -34.09
N CYS B 305 -28.92 8.58 -33.97
CA CYS B 305 -29.38 7.59 -34.94
C CYS B 305 -29.60 8.22 -36.32
N ILE B 306 -30.26 9.36 -36.36
CA ILE B 306 -30.47 10.08 -37.62
C ILE B 306 -29.14 10.47 -38.26
N LYS B 307 -28.16 10.90 -37.46
CA LYS B 307 -26.85 11.25 -37.99
C LYS B 307 -25.93 10.05 -38.24
N LYS B 308 -26.28 8.85 -37.79
CA LYS B 308 -25.47 7.64 -37.97
C LYS B 308 -24.05 7.78 -37.42
N GLU B 309 -23.90 8.49 -36.30
CA GLU B 309 -22.58 8.94 -35.89
C GLU B 309 -21.69 7.78 -35.42
N GLN B 310 -22.23 6.86 -34.61
CA GLN B 310 -21.43 5.73 -34.09
C GLN B 310 -22.17 4.40 -34.14
N PRO B 311 -21.60 3.37 -34.77
CA PRO B 311 -22.27 2.07 -34.88
C PRO B 311 -22.79 1.48 -33.58
N SER B 312 -22.00 1.55 -32.52
CA SER B 312 -22.36 1.02 -31.22
C SER B 312 -23.56 1.73 -30.59
N HIS B 313 -24.08 2.79 -31.22
CA HIS B 313 -25.35 3.38 -30.81
C HIS B 313 -26.49 3.00 -31.76
N TYR B 314 -26.41 3.41 -33.02
CA TYR B 314 -27.59 3.29 -33.88
C TYR B 314 -27.96 1.84 -34.18
N LYS B 315 -27.02 0.89 -34.12
CA LYS B 315 -27.37 -0.51 -34.27
C LYS B 315 -28.24 -1.04 -33.14
N TYR B 316 -28.06 -0.53 -31.93
CA TYR B 316 -28.52 -1.21 -30.73
C TYR B 316 -29.65 -0.52 -29.98
N HIS B 317 -29.85 0.78 -30.18
CA HIS B 317 -30.82 1.55 -29.40
C HIS B 317 -32.22 0.90 -29.35
N GLU B 318 -32.77 0.50 -30.49
CA GLU B 318 -34.15 0.01 -30.49
C GLU B 318 -34.32 -1.27 -29.68
N LYS B 319 -33.37 -2.19 -29.77
CA LYS B 319 -33.48 -3.44 -29.01
C LYS B 319 -33.44 -3.19 -27.50
N HIS B 320 -32.63 -2.23 -27.06
CA HIS B 320 -32.33 -2.04 -25.65
C HIS B 320 -33.18 -0.95 -24.95
N TYR B 321 -33.95 -0.17 -25.71
CA TYR B 321 -34.64 1.01 -25.16
C TYR B 321 -35.51 0.73 -23.94
N ALA B 322 -36.41 -0.25 -24.02
CA ALA B 322 -37.30 -0.52 -22.88
C ALA B 322 -36.53 -0.88 -21.62
N ASN B 323 -35.41 -1.58 -21.77
CA ASN B 323 -34.59 -1.94 -20.62
C ASN B 323 -33.80 -0.74 -20.08
N ALA B 324 -33.30 0.11 -20.98
CA ALA B 324 -32.62 1.32 -20.55
C ALA B 324 -33.54 2.30 -19.81
N ALA B 325 -34.80 2.38 -20.20
CA ALA B 325 -35.75 3.22 -19.47
C ALA B 325 -35.91 2.79 -18.01
N ILE B 326 -36.00 1.50 -17.76
CA ILE B 326 -36.08 1.00 -16.38
C ILE B 326 -34.73 1.06 -15.67
N PHE B 327 -33.66 0.76 -16.39
CA PHE B 327 -32.30 0.92 -15.84
C PHE B 327 -32.04 2.35 -15.36
N ALA B 328 -32.55 3.35 -16.06
CA ALA B 328 -32.34 4.73 -15.62
C ALA B 328 -32.98 5.06 -14.27
N ASP B 329 -34.03 4.34 -13.86
CA ASP B 329 -34.57 4.50 -12.50
C ASP B 329 -33.75 3.77 -11.43
N SER B 330 -32.97 2.78 -11.81
CA SER B 330 -32.41 1.82 -10.88
C SER B 330 -31.42 2.43 -9.88
N LYS B 331 -31.41 1.86 -8.69
CA LYS B 331 -30.54 2.25 -7.59
C LYS B 331 -29.22 1.49 -7.58
N ASN B 332 -29.03 0.55 -8.50
CA ASN B 332 -27.92 -0.40 -8.45
C ASN B 332 -27.10 -0.38 -9.75
N GLN B 333 -27.08 0.75 -10.44
CA GLN B 333 -26.57 0.79 -11.82
C GLN B 333 -25.12 0.30 -11.96
N LYS B 334 -24.22 0.69 -11.06
CA LYS B 334 -22.82 0.28 -11.23
C LYS B 334 -22.61 -1.21 -10.96
N THR B 335 -23.35 -1.80 -10.02
CA THR B 335 -23.23 -3.23 -9.79
C THR B 335 -23.64 -4.02 -11.03
N ILE B 336 -24.70 -3.61 -11.70
CA ILE B 336 -25.12 -4.26 -12.93
C ILE B 336 -24.00 -4.21 -13.98
N CYS B 337 -23.40 -3.04 -14.18
CA CYS B 337 -22.34 -2.90 -15.17
C CYS B 337 -21.05 -3.64 -14.81
N GLN B 338 -20.74 -3.79 -13.53
CA GLN B 338 -19.58 -4.61 -13.16
C GLN B 338 -19.76 -6.08 -13.52
N GLN B 339 -20.96 -6.63 -13.35
CA GLN B 339 -21.18 -8.01 -13.78
C GLN B 339 -21.09 -8.16 -15.29
N ALA B 340 -21.57 -7.17 -16.03
CA ALA B 340 -21.48 -7.21 -17.49
C ALA B 340 -20.04 -7.15 -17.99
N VAL B 341 -19.19 -6.29 -17.40
CA VAL B 341 -17.78 -6.29 -17.78
C VAL B 341 -17.07 -7.57 -17.40
N ASP B 342 -17.33 -8.13 -16.22
CA ASP B 342 -16.67 -9.36 -15.84
C ASP B 342 -17.01 -10.52 -16.78
N THR B 343 -18.23 -10.52 -17.33
CA THR B 343 -18.59 -11.53 -18.33
C THR B 343 -17.76 -11.42 -19.59
N VAL B 344 -17.36 -10.21 -19.98
CA VAL B 344 -16.52 -10.02 -21.15
C VAL B 344 -15.06 -10.40 -20.88
N LEU B 345 -14.52 -10.09 -19.71
CA LEU B 345 -13.20 -10.60 -19.35
C LEU B 345 -13.19 -12.11 -19.20
N ALA B 346 -14.27 -12.70 -18.69
CA ALA B 346 -14.37 -14.16 -18.64
C ALA B 346 -14.30 -14.80 -20.02
N LYS B 347 -14.95 -14.18 -21.01
CA LYS B 347 -14.86 -14.69 -22.38
C LYS B 347 -13.42 -14.69 -22.90
N LYS B 348 -12.71 -13.57 -22.75
CA LYS B 348 -11.30 -13.51 -23.15
C LYS B 348 -10.44 -14.55 -22.44
N ARG B 349 -10.65 -14.74 -21.14
CA ARG B 349 -9.91 -15.75 -20.39
C ARG B 349 -10.17 -17.16 -20.92
N VAL B 350 -11.39 -17.46 -21.34
CA VAL B 350 -11.67 -18.75 -21.97
C VAL B 350 -10.98 -18.85 -23.33
N ASP B 351 -11.07 -17.82 -24.15
CA ASP B 351 -10.46 -17.86 -25.48
C ASP B 351 -8.95 -18.03 -25.43
N SER B 352 -8.26 -17.27 -24.57
CA SER B 352 -6.81 -17.36 -24.52
C SER B 352 -6.31 -18.74 -24.10
N LEU B 353 -7.04 -19.44 -23.24
CA LEU B 353 -6.64 -20.79 -22.88
C LEU B 353 -7.02 -21.85 -23.91
N GLN B 354 -8.09 -21.67 -24.67
CA GLN B 354 -8.60 -22.75 -25.50
C GLN B 354 -8.42 -22.60 -27.01
N LEU B 355 -8.29 -21.39 -27.56
CA LEU B 355 -8.15 -21.25 -29.00
C LEU B 355 -6.72 -21.56 -29.46
N THR B 356 -6.60 -21.93 -30.73
CA THR B 356 -5.27 -21.94 -31.34
C THR B 356 -4.86 -20.50 -31.65
N ARG B 357 -3.55 -20.26 -31.62
CA ARG B 357 -3.06 -18.92 -31.98
C ARG B 357 -3.40 -18.52 -33.41
N GLU B 358 -3.54 -19.48 -34.31
CA GLU B 358 -4.06 -19.19 -35.64
C GLU B 358 -5.52 -18.74 -35.63
N GLN B 359 -6.37 -19.40 -34.85
CA GLN B 359 -7.74 -18.94 -34.71
C GLN B 359 -7.82 -17.55 -34.10
N MET B 360 -7.00 -17.27 -33.09
CA MET B 360 -6.98 -15.93 -32.51
C MET B 360 -6.67 -14.88 -33.56
N LEU B 361 -5.65 -15.13 -34.37
CA LEU B 361 -5.30 -14.18 -35.42
C LEU B 361 -6.38 -14.09 -36.50
N THR B 362 -7.00 -15.22 -36.85
CA THR B 362 -8.12 -15.19 -37.79
C THR B 362 -9.29 -14.38 -37.25
N ASN B 363 -9.63 -14.56 -35.97
CA ASN B 363 -10.66 -13.73 -35.35
C ASN B 363 -10.29 -12.24 -35.37
N ARG B 364 -9.04 -11.92 -35.04
CA ARG B 364 -8.58 -10.53 -35.08
C ARG B 364 -8.67 -9.92 -36.48
N PHE B 365 -8.28 -10.67 -37.52
CA PHE B 365 -8.39 -10.16 -38.88
C PHE B 365 -9.84 -9.88 -39.27
N ASN B 366 -10.76 -10.74 -38.85
CA ASN B 366 -12.18 -10.47 -39.08
C ASN B 366 -12.61 -9.15 -38.45
N ASP B 367 -12.17 -8.86 -37.23
CA ASP B 367 -12.47 -7.55 -36.63
C ASP B 367 -11.95 -6.39 -37.46
N LEU B 368 -10.74 -6.50 -38.01
CA LEU B 368 -10.20 -5.44 -38.86
C LEU B 368 -10.92 -5.33 -40.20
N LEU B 369 -11.30 -6.47 -40.79
CA LEU B 369 -12.05 -6.45 -42.04
C LEU B 369 -13.44 -5.88 -41.88
N ASP B 370 -14.08 -6.09 -40.72
CA ASP B 370 -15.32 -5.40 -40.43
C ASP B 370 -15.16 -3.88 -40.34
N ARG B 371 -14.05 -3.40 -39.79
CA ARG B 371 -13.79 -1.95 -39.82
C ARG B 371 -13.58 -1.42 -41.24
N MET B 372 -12.90 -2.18 -42.08
CA MET B 372 -12.68 -1.73 -43.45
C MET B 372 -14.00 -1.57 -44.21
N ASP B 373 -14.95 -2.48 -43.99
CA ASP B 373 -16.27 -2.31 -44.60
C ASP B 373 -16.93 -1.01 -44.15
N ILE B 374 -16.77 -0.62 -42.89
CA ILE B 374 -17.35 0.62 -42.40
C ILE B 374 -16.57 1.83 -42.92
N MET B 375 -15.24 1.77 -42.91
CA MET B 375 -14.44 2.89 -43.36
C MET B 375 -14.69 3.23 -44.82
N PHE B 376 -14.67 2.23 -45.68
CA PHE B 376 -14.72 2.45 -47.12
C PHE B 376 -16.10 2.24 -47.70
N GLY B 377 -17.13 2.14 -46.86
CA GLY B 377 -18.49 2.24 -47.33
C GLY B 377 -18.90 3.67 -47.62
N SER B 378 -20.07 3.82 -48.24
CA SER B 378 -20.60 5.16 -48.49
C SER B 378 -20.91 5.90 -47.19
N THR B 379 -21.17 5.18 -46.11
CA THR B 379 -21.37 5.81 -44.81
C THR B 379 -20.05 6.23 -44.16
N GLY B 380 -18.92 5.70 -44.62
CA GLY B 380 -17.64 6.01 -44.03
C GLY B 380 -16.89 7.14 -44.72
N SER B 381 -15.88 7.65 -44.02
CA SER B 381 -15.13 8.83 -44.41
C SER B 381 -13.86 8.56 -45.22
N ALA B 382 -13.42 7.31 -45.31
CA ALA B 382 -12.06 7.05 -45.79
C ALA B 382 -11.99 7.03 -47.32
N ASP B 383 -10.83 7.46 -47.83
CA ASP B 383 -10.50 7.41 -49.25
C ASP B 383 -9.40 6.38 -49.49
N ILE B 384 -9.67 5.39 -50.35
CA ILE B 384 -8.76 4.27 -50.52
C ILE B 384 -7.42 4.69 -51.12
N GLU B 385 -7.40 5.75 -51.92
CA GLU B 385 -6.14 6.22 -52.49
C GLU B 385 -5.14 6.72 -51.45
N GLU B 386 -5.61 7.34 -50.37
CA GLU B 386 -4.68 7.75 -49.33
C GLU B 386 -4.17 6.55 -48.52
N TRP B 387 -5.03 5.57 -48.30
CA TRP B 387 -4.58 4.36 -47.61
C TRP B 387 -3.65 3.50 -48.45
N MET B 388 -3.87 3.44 -49.77
CA MET B 388 -2.88 2.77 -50.63
C MET B 388 -1.62 3.60 -50.81
N ALA B 389 -1.72 4.93 -50.72
CA ALA B 389 -0.50 5.73 -50.62
C ALA B 389 0.34 5.34 -49.41
N GLY B 390 -0.33 5.02 -48.30
CA GLY B 390 0.39 4.51 -47.15
C GLY B 390 1.15 3.22 -47.41
N VAL B 391 0.52 2.28 -48.10
CA VAL B 391 1.21 1.02 -48.43
C VAL B 391 2.45 1.28 -49.27
N ALA B 392 2.37 2.16 -50.26
CA ALA B 392 3.53 2.48 -51.08
C ALA B 392 4.69 3.02 -50.26
N TRP B 393 4.42 3.92 -49.31
CA TRP B 393 5.47 4.44 -48.44
C TRP B 393 6.09 3.34 -47.58
N LEU B 394 5.26 2.52 -46.96
CA LEU B 394 5.77 1.50 -46.05
C LEU B 394 6.70 0.51 -46.75
N HIS B 395 6.37 0.09 -47.97
CA HIS B 395 7.19 -0.87 -48.69
C HIS B 395 8.57 -0.31 -49.06
N CYS B 396 8.79 1.00 -48.95
CA CYS B 396 10.12 1.58 -49.12
C CYS B 396 10.95 1.59 -47.85
N LEU B 397 10.32 1.48 -46.68
CA LEU B 397 11.04 1.66 -45.42
C LEU B 397 12.09 0.57 -45.21
N LEU B 398 11.75 -0.68 -45.51
CA LEU B 398 12.68 -1.81 -45.44
C LEU B 398 12.60 -2.62 -46.72
N PRO B 399 13.68 -3.28 -47.10
CA PRO B 399 13.57 -4.29 -48.16
C PRO B 399 12.52 -5.35 -47.83
N LYS B 400 11.83 -5.81 -48.87
CA LYS B 400 11.00 -7.02 -48.81
C LYS B 400 9.98 -6.97 -47.66
N MET B 401 9.37 -5.81 -47.49
CA MET B 401 8.55 -5.55 -46.31
C MET B 401 7.45 -6.61 -46.11
N ASP B 402 6.78 -7.02 -47.18
CA ASP B 402 5.72 -8.02 -47.03
C ASP B 402 6.25 -9.41 -46.66
N SER B 403 7.49 -9.71 -47.00
CA SER B 403 8.11 -10.93 -46.47
C SER B 403 8.41 -10.80 -44.99
N VAL B 404 8.98 -9.66 -44.59
CA VAL B 404 9.26 -9.40 -43.18
C VAL B 404 7.98 -9.47 -42.35
N VAL B 405 6.89 -8.88 -42.83
CA VAL B 405 5.63 -8.93 -42.09
C VAL B 405 5.07 -10.34 -42.01
N TYR B 406 5.08 -11.07 -43.11
CA TYR B 406 4.63 -12.46 -43.08
C TYR B 406 5.51 -13.33 -42.16
N ASP B 407 6.82 -13.17 -42.22
CA ASP B 407 7.71 -13.85 -41.30
C ASP B 407 7.40 -13.54 -39.84
N PHE B 408 7.16 -12.26 -39.53
CA PHE B 408 6.76 -11.90 -38.17
C PHE B 408 5.45 -12.54 -37.76
N LEU B 409 4.42 -12.44 -38.60
CA LEU B 409 3.14 -13.06 -38.25
C LEU B 409 3.29 -14.55 -37.99
N LYS B 410 4.03 -15.25 -38.83
CA LYS B 410 4.29 -16.67 -38.58
C LYS B 410 5.03 -16.90 -37.27
N CYS B 411 6.06 -16.11 -37.00
CA CYS B 411 6.79 -16.21 -35.73
C CYS B 411 5.86 -16.03 -34.53
N MET B 412 4.98 -15.05 -34.56
CA MET B 412 4.02 -14.89 -33.46
C MET B 412 3.03 -16.05 -33.35
N VAL B 413 2.62 -16.65 -34.47
CA VAL B 413 1.72 -17.79 -34.39
C VAL B 413 2.41 -19.04 -33.82
N TYR B 414 3.61 -19.37 -34.29
CA TYR B 414 4.25 -20.61 -33.82
C TYR B 414 4.79 -20.50 -32.40
N ASN B 415 5.24 -19.32 -31.95
CA ASN B 415 5.58 -19.12 -30.53
C ASN B 415 6.60 -20.15 -30.02
N ILE B 416 7.62 -20.42 -30.83
CA ILE B 416 8.67 -21.40 -30.51
C ILE B 416 9.51 -20.92 -29.33
N PRO B 417 9.68 -21.72 -28.27
CA PRO B 417 10.47 -21.30 -27.10
C PRO B 417 11.85 -20.72 -27.43
N LYS B 418 12.19 -19.61 -26.78
CA LYS B 418 13.45 -18.89 -26.95
C LYS B 418 13.70 -18.36 -28.36
N LYS B 419 12.73 -18.47 -29.26
CA LYS B 419 12.81 -17.92 -30.61
C LYS B 419 11.59 -17.04 -30.88
N ARG B 420 11.31 -16.12 -29.95
CA ARG B 420 10.02 -15.44 -29.86
C ARG B 420 10.08 -13.93 -30.03
N TYR B 421 11.23 -13.30 -29.80
CA TYR B 421 11.35 -11.85 -29.74
C TYR B 421 12.22 -11.28 -30.85
N TRP B 422 11.76 -10.19 -31.47
CA TRP B 422 12.48 -9.46 -32.51
C TRP B 422 12.98 -8.13 -31.97
N LEU B 423 14.18 -7.74 -32.37
CA LEU B 423 14.84 -6.52 -31.90
C LEU B 423 14.89 -5.47 -33.01
N PHE B 424 14.30 -4.31 -32.77
CA PHE B 424 14.36 -3.18 -33.71
C PHE B 424 15.39 -2.18 -33.19
N LYS B 425 16.42 -1.93 -33.98
CA LYS B 425 17.54 -1.08 -33.60
C LYS B 425 17.72 0.02 -34.64
N GLY B 426 18.30 1.15 -34.23
CA GLY B 426 18.70 2.16 -35.19
C GLY B 426 18.80 3.56 -34.64
N PRO B 427 19.15 4.52 -35.51
CA PRO B 427 19.19 5.94 -35.11
C PRO B 427 17.85 6.52 -34.66
N ILE B 428 17.89 7.79 -34.23
CA ILE B 428 16.68 8.55 -33.95
C ILE B 428 15.90 8.81 -35.23
N ASP B 429 14.58 8.77 -35.13
CA ASP B 429 13.67 8.98 -36.26
C ASP B 429 13.97 8.03 -37.42
N SER B 430 14.02 6.75 -37.11
CA SER B 430 14.32 5.70 -38.06
C SER B 430 13.07 4.90 -38.47
N GLY B 431 11.93 5.12 -37.82
CA GLY B 431 10.68 4.48 -38.18
C GLY B 431 10.36 3.20 -37.43
N LYS B 432 11.21 2.78 -36.51
CA LYS B 432 10.96 1.57 -35.75
C LYS B 432 9.66 1.64 -34.94
N THR B 433 9.38 2.78 -34.31
CA THR B 433 8.08 2.93 -33.62
C THR B 433 6.92 2.89 -34.59
N THR B 434 7.06 3.52 -35.76
CA THR B 434 6.00 3.49 -36.76
C THR B 434 5.61 2.06 -37.13
N LEU B 435 6.59 1.24 -37.47
CA LEU B 435 6.30 -0.14 -37.88
C LEU B 435 5.80 -0.99 -36.72
N ALA B 436 6.38 -0.84 -35.53
CA ALA B 436 5.88 -1.56 -34.38
C ALA B 436 4.41 -1.25 -34.08
N ALA B 437 4.02 0.02 -34.16
CA ALA B 437 2.64 0.38 -33.86
C ALA B 437 1.65 -0.23 -34.85
N ALA B 438 2.04 -0.34 -36.12
CA ALA B 438 1.19 -0.98 -37.12
C ALA B 438 1.07 -2.48 -36.89
N LEU B 439 2.18 -3.15 -36.62
CA LEU B 439 2.14 -4.56 -36.24
C LEU B 439 1.31 -4.80 -35.01
N LEU B 440 1.46 -3.94 -34.00
CA LEU B 440 0.71 -4.08 -32.76
C LEU B 440 -0.80 -3.90 -32.94
N GLU B 441 -1.23 -3.04 -33.85
CA GLU B 441 -2.65 -2.97 -34.18
C GLU B 441 -3.10 -4.18 -34.99
N LEU B 442 -2.26 -4.66 -35.91
CA LEU B 442 -2.62 -5.79 -36.75
C LEU B 442 -2.87 -7.06 -35.95
N CYS B 443 -2.08 -7.32 -34.94
CA CYS B 443 -2.30 -8.46 -34.03
C CYS B 443 -2.24 -7.94 -32.59
N GLY B 444 -3.41 -7.74 -32.01
CA GLY B 444 -3.59 -6.85 -30.87
C GLY B 444 -2.78 -7.18 -29.63
N GLY B 445 -2.11 -6.17 -29.08
CA GLY B 445 -1.25 -6.35 -27.93
C GLY B 445 -1.12 -5.05 -27.17
N LYS B 446 -0.16 -5.01 -26.25
CA LYS B 446 0.05 -3.85 -25.39
C LYS B 446 1.51 -3.44 -25.40
N ALA B 447 1.74 -2.14 -25.29
CA ALA B 447 3.08 -1.59 -25.08
C ALA B 447 3.41 -1.45 -23.60
N LEU B 448 4.62 -1.84 -23.21
CA LEU B 448 5.08 -1.80 -21.83
C LEU B 448 6.31 -0.92 -21.69
N ASN B 449 6.39 -0.16 -20.59
CA ASN B 449 7.53 0.71 -20.30
C ASN B 449 8.39 0.11 -19.19
N VAL B 450 9.49 -0.56 -19.57
CA VAL B 450 10.43 -1.12 -18.60
C VAL B 450 11.57 -0.18 -18.22
N ASN B 451 11.48 1.11 -18.59
CA ASN B 451 12.47 2.07 -18.12
C ASN B 451 12.24 2.54 -16.67
N LEU B 452 11.00 2.47 -16.16
CA LEU B 452 10.72 2.81 -14.77
C LEU B 452 11.29 1.79 -13.78
N PRO B 453 11.44 2.16 -12.50
CA PRO B 453 12.22 1.33 -11.56
C PRO B 453 11.62 -0.04 -11.29
N LEU B 454 12.50 -0.91 -10.78
CA LEU B 454 12.15 -2.30 -10.47
C LEU B 454 10.89 -2.42 -9.62
N ASP B 455 10.68 -1.52 -8.67
CA ASP B 455 9.58 -1.69 -7.73
C ASP B 455 8.20 -1.46 -8.33
N ARG B 456 8.10 -0.84 -9.50
CA ARG B 456 6.83 -0.71 -10.22
C ARG B 456 6.68 -1.73 -11.34
N LEU B 457 7.74 -2.48 -11.69
CA LEU B 457 7.67 -3.42 -12.80
C LEU B 457 6.59 -4.48 -12.61
N ASN B 458 6.40 -4.95 -11.38
CA ASN B 458 5.45 -6.04 -11.15
C ASN B 458 4.05 -5.68 -11.60
N PHE B 459 3.57 -4.49 -11.26
CA PHE B 459 2.28 -4.05 -11.75
C PHE B 459 2.30 -3.84 -13.27
N GLU B 460 3.36 -3.24 -13.80
CA GLU B 460 3.41 -2.90 -15.22
C GLU B 460 3.44 -4.15 -16.10
N LEU B 461 4.26 -5.14 -15.74
CA LEU B 461 4.30 -6.39 -16.50
C LEU B 461 2.96 -7.12 -16.48
N GLY B 462 2.17 -6.97 -15.43
CA GLY B 462 0.84 -7.55 -15.34
C GLY B 462 -0.18 -7.06 -16.37
N VAL B 463 0.14 -6.01 -17.14
CA VAL B 463 -0.72 -5.64 -18.26
C VAL B 463 -0.76 -6.70 -19.36
N ALA B 464 0.27 -7.53 -19.46
CA ALA B 464 0.38 -8.57 -20.49
C ALA B 464 -0.59 -9.73 -20.32
N ILE B 465 -1.39 -9.78 -19.27
CA ILE B 465 -2.31 -10.90 -19.05
C ILE B 465 -3.28 -11.06 -20.22
N ASP B 466 -3.32 -12.28 -20.78
CA ASP B 466 -4.14 -12.69 -21.93
C ASP B 466 -3.91 -11.91 -23.23
N GLN B 467 -2.82 -11.17 -23.38
CA GLN B 467 -2.55 -10.46 -24.64
C GLN B 467 -1.80 -11.35 -25.62
N PHE B 468 -2.01 -11.09 -26.92
CA PHE B 468 -1.34 -11.87 -27.96
C PHE B 468 0.13 -11.47 -28.14
N LEU B 469 0.43 -10.18 -27.97
CA LEU B 469 1.73 -9.61 -28.34
C LEU B 469 2.08 -8.52 -27.33
N VAL B 470 3.37 -8.31 -27.06
CA VAL B 470 3.79 -7.14 -26.29
C VAL B 470 4.97 -6.43 -26.96
N VAL B 471 5.02 -5.11 -26.78
CA VAL B 471 6.08 -4.27 -27.32
C VAL B 471 6.74 -3.49 -26.19
N PHE B 472 8.05 -3.64 -26.05
CA PHE B 472 8.86 -2.89 -25.10
C PHE B 472 9.46 -1.68 -25.82
N GLU B 473 8.83 -0.53 -25.67
CA GLU B 473 9.26 0.64 -26.42
C GLU B 473 10.49 1.31 -25.83
N ASP B 474 11.48 1.51 -26.70
CA ASP B 474 12.65 2.36 -26.48
C ASP B 474 13.34 2.14 -25.14
N VAL B 475 13.89 0.94 -24.99
CA VAL B 475 14.56 0.52 -23.76
C VAL B 475 15.93 1.20 -23.68
N LYS B 476 16.15 1.98 -22.63
CA LYS B 476 17.42 2.68 -22.44
C LYS B 476 18.49 1.76 -21.85
N GLY B 477 19.70 1.83 -22.40
CA GLY B 477 20.84 1.07 -21.89
C GLY B 477 21.89 1.89 -21.16
N THR B 478 23.15 1.47 -21.25
CA THR B 478 24.29 2.22 -20.75
C THR B 478 25.42 2.17 -21.76
N GLY B 479 26.36 3.11 -21.64
CA GLY B 479 27.45 3.24 -22.58
C GLY B 479 27.14 4.04 -23.82
N GLY B 480 26.08 4.83 -23.79
CA GLY B 480 25.68 5.65 -24.91
C GLY B 480 26.36 7.00 -24.98
N GLU B 481 27.00 7.41 -23.87
CA GLU B 481 27.47 8.78 -23.75
C GLU B 481 28.52 9.15 -24.79
N SER B 482 29.30 8.19 -25.27
CA SER B 482 30.22 8.46 -26.36
C SER B 482 29.49 8.84 -27.64
N ARG B 483 28.19 8.59 -27.71
CA ARG B 483 27.38 8.84 -28.89
C ARG B 483 26.16 9.69 -28.58
N ASP B 484 26.26 10.51 -27.53
CA ASP B 484 25.21 11.40 -27.03
C ASP B 484 23.96 10.70 -26.53
N LEU B 485 23.95 9.40 -26.41
CA LEU B 485 22.76 8.70 -25.92
C LEU B 485 22.77 8.62 -24.39
N PRO B 486 21.73 9.07 -23.70
CA PRO B 486 21.73 9.04 -22.23
C PRO B 486 21.47 7.64 -21.67
N SER B 487 22.16 7.32 -20.58
CA SER B 487 22.00 6.04 -19.88
C SER B 487 20.69 5.91 -19.13
N GLY B 488 20.29 4.65 -18.89
CA GLY B 488 19.18 4.29 -18.03
C GLY B 488 19.24 2.81 -17.70
N GLN B 489 18.28 2.35 -16.91
CA GLN B 489 18.26 0.98 -16.40
C GLN B 489 17.48 -0.02 -17.25
N GLY B 490 16.84 0.42 -18.33
CA GLY B 490 15.95 -0.47 -19.08
C GLY B 490 16.56 -1.79 -19.51
N ILE B 491 17.78 -1.77 -20.04
CA ILE B 491 18.45 -3.01 -20.46
C ILE B 491 18.82 -3.89 -19.27
N ASN B 492 19.18 -3.31 -18.13
CA ASN B 492 19.40 -4.13 -16.94
C ASN B 492 18.13 -4.79 -16.45
N ASN B 493 17.00 -4.08 -16.46
CA ASN B 493 15.73 -4.69 -16.10
C ASN B 493 15.39 -5.88 -17.00
N LEU B 494 15.53 -5.73 -18.33
CA LEU B 494 15.26 -6.87 -19.21
C LEU B 494 16.18 -8.04 -18.94
N ASP B 495 17.45 -7.78 -18.65
CA ASP B 495 18.35 -8.86 -18.30
C ASP B 495 18.00 -9.55 -16.98
N ASN B 496 17.17 -8.96 -16.13
CA ASN B 496 16.59 -9.71 -15.01
C ASN B 496 15.38 -10.55 -15.40
N LEU B 497 14.60 -10.12 -16.39
CA LEU B 497 13.36 -10.76 -16.79
C LEU B 497 13.54 -11.89 -17.80
N ARG B 498 14.70 -12.55 -17.84
CA ARG B 498 15.02 -13.48 -18.92
C ARG B 498 13.95 -14.56 -19.14
N ASP B 499 13.40 -15.12 -18.06
CA ASP B 499 12.38 -16.18 -18.20
C ASP B 499 11.06 -15.69 -18.77
N TYR B 500 10.79 -14.38 -18.74
CA TYR B 500 9.61 -13.86 -19.42
C TYR B 500 9.82 -13.82 -20.93
N LEU B 501 11.01 -13.44 -21.36
CA LEU B 501 11.34 -13.46 -22.78
C LEU B 501 11.46 -14.90 -23.31
N ASP B 502 12.12 -15.79 -22.56
CA ASP B 502 12.28 -17.17 -22.99
C ASP B 502 10.96 -17.88 -23.23
N GLY B 503 10.01 -17.73 -22.31
CA GLY B 503 8.73 -18.37 -22.46
C GLY B 503 8.73 -19.88 -22.34
N SER B 504 9.77 -20.47 -21.74
CA SER B 504 9.77 -21.91 -21.50
C SER B 504 8.84 -22.30 -20.36
N VAL B 505 8.60 -21.42 -19.40
CA VAL B 505 7.89 -21.75 -18.17
C VAL B 505 6.91 -20.65 -17.81
N LYS B 506 5.89 -21.00 -17.02
CA LYS B 506 4.85 -20.06 -16.63
C LYS B 506 5.33 -19.11 -15.53
N VAL B 507 5.01 -17.83 -15.71
CA VAL B 507 5.40 -16.79 -14.78
C VAL B 507 4.16 -16.19 -14.12
N ASN B 508 4.39 -15.58 -12.96
CA ASN B 508 3.33 -15.13 -12.05
C ASN B 508 3.07 -13.64 -12.24
N LEU B 509 1.92 -13.30 -12.82
CA LEU B 509 1.61 -11.93 -13.21
C LEU B 509 0.50 -11.37 -12.31
N GLU B 510 0.64 -10.12 -11.86
CA GLU B 510 -0.30 -9.54 -10.92
C GLU B 510 -0.83 -8.18 -11.33
N LYS B 511 -2.12 -7.97 -11.08
CA LYS B 511 -2.79 -6.68 -11.14
C LYS B 511 -2.93 -6.13 -9.72
N LYS B 512 -3.32 -4.85 -9.60
CA LYS B 512 -3.75 -4.39 -8.28
C LYS B 512 -5.14 -4.92 -7.95
N HIS B 513 -5.35 -5.21 -6.67
CA HIS B 513 -6.58 -5.81 -6.16
C HIS B 513 -6.94 -7.09 -6.93
N LEU B 514 -5.94 -7.94 -7.14
CA LEU B 514 -6.16 -9.27 -7.68
C LEU B 514 -5.08 -10.20 -7.15
N ASN B 515 -5.42 -11.48 -7.06
CA ASN B 515 -4.40 -12.52 -6.95
C ASN B 515 -3.65 -12.67 -8.28
N LYS B 516 -2.56 -13.42 -8.25
CA LYS B 516 -1.76 -13.61 -9.47
C LYS B 516 -2.43 -14.52 -10.49
N ARG B 517 -2.15 -14.25 -11.77
CA ARG B 517 -2.43 -15.10 -12.93
C ARG B 517 -1.13 -15.74 -13.44
N THR B 518 -1.15 -17.04 -13.70
CA THR B 518 0.05 -17.78 -14.10
C THR B 518 -0.05 -18.20 -15.57
N GLN B 519 0.89 -17.77 -16.40
CA GLN B 519 0.84 -18.03 -17.84
C GLN B 519 2.22 -17.87 -18.48
N ILE B 520 2.34 -18.32 -19.73
CA ILE B 520 3.51 -18.00 -20.55
C ILE B 520 3.41 -16.56 -21.03
N PHE B 521 4.44 -15.77 -20.77
CA PHE B 521 4.42 -14.36 -21.13
C PHE B 521 4.52 -14.19 -22.65
N PRO B 522 3.65 -13.39 -23.27
CA PRO B 522 3.51 -13.41 -24.75
C PRO B 522 4.78 -12.99 -25.50
N PRO B 523 4.88 -13.37 -26.78
CA PRO B 523 5.97 -12.88 -27.66
C PRO B 523 5.96 -11.38 -27.84
N GLY B 524 7.01 -10.83 -28.44
CA GLY B 524 7.03 -9.39 -28.58
C GLY B 524 8.13 -8.82 -29.45
N ILE B 525 8.18 -7.48 -29.45
CA ILE B 525 9.18 -6.66 -30.11
C ILE B 525 9.85 -5.79 -29.05
N VAL B 526 11.17 -5.67 -29.12
CA VAL B 526 11.92 -4.65 -28.38
C VAL B 526 12.43 -3.60 -29.35
N THR B 527 12.15 -2.34 -29.08
CA THR B 527 12.70 -1.24 -29.86
C THR B 527 13.76 -0.52 -29.02
N MET B 528 14.89 -0.19 -29.62
CA MET B 528 15.93 0.55 -28.90
C MET B 528 16.86 1.24 -29.89
N ASN B 529 17.58 2.23 -29.37
CA ASN B 529 18.68 2.85 -30.09
C ASN B 529 19.96 2.03 -29.90
N GLU B 530 21.06 2.50 -30.44
CA GLU B 530 22.27 1.67 -30.56
C GLU B 530 23.07 1.50 -29.26
N TYR B 531 22.41 1.34 -28.13
CA TYR B 531 23.07 0.90 -26.90
C TYR B 531 23.55 -0.55 -27.01
N SER B 532 24.54 -0.90 -26.20
CA SER B 532 25.06 -2.28 -26.19
C SER B 532 24.13 -3.23 -25.46
N VAL B 533 24.03 -4.45 -25.97
CA VAL B 533 23.22 -5.51 -25.39
C VAL B 533 24.12 -6.59 -24.79
N PRO B 534 23.90 -7.01 -23.53
CA PRO B 534 24.64 -8.16 -22.97
C PRO B 534 24.44 -9.43 -23.79
N LYS B 535 25.49 -10.28 -23.80
CA LYS B 535 25.42 -11.54 -24.52
C LYS B 535 24.34 -12.49 -23.97
N THR B 536 24.05 -12.41 -22.67
CA THR B 536 22.94 -13.18 -22.10
C THR B 536 21.60 -12.72 -22.66
N LEU B 537 21.45 -11.44 -22.95
CA LEU B 537 20.20 -10.96 -23.50
C LEU B 537 20.12 -11.17 -25.01
N GLN B 538 21.22 -11.04 -25.74
CA GLN B 538 21.17 -11.21 -27.18
C GLN B 538 20.66 -12.60 -27.59
N ALA B 539 20.97 -13.64 -26.82
CA ALA B 539 20.50 -14.98 -27.15
C ALA B 539 18.98 -15.11 -27.17
N ARG B 540 18.24 -14.20 -26.54
CA ARG B 540 16.79 -14.23 -26.59
C ARG B 540 16.19 -13.69 -27.89
N PHE B 541 16.96 -12.98 -28.70
CA PHE B 541 16.43 -12.32 -29.90
C PHE B 541 16.74 -13.14 -31.14
N VAL B 542 15.68 -13.53 -31.86
CA VAL B 542 15.85 -14.36 -33.05
C VAL B 542 16.26 -13.52 -34.26
N LYS B 543 15.73 -12.31 -34.40
CA LYS B 543 16.05 -11.50 -35.57
C LYS B 543 16.15 -10.02 -35.19
N GLN B 544 17.18 -9.35 -35.68
CA GLN B 544 17.39 -7.93 -35.48
C GLN B 544 17.16 -7.19 -36.80
N ILE B 545 16.40 -6.10 -36.75
CA ILE B 545 16.21 -5.20 -37.88
C ILE B 545 16.87 -3.87 -37.56
N ASP B 546 17.86 -3.49 -38.37
CA ASP B 546 18.50 -2.17 -38.27
C ASP B 546 17.79 -1.18 -39.18
N PHE B 547 17.08 -0.23 -38.58
CA PHE B 547 16.41 0.83 -39.32
C PHE B 547 17.37 1.97 -39.64
N ARG B 548 17.16 2.63 -40.77
CA ARG B 548 17.95 3.79 -41.16
C ARG B 548 17.08 4.96 -41.61
N PRO B 549 17.38 6.19 -41.18
CA PRO B 549 16.75 7.38 -41.78
C PRO B 549 17.00 7.51 -43.28
N LYS B 550 15.99 7.96 -44.02
CA LYS B 550 16.10 8.23 -45.45
C LYS B 550 15.52 9.60 -45.80
N ASP B 551 16.30 10.38 -46.55
CA ASP B 551 15.92 11.75 -46.88
C ASP B 551 14.67 11.83 -47.74
N TYR B 552 14.55 10.95 -48.73
CA TYR B 552 13.36 10.97 -49.60
C TYR B 552 12.09 10.65 -48.83
N LEU B 553 12.16 9.75 -47.86
CA LEU B 553 11.00 9.48 -47.01
C LEU B 553 10.62 10.71 -46.20
N LYS B 554 11.60 11.40 -45.63
CA LYS B 554 11.33 12.62 -44.88
C LYS B 554 10.72 13.72 -45.76
N HIS B 555 11.34 13.99 -46.91
CA HIS B 555 10.81 15.01 -47.81
C HIS B 555 9.46 14.64 -48.43
N CYS B 556 9.20 13.36 -48.65
CA CYS B 556 7.86 12.94 -49.06
C CYS B 556 6.82 13.26 -48.00
N LEU B 557 7.11 12.96 -46.73
CA LEU B 557 6.17 13.26 -45.65
C LEU B 557 5.97 14.75 -45.40
N GLU B 558 6.93 15.59 -45.75
CA GLU B 558 6.68 17.02 -45.70
C GLU B 558 5.62 17.46 -46.70
N ARG B 559 5.40 16.69 -47.76
CA ARG B 559 4.48 17.06 -48.83
C ARG B 559 3.14 16.33 -48.74
N SER B 560 3.14 15.04 -48.41
CA SER B 560 1.91 14.28 -48.15
C SER B 560 1.58 14.24 -46.65
N GLU B 561 1.35 15.43 -46.11
CA GLU B 561 1.02 15.61 -44.69
C GLU B 561 -0.22 14.82 -44.25
N PHE B 562 -1.14 14.54 -45.17
CA PHE B 562 -2.36 13.80 -44.81
C PHE B 562 -2.05 12.43 -44.21
N LEU B 563 -0.95 11.80 -44.61
CA LEU B 563 -0.59 10.52 -44.02
C LEU B 563 -0.43 10.61 -42.50
N LEU B 564 0.21 11.67 -42.01
CA LEU B 564 0.46 11.79 -40.58
C LEU B 564 -0.77 12.30 -39.82
N GLU B 565 -1.51 13.24 -40.39
CA GLU B 565 -2.74 13.68 -39.75
C GLU B 565 -3.72 12.53 -39.57
N LYS B 566 -3.91 11.72 -40.60
CA LYS B 566 -4.85 10.61 -40.55
C LYS B 566 -4.28 9.36 -39.86
N ARG B 567 -2.99 9.38 -39.52
CA ARG B 567 -2.29 8.25 -38.87
C ARG B 567 -2.23 7.00 -39.75
N ILE B 568 -2.02 7.21 -41.06
CA ILE B 568 -2.12 6.10 -41.99
C ILE B 568 -0.89 5.18 -41.91
N ILE B 569 0.32 5.74 -41.93
CA ILE B 569 1.50 4.88 -42.01
C ILE B 569 1.70 4.01 -40.77
N GLN B 570 1.10 4.32 -39.64
CA GLN B 570 1.27 3.53 -38.43
C GLN B 570 0.08 2.65 -38.09
N SER B 571 -0.90 2.54 -38.99
CA SER B 571 -2.09 1.76 -38.71
C SER B 571 -1.97 0.34 -39.24
N GLY B 572 -2.55 -0.61 -38.50
CA GLY B 572 -2.58 -2.00 -38.92
C GLY B 572 -3.42 -2.26 -40.15
N ILE B 573 -4.36 -1.38 -40.46
CA ILE B 573 -5.13 -1.50 -41.70
C ILE B 573 -4.23 -1.37 -42.92
N ALA B 574 -3.22 -0.51 -42.85
CA ALA B 574 -2.26 -0.39 -43.95
C ALA B 574 -1.46 -1.67 -44.17
N LEU B 575 -1.01 -2.32 -43.10
CA LEU B 575 -0.29 -3.58 -43.27
C LEU B 575 -1.20 -4.69 -43.79
N LEU B 576 -2.44 -4.72 -43.34
CA LEU B 576 -3.41 -5.65 -43.89
C LEU B 576 -3.64 -5.41 -45.39
N LEU B 577 -3.71 -4.15 -45.80
CA LEU B 577 -3.83 -3.84 -47.23
C LEU B 577 -2.60 -4.28 -48.01
N MET B 578 -1.42 -4.10 -47.44
CA MET B 578 -0.20 -4.60 -48.06
C MET B 578 -0.22 -6.13 -48.21
N LEU B 579 -0.66 -6.84 -47.19
CA LEU B 579 -0.78 -8.29 -47.30
C LEU B 579 -1.79 -8.70 -48.36
N ILE B 580 -2.94 -8.03 -48.42
CA ILE B 580 -3.94 -8.36 -49.45
C ILE B 580 -3.37 -8.14 -50.85
N TRP B 581 -2.64 -7.04 -51.06
CA TRP B 581 -2.08 -6.76 -52.37
C TRP B 581 -0.95 -7.73 -52.74
N TYR B 582 -0.04 -8.00 -51.80
CA TYR B 582 1.15 -8.79 -52.10
C TYR B 582 1.01 -10.30 -51.90
N ARG B 583 0.43 -10.78 -50.80
CA ARG B 583 0.51 -12.21 -50.52
C ARG B 583 -0.51 -13.02 -51.32
N PRO B 584 -0.16 -14.26 -51.70
CA PRO B 584 -1.16 -15.20 -52.22
C PRO B 584 -2.32 -15.44 -51.27
N VAL B 585 -3.48 -15.79 -51.85
CA VAL B 585 -4.65 -16.15 -51.05
C VAL B 585 -4.35 -17.38 -50.19
N ALA B 586 -3.60 -18.34 -50.73
CA ALA B 586 -3.37 -19.60 -50.04
C ALA B 586 -2.59 -19.46 -48.73
N GLU B 587 -1.89 -18.34 -48.52
CA GLU B 587 -1.21 -18.13 -47.25
C GLU B 587 -2.14 -17.73 -46.12
N PHE B 588 -3.34 -17.23 -46.42
CA PHE B 588 -4.30 -16.88 -45.39
C PHE B 588 -5.08 -18.10 -44.89
N ALA B 589 -5.60 -17.99 -43.67
CA ALA B 589 -6.40 -19.05 -43.09
C ALA B 589 -7.67 -19.33 -43.90
N GLN B 590 -7.98 -20.61 -44.06
CA GLN B 590 -9.01 -21.05 -45.00
C GLN B 590 -10.38 -20.42 -44.76
N SER B 591 -10.73 -20.14 -43.50
CA SER B 591 -12.03 -19.58 -43.20
C SER B 591 -12.20 -18.11 -43.58
N ILE B 592 -11.13 -17.36 -43.86
CA ILE B 592 -11.25 -15.99 -44.34
C ILE B 592 -10.85 -15.82 -45.79
N GLN B 593 -10.35 -16.86 -46.44
CA GLN B 593 -9.97 -16.73 -47.84
C GLN B 593 -11.11 -16.19 -48.71
N SER B 594 -12.36 -16.50 -48.38
CA SER B 594 -13.49 -15.91 -49.09
C SER B 594 -13.57 -14.39 -48.95
N ARG B 595 -13.27 -13.85 -47.76
CA ARG B 595 -13.26 -12.39 -47.60
C ARG B 595 -12.05 -11.74 -48.28
N ILE B 596 -10.88 -12.37 -48.19
CA ILE B 596 -9.70 -11.84 -48.85
C ILE B 596 -9.91 -11.73 -50.36
N VAL B 597 -10.51 -12.76 -50.96
CA VAL B 597 -10.76 -12.76 -52.40
C VAL B 597 -11.70 -11.63 -52.80
N GLU B 598 -12.73 -11.36 -52.00
CA GLU B 598 -13.59 -10.21 -52.24
C GLU B 598 -12.84 -8.88 -52.20
N TRP B 599 -11.91 -8.69 -51.26
CA TRP B 599 -11.12 -7.48 -51.22
C TRP B 599 -10.07 -7.39 -52.33
N LYS B 600 -9.43 -8.50 -52.68
CA LYS B 600 -8.51 -8.48 -53.82
C LYS B 600 -9.20 -8.00 -55.09
N GLU B 601 -10.39 -8.52 -55.37
CA GLU B 601 -11.19 -8.05 -56.51
C GLU B 601 -11.47 -6.55 -56.45
N ARG B 602 -11.87 -6.04 -55.30
CA ARG B 602 -12.10 -4.60 -55.17
C ARG B 602 -10.83 -3.76 -55.42
N LEU B 603 -9.67 -4.20 -54.93
CA LEU B 603 -8.45 -3.44 -55.19
C LEU B 603 -8.08 -3.41 -56.67
N ASP B 604 -8.13 -4.56 -57.36
CA ASP B 604 -7.83 -4.53 -58.80
C ASP B 604 -8.89 -3.79 -59.59
N LYS B 605 -10.13 -3.75 -59.10
CA LYS B 605 -11.15 -2.91 -59.71
C LYS B 605 -10.79 -1.43 -59.65
N GLU B 606 -10.23 -0.96 -58.53
CA GLU B 606 -10.00 0.46 -58.33
C GLU B 606 -8.57 0.94 -58.58
N PHE B 607 -7.57 0.06 -58.63
CA PHE B 607 -6.20 0.45 -58.98
C PHE B 607 -5.66 -0.38 -60.14
N SER B 608 -4.88 0.26 -61.00
CA SER B 608 -3.90 -0.45 -61.81
C SER B 608 -2.59 -0.61 -61.05
N LEU B 609 -1.74 -1.51 -61.55
CA LEU B 609 -0.36 -1.56 -61.07
C LEU B 609 0.42 -0.30 -61.40
N SER B 610 0.16 0.29 -62.56
CA SER B 610 0.94 1.46 -62.98
C SER B 610 0.68 2.67 -62.09
N VAL B 611 -0.56 2.82 -61.60
CA VAL B 611 -0.84 3.84 -60.59
C VAL B 611 0.01 3.61 -59.34
N TYR B 612 0.04 2.37 -58.85
CA TYR B 612 0.84 2.05 -57.66
C TYR B 612 2.34 2.16 -57.89
N GLN B 613 2.83 1.71 -59.03
CA GLN B 613 4.25 1.91 -59.36
C GLN B 613 4.62 3.40 -59.48
N LYS B 614 3.70 4.22 -60.00
CA LYS B 614 3.90 5.66 -59.98
C LYS B 614 3.92 6.23 -58.56
N MET B 615 3.02 5.76 -57.68
CA MET B 615 3.11 6.15 -56.27
C MET B 615 4.48 5.82 -55.66
N LYS B 616 4.97 4.59 -55.85
CA LYS B 616 6.29 4.24 -55.33
C LYS B 616 7.41 5.09 -55.94
N PHE B 617 7.32 5.39 -57.24
CA PHE B 617 8.31 6.29 -57.83
C PHE B 617 8.28 7.68 -57.22
N ASN B 618 7.09 8.24 -57.00
CA ASN B 618 6.98 9.51 -56.28
C ASN B 618 7.62 9.47 -54.90
N VAL B 619 7.48 8.35 -54.18
CA VAL B 619 8.11 8.22 -52.87
C VAL B 619 9.62 8.16 -52.99
N ALA B 620 10.14 7.37 -53.93
CA ALA B 620 11.58 7.32 -54.13
C ALA B 620 12.15 8.66 -54.55
N MET B 621 11.37 9.47 -55.26
CA MET B 621 11.76 10.83 -55.60
C MET B 621 11.63 11.81 -54.44
N GLY B 622 10.96 11.44 -53.36
CA GLY B 622 10.75 12.38 -52.28
C GLY B 622 9.84 13.54 -52.61
N ILE B 623 8.97 13.37 -53.61
CA ILE B 623 7.90 14.33 -53.89
C ILE B 623 6.60 13.78 -53.31
N GLY B 624 5.49 14.49 -53.49
CA GLY B 624 4.23 14.04 -52.92
C GLY B 624 3.73 12.75 -53.56
N VAL B 625 3.25 11.84 -52.72
CA VAL B 625 2.86 10.51 -53.19
C VAL B 625 1.79 10.61 -54.28
N LEU B 626 0.84 11.51 -54.12
CA LEU B 626 -0.28 11.61 -55.06
C LEU B 626 0.02 12.46 -56.30
N ASP B 627 1.24 12.95 -56.48
CA ASP B 627 1.53 13.81 -57.61
C ASP B 627 1.34 13.07 -58.94
N LYS C 266 -43.71 8.43 -0.09
CA LYS C 266 -42.82 8.90 -1.14
C LYS C 266 -41.35 8.60 -0.80
N GLN C 267 -40.50 8.54 -1.81
CA GLN C 267 -39.08 8.23 -1.62
C GLN C 267 -38.20 9.13 -2.48
N VAL C 268 -36.91 9.17 -2.13
CA VAL C 268 -35.92 9.94 -2.89
C VAL C 268 -35.91 9.50 -4.34
N SER C 269 -36.01 10.48 -5.24
CA SER C 269 -35.74 10.24 -6.65
C SER C 269 -34.25 10.34 -6.92
N TRP C 270 -33.58 9.20 -7.14
CA TRP C 270 -32.17 9.22 -7.51
C TRP C 270 -31.95 9.84 -8.87
N LYS C 271 -32.95 9.78 -9.74
CA LYS C 271 -32.88 10.38 -11.07
C LYS C 271 -32.77 11.91 -11.02
N LEU C 272 -33.52 12.56 -10.14
CA LEU C 272 -33.41 14.02 -10.02
C LEU C 272 -32.06 14.49 -9.50
N VAL C 273 -31.45 13.76 -8.56
CA VAL C 273 -30.09 14.10 -8.16
C VAL C 273 -29.14 13.96 -9.34
N THR C 274 -29.32 12.92 -10.14
CA THR C 274 -28.45 12.71 -11.30
C THR C 274 -28.62 13.81 -12.34
N GLU C 275 -29.84 14.28 -12.58
CA GLU C 275 -30.03 15.44 -13.45
C GLU C 275 -29.25 16.66 -12.98
N TYR C 276 -29.28 16.95 -11.68
CA TYR C 276 -28.54 18.09 -11.15
C TYR C 276 -27.04 17.93 -11.33
N ALA C 277 -26.51 16.74 -11.10
CA ALA C 277 -25.08 16.52 -11.34
C ALA C 277 -24.72 16.72 -12.81
N MET C 278 -25.56 16.24 -13.71
CA MET C 278 -25.33 16.47 -15.13
C MET C 278 -25.34 17.96 -15.48
N GLU C 279 -26.35 18.69 -15.03
CA GLU C 279 -26.44 20.11 -15.38
C GLU C 279 -25.37 20.98 -14.74
N THR C 280 -24.78 20.58 -13.61
CA THR C 280 -23.70 21.35 -13.01
C THR C 280 -22.30 20.80 -13.29
N LYS C 281 -22.18 19.70 -14.01
CA LYS C 281 -20.89 19.01 -14.25
C LYS C 281 -20.12 18.72 -12.96
N CYS C 282 -20.83 18.51 -11.86
CA CYS C 282 -20.20 18.39 -10.54
C CYS C 282 -19.74 16.96 -10.31
N ASP C 283 -18.42 16.75 -10.29
CA ASP C 283 -17.85 15.41 -10.16
C ASP C 283 -17.10 15.23 -8.84
N ASP C 284 -17.40 16.03 -7.84
CA ASP C 284 -16.94 15.82 -6.48
C ASP C 284 -18.12 15.39 -5.61
N VAL C 285 -17.95 14.26 -4.91
CA VAL C 285 -19.00 13.66 -4.09
C VAL C 285 -19.44 14.57 -2.95
N LEU C 286 -18.48 15.21 -2.29
CA LEU C 286 -18.82 16.06 -1.15
C LEU C 286 -19.39 17.40 -1.60
N LEU C 287 -18.91 17.94 -2.71
CA LEU C 287 -19.49 19.16 -3.25
C LEU C 287 -20.94 18.96 -3.65
N LEU C 288 -21.23 17.90 -4.39
CA LEU C 288 -22.62 17.59 -4.75
C LEU C 288 -23.50 17.40 -3.53
N LEU C 289 -23.02 16.66 -2.53
CA LEU C 289 -23.77 16.48 -1.29
C LEU C 289 -24.07 17.82 -0.63
N GLY C 290 -23.05 18.67 -0.50
CA GLY C 290 -23.22 19.93 0.18
C GLY C 290 -24.21 20.85 -0.51
N MET C 291 -24.06 21.02 -1.83
CA MET C 291 -24.96 21.90 -2.57
C MET C 291 -26.39 21.38 -2.60
N TYR C 292 -26.58 20.07 -2.78
CA TYR C 292 -27.94 19.54 -2.81
C TYR C 292 -28.63 19.68 -1.45
N LEU C 293 -27.89 19.54 -0.35
CA LEU C 293 -28.48 19.76 0.97
C LEU C 293 -28.98 21.18 1.18
N GLU C 294 -28.36 22.17 0.55
CA GLU C 294 -28.82 23.54 0.69
C GLU C 294 -30.22 23.77 0.14
N PHE C 295 -30.73 22.88 -0.71
CA PHE C 295 -32.07 23.00 -1.25
C PHE C 295 -33.18 22.59 -0.29
N GLN C 296 -32.87 22.00 0.86
CA GLN C 296 -33.91 21.48 1.73
C GLN C 296 -34.75 22.59 2.36
N TYR C 297 -34.23 23.80 2.48
CA TYR C 297 -34.96 24.90 3.08
C TYR C 297 -35.96 25.50 2.10
N SER C 298 -36.97 26.17 2.64
CA SER C 298 -38.02 26.78 1.83
C SER C 298 -37.44 27.79 0.82
N PHE C 299 -37.81 27.63 -0.45
CA PHE C 299 -37.33 28.53 -1.49
C PHE C 299 -38.01 29.89 -1.48
N GLU C 300 -39.14 30.03 -0.79
CA GLU C 300 -39.84 31.30 -0.76
C GLU C 300 -39.02 32.43 -0.14
N MET C 301 -38.12 32.13 0.78
CA MET C 301 -37.38 33.16 1.51
C MET C 301 -35.88 32.90 1.54
N CYS C 302 -35.35 32.08 0.66
CA CYS C 302 -33.92 31.81 0.65
C CYS C 302 -33.16 33.08 0.27
N LEU C 303 -32.28 33.52 1.17
CA LEU C 303 -31.50 34.73 0.91
C LEU C 303 -30.50 34.55 -0.23
N LYS C 304 -29.87 33.39 -0.34
CA LYS C 304 -28.99 33.15 -1.49
C LYS C 304 -29.74 33.25 -2.81
N CYS C 305 -31.00 32.83 -2.84
CA CYS C 305 -31.84 33.06 -4.01
C CYS C 305 -32.17 34.53 -4.19
N ILE C 306 -32.67 35.19 -3.14
CA ILE C 306 -33.04 36.60 -3.25
C ILE C 306 -31.85 37.50 -3.57
N LYS C 307 -30.67 37.18 -3.07
CA LYS C 307 -29.45 37.89 -3.47
C LYS C 307 -28.81 37.38 -4.76
N LYS C 308 -29.33 36.31 -5.37
CA LYS C 308 -28.82 35.76 -6.63
C LYS C 308 -27.31 35.53 -6.60
N GLU C 309 -26.82 34.97 -5.50
CA GLU C 309 -25.37 34.95 -5.24
C GLU C 309 -24.64 33.97 -6.14
N GLN C 310 -25.24 32.81 -6.42
CA GLN C 310 -24.54 31.71 -7.09
C GLN C 310 -25.42 31.00 -8.10
N PRO C 311 -25.05 31.01 -9.39
CA PRO C 311 -25.90 30.39 -10.43
C PRO C 311 -26.33 28.95 -10.16
N SER C 312 -25.41 28.10 -9.71
CA SER C 312 -25.72 26.70 -9.44
C SER C 312 -26.69 26.52 -8.30
N HIS C 313 -26.94 27.56 -7.52
CA HIS C 313 -28.01 27.55 -6.53
C HIS C 313 -29.29 28.14 -7.08
N TYR C 314 -29.27 29.42 -7.44
CA TYR C 314 -30.54 30.13 -7.61
C TYR C 314 -31.30 29.67 -8.85
N LYS C 315 -30.61 29.14 -9.86
CA LYS C 315 -31.31 28.54 -10.99
C LYS C 315 -32.11 27.30 -10.58
N TYR C 316 -31.61 26.54 -9.62
CA TYR C 316 -31.99 25.14 -9.43
C TYR C 316 -32.78 24.85 -8.16
N HIS C 317 -32.70 25.70 -7.14
CA HIS C 317 -33.37 25.43 -5.87
C HIS C 317 -34.85 25.12 -6.03
N GLU C 318 -35.58 25.94 -6.78
CA GLU C 318 -37.03 25.78 -6.83
C GLU C 318 -37.47 24.47 -7.49
N LYS C 319 -36.72 23.96 -8.45
CA LYS C 319 -37.03 22.66 -9.04
C LYS C 319 -36.81 21.50 -8.07
N HIS C 320 -35.74 21.52 -7.29
CA HIS C 320 -35.33 20.37 -6.48
C HIS C 320 -35.81 20.39 -5.03
N TYR C 321 -36.43 21.48 -4.58
CA TYR C 321 -36.87 21.60 -3.19
C TYR C 321 -37.62 20.38 -2.65
N ALA C 322 -38.62 19.89 -3.38
CA ALA C 322 -39.41 18.77 -2.86
C ALA C 322 -38.59 17.50 -2.69
N ASN C 323 -37.67 17.25 -3.62
CA ASN C 323 -36.79 16.09 -3.49
C ASN C 323 -35.73 16.26 -2.41
N ALA C 324 -35.19 17.47 -2.28
CA ALA C 324 -34.23 17.74 -1.22
C ALA C 324 -34.81 17.54 0.16
N ALA C 325 -36.11 17.77 0.34
CA ALA C 325 -36.74 17.44 1.62
C ALA C 325 -36.72 15.95 1.94
N ILE C 326 -36.95 15.09 0.94
CA ILE C 326 -36.88 13.65 1.20
C ILE C 326 -35.44 13.17 1.23
N PHE C 327 -34.55 13.77 0.44
CA PHE C 327 -33.13 13.48 0.52
C PHE C 327 -32.57 13.80 1.91
N ALA C 328 -32.95 14.93 2.48
CA ALA C 328 -32.45 15.30 3.80
C ALA C 328 -32.81 14.28 4.89
N ASP C 329 -33.94 13.58 4.77
CA ASP C 329 -34.28 12.50 5.68
C ASP C 329 -33.60 11.16 5.38
N SER C 330 -33.01 11.00 4.21
CA SER C 330 -32.55 9.69 3.76
C SER C 330 -31.31 9.21 4.50
N LYS C 331 -31.13 7.89 4.52
CA LYS C 331 -30.03 7.22 5.18
C LYS C 331 -28.92 6.78 4.22
N ASN C 332 -29.08 7.00 2.92
CA ASN C 332 -28.16 6.53 1.88
C ASN C 332 -27.46 7.67 1.14
N GLN C 333 -27.28 8.81 1.81
CA GLN C 333 -26.98 10.05 1.09
C GLN C 333 -25.71 9.96 0.24
N LYS C 334 -24.62 9.43 0.79
CA LYS C 334 -23.39 9.29 0.02
C LYS C 334 -23.49 8.23 -1.08
N THR C 335 -24.37 7.24 -0.91
CA THR C 335 -24.57 6.26 -1.98
C THR C 335 -25.31 6.89 -3.17
N ILE C 336 -26.31 7.72 -2.90
CA ILE C 336 -26.97 8.49 -3.97
C ILE C 336 -25.99 9.39 -4.71
N CYS C 337 -25.10 10.05 -3.97
CA CYS C 337 -24.13 10.96 -4.59
C CYS C 337 -23.03 10.26 -5.38
N GLN C 338 -22.56 9.10 -4.94
CA GLN C 338 -21.53 8.41 -5.72
C GLN C 338 -22.05 7.94 -7.07
N GLN C 339 -23.27 7.42 -7.11
CA GLN C 339 -23.89 7.09 -8.40
C GLN C 339 -24.08 8.31 -9.28
N ALA C 340 -24.52 9.42 -8.71
CA ALA C 340 -24.66 10.66 -9.47
C ALA C 340 -23.33 11.17 -10.02
N VAL C 341 -22.25 11.09 -9.23
CA VAL C 341 -20.93 11.49 -9.70
C VAL C 341 -20.39 10.54 -10.77
N ASP C 342 -20.59 9.24 -10.60
CA ASP C 342 -20.15 8.29 -11.63
C ASP C 342 -20.90 8.46 -12.94
N THR C 343 -22.13 8.95 -12.90
CA THR C 343 -22.83 9.34 -14.13
C THR C 343 -22.15 10.50 -14.87
N VAL C 344 -21.65 11.49 -14.14
CA VAL C 344 -20.89 12.55 -14.80
C VAL C 344 -19.56 12.04 -15.34
N LEU C 345 -18.85 11.21 -14.57
CA LEU C 345 -17.60 10.63 -15.08
C LEU C 345 -17.84 9.73 -16.29
N ALA C 346 -18.96 9.02 -16.35
CA ALA C 346 -19.29 8.22 -17.53
C ALA C 346 -19.55 9.09 -18.76
N LYS C 347 -20.21 10.23 -18.60
CA LYS C 347 -20.42 11.14 -19.72
C LYS C 347 -19.11 11.66 -20.31
N LYS C 348 -18.14 12.01 -19.45
CA LYS C 348 -16.82 12.41 -19.91
C LYS C 348 -16.09 11.32 -20.69
N ARG C 349 -16.13 10.07 -20.23
CA ARG C 349 -15.44 9.02 -20.97
C ARG C 349 -16.13 8.61 -22.27
N VAL C 350 -17.45 8.74 -22.35
CA VAL C 350 -18.11 8.62 -23.65
C VAL C 350 -17.63 9.73 -24.59
N ASP C 351 -17.61 10.96 -24.11
CA ASP C 351 -17.16 12.09 -24.94
C ASP C 351 -15.70 11.97 -25.38
N SER C 352 -14.79 11.57 -24.48
CA SER C 352 -13.38 11.54 -24.87
C SER C 352 -13.08 10.52 -25.96
N LEU C 353 -13.88 9.47 -26.11
CA LEU C 353 -13.74 8.55 -27.24
C LEU C 353 -14.53 8.96 -28.47
N GLN C 354 -15.81 9.31 -28.33
CA GLN C 354 -16.67 9.50 -29.49
C GLN C 354 -16.60 10.88 -30.16
N LEU C 355 -16.19 11.94 -29.47
CA LEU C 355 -16.14 13.27 -30.10
C LEU C 355 -14.88 13.45 -30.93
N THR C 356 -14.96 14.28 -31.97
CA THR C 356 -13.77 14.81 -32.60
C THR C 356 -13.16 15.91 -31.73
N ARG C 357 -11.84 16.05 -31.83
CA ARG C 357 -11.14 17.07 -31.04
C ARG C 357 -11.60 18.49 -31.39
N GLU C 358 -12.08 18.69 -32.61
CA GLU C 358 -12.68 19.96 -32.99
C GLU C 358 -13.97 20.25 -32.22
N GLN C 359 -14.82 19.25 -32.04
CA GLN C 359 -16.02 19.43 -31.22
C GLN C 359 -15.68 19.68 -29.76
N MET C 360 -14.68 18.99 -29.23
CA MET C 360 -14.26 19.22 -27.85
C MET C 360 -13.88 20.67 -27.61
N LEU C 361 -13.09 21.25 -28.50
CA LEU C 361 -12.73 22.65 -28.37
C LEU C 361 -13.92 23.58 -28.56
N THR C 362 -14.85 23.23 -29.45
CA THR C 362 -16.05 24.02 -29.62
C THR C 362 -16.93 23.99 -28.37
N ASN C 363 -17.09 22.82 -27.77
CA ASN C 363 -17.82 22.71 -26.50
C ASN C 363 -17.16 23.52 -25.38
N ARG C 364 -15.83 23.47 -25.28
CA ARG C 364 -15.14 24.28 -24.29
C ARG C 364 -15.34 25.77 -24.52
N PHE C 365 -15.22 26.23 -25.77
CA PHE C 365 -15.45 27.65 -26.05
C PHE C 365 -16.87 28.08 -25.73
N ASN C 366 -17.85 27.23 -26.01
CA ASN C 366 -19.22 27.51 -25.58
C ASN C 366 -19.32 27.75 -24.08
N ASP C 367 -18.69 26.89 -23.28
CA ASP C 367 -18.71 27.06 -21.82
C ASP C 367 -18.05 28.35 -21.35
N LEU C 368 -16.95 28.75 -21.98
CA LEU C 368 -16.35 30.05 -21.63
C LEU C 368 -17.26 31.21 -21.98
N LEU C 369 -17.84 31.19 -23.17
CA LEU C 369 -18.79 32.24 -23.56
C LEU C 369 -19.96 32.34 -22.59
N ASP C 370 -20.45 31.21 -22.08
CA ASP C 370 -21.47 31.26 -21.02
C ASP C 370 -20.99 31.98 -19.75
N ARG C 371 -19.74 31.78 -19.32
CA ARG C 371 -19.22 32.62 -18.23
C ARG C 371 -19.16 34.08 -18.60
N MET C 372 -18.64 34.39 -19.79
CA MET C 372 -18.43 35.78 -20.17
C MET C 372 -19.74 36.57 -20.17
N ASP C 373 -20.81 35.97 -20.71
CA ASP C 373 -22.12 36.62 -20.65
C ASP C 373 -22.57 36.92 -19.22
N ILE C 374 -22.18 36.10 -18.26
CA ILE C 374 -22.50 36.37 -16.87
C ILE C 374 -21.60 37.45 -16.29
N MET C 375 -20.29 37.33 -16.50
CA MET C 375 -19.34 38.27 -15.92
C MET C 375 -19.60 39.70 -16.40
N PHE C 376 -19.97 39.86 -17.65
CA PHE C 376 -20.19 41.18 -18.24
C PHE C 376 -21.66 41.51 -18.41
N GLY C 377 -22.55 40.75 -17.80
CA GLY C 377 -23.97 41.01 -17.85
C GLY C 377 -24.40 42.14 -16.94
N SER C 378 -25.71 42.26 -16.76
CA SER C 378 -26.27 43.24 -15.85
C SER C 378 -25.97 42.93 -14.39
N THR C 379 -25.73 41.67 -14.03
CA THR C 379 -25.21 41.33 -12.71
C THR C 379 -23.68 41.24 -12.70
N GLY C 380 -23.04 41.80 -13.72
CA GLY C 380 -21.62 41.57 -13.93
C GLY C 380 -20.74 42.27 -12.89
N SER C 381 -19.81 41.51 -12.31
CA SER C 381 -18.79 42.05 -11.43
C SER C 381 -17.57 42.56 -12.17
N ALA C 382 -17.34 42.10 -13.39
CA ALA C 382 -16.15 42.44 -14.17
C ALA C 382 -16.41 43.65 -15.03
N ASP C 383 -15.33 44.26 -15.51
CA ASP C 383 -15.43 45.37 -16.47
C ASP C 383 -14.64 45.04 -17.72
N ILE C 384 -15.31 45.09 -18.87
CA ILE C 384 -14.72 44.67 -20.13
C ILE C 384 -13.53 45.55 -20.50
N GLU C 385 -13.54 46.79 -20.07
CA GLU C 385 -12.39 47.68 -20.20
C GLU C 385 -11.14 47.12 -19.55
N GLU C 386 -11.25 46.67 -18.29
CA GLU C 386 -10.07 46.14 -17.60
C GLU C 386 -9.59 44.83 -18.21
N TRP C 387 -10.50 43.99 -18.68
CA TRP C 387 -10.08 42.74 -19.30
C TRP C 387 -9.43 42.98 -20.67
N MET C 388 -9.91 43.94 -21.44
CA MET C 388 -9.21 44.34 -22.67
C MET C 388 -7.93 45.12 -22.42
N ALA C 389 -7.77 45.74 -21.26
CA ALA C 389 -6.43 46.15 -20.85
C ALA C 389 -5.49 44.96 -20.73
N GLY C 390 -6.00 43.82 -20.26
CA GLY C 390 -5.20 42.60 -20.23
C GLY C 390 -4.78 42.09 -21.59
N VAL C 391 -5.71 42.07 -22.55
CA VAL C 391 -5.37 41.69 -23.92
C VAL C 391 -4.25 42.55 -24.48
N ALA C 392 -4.28 43.85 -24.21
CA ALA C 392 -3.20 44.71 -24.68
C ALA C 392 -1.86 44.34 -24.07
N TRP C 393 -1.83 43.99 -22.79
CA TRP C 393 -0.59 43.55 -22.16
C TRP C 393 -0.10 42.21 -22.70
N LEU C 394 -1.01 41.26 -22.89
CA LEU C 394 -0.61 39.95 -23.39
C LEU C 394 -0.01 40.01 -24.79
N HIS C 395 -0.58 40.81 -25.68
CA HIS C 395 -0.05 40.90 -27.05
C HIS C 395 1.35 41.49 -27.10
N CYS C 396 1.82 42.15 -26.05
CA CYS C 396 3.19 42.65 -26.00
C CYS C 396 4.20 41.61 -25.55
N LEU C 397 3.76 40.53 -24.93
CA LEU C 397 4.68 39.59 -24.32
C LEU C 397 5.50 38.83 -25.37
N LEU C 398 4.92 38.53 -26.53
CA LEU C 398 5.63 37.90 -27.63
C LEU C 398 5.23 38.56 -28.93
N PRO C 399 6.08 38.50 -29.95
CA PRO C 399 5.65 38.85 -31.31
C PRO C 399 4.48 38.00 -31.78
N LYS C 400 3.55 38.65 -32.47
CA LYS C 400 2.46 37.98 -33.20
C LYS C 400 1.69 36.98 -32.33
N MET C 401 1.30 37.43 -31.13
CA MET C 401 0.72 36.54 -30.15
C MET C 401 -0.54 35.83 -30.65
N ASP C 402 -1.40 36.52 -31.42
CA ASP C 402 -2.62 35.85 -31.88
C ASP C 402 -2.33 34.73 -32.89
N SER C 403 -1.25 34.85 -33.65
CA SER C 403 -0.81 33.73 -34.49
C SER C 403 -0.15 32.61 -33.68
N VAL C 404 0.64 32.96 -32.67
CA VAL C 404 1.16 31.93 -31.76
C VAL C 404 0.02 31.15 -31.11
N VAL C 405 -1.01 31.84 -30.64
CA VAL C 405 -2.13 31.15 -30.00
C VAL C 405 -2.87 30.26 -31.00
N TYR C 406 -3.18 30.80 -32.18
CA TYR C 406 -3.87 30.00 -33.18
C TYR C 406 -3.04 28.80 -33.65
N ASP C 407 -1.73 28.98 -33.80
CA ASP C 407 -0.86 27.86 -34.14
C ASP C 407 -0.84 26.79 -33.06
N PHE C 408 -0.93 27.18 -31.79
CA PHE C 408 -1.07 26.20 -30.71
C PHE C 408 -2.39 25.43 -30.79
N LEU C 409 -3.51 26.14 -30.96
CA LEU C 409 -4.80 25.45 -31.03
C LEU C 409 -4.86 24.42 -32.15
N LYS C 410 -4.42 24.81 -33.36
CA LYS C 410 -4.34 23.85 -34.45
C LYS C 410 -3.53 22.62 -34.09
N CYS C 411 -2.35 22.85 -33.52
CA CYS C 411 -1.48 21.75 -33.13
C CYS C 411 -2.16 20.80 -32.16
N MET C 412 -2.86 21.33 -31.16
CA MET C 412 -3.59 20.47 -30.23
C MET C 412 -4.76 19.75 -30.90
N VAL C 413 -5.45 20.40 -31.82
CA VAL C 413 -6.58 19.76 -32.49
C VAL C 413 -6.11 18.66 -33.45
N TYR C 414 -5.07 18.91 -34.23
CA TYR C 414 -4.59 17.86 -35.13
C TYR C 414 -3.89 16.72 -34.37
N ASN C 415 -3.15 17.03 -33.31
CA ASN C 415 -2.54 15.98 -32.48
C ASN C 415 -1.76 14.98 -33.33
N ILE C 416 -0.99 15.52 -34.28
CA ILE C 416 -0.18 14.71 -35.20
C ILE C 416 0.86 13.91 -34.41
N PRO C 417 1.04 12.61 -34.64
CA PRO C 417 2.03 11.85 -33.89
C PRO C 417 3.42 12.49 -33.87
N LYS C 418 4.02 12.51 -32.68
CA LYS C 418 5.33 13.12 -32.40
C LYS C 418 5.43 14.63 -32.59
N LYS C 419 4.68 15.21 -33.53
CA LYS C 419 4.66 16.66 -33.69
C LYS C 419 3.68 17.35 -32.72
N ARG C 420 3.77 17.04 -31.43
CA ARG C 420 2.69 17.29 -30.47
C ARG C 420 3.00 18.35 -29.41
N TYR C 421 4.22 18.44 -28.92
CA TYR C 421 4.55 19.24 -27.75
C TYR C 421 5.33 20.50 -28.08
N TRP C 422 5.02 21.58 -27.36
CA TRP C 422 5.68 22.88 -27.43
C TRP C 422 6.49 23.15 -26.17
N LEU C 423 7.67 23.74 -26.35
CA LEU C 423 8.61 23.99 -25.25
C LEU C 423 8.70 25.50 -24.96
N PHE C 424 8.46 25.88 -23.72
CA PHE C 424 8.59 27.27 -23.28
C PHE C 424 9.86 27.42 -22.45
N LYS C 425 10.81 28.20 -22.94
CA LYS C 425 12.16 28.23 -22.38
C LYS C 425 12.58 29.67 -22.09
N GLY C 426 13.37 29.85 -21.04
CA GLY C 426 13.98 31.14 -20.76
C GLY C 426 14.09 31.50 -19.30
N PRO C 427 14.76 32.62 -19.00
CA PRO C 427 14.99 33.04 -17.62
C PRO C 427 13.76 33.12 -16.72
N ILE C 428 14.04 33.28 -15.43
CA ILE C 428 12.99 33.45 -14.43
C ILE C 428 12.13 34.69 -14.69
N ASP C 429 10.86 34.61 -14.29
CA ASP C 429 9.89 35.70 -14.43
C ASP C 429 9.74 36.21 -15.86
N SER C 430 9.79 35.31 -16.83
CA SER C 430 9.64 35.68 -18.23
C SER C 430 8.20 35.51 -18.74
N GLY C 431 7.28 35.03 -17.93
CA GLY C 431 5.89 34.90 -18.34
C GLY C 431 5.50 33.58 -18.94
N LYS C 432 6.40 32.60 -18.95
CA LYS C 432 6.08 31.29 -19.51
C LYS C 432 4.95 30.60 -18.73
N THR C 433 4.96 30.67 -17.40
CA THR C 433 3.81 30.18 -16.64
C THR C 433 2.55 31.01 -16.90
N THR C 434 2.70 32.32 -17.06
CA THR C 434 1.55 33.18 -17.36
C THR C 434 0.85 32.75 -18.65
N LEU C 435 1.61 32.47 -19.70
CA LEU C 435 1.00 32.03 -20.95
C LEU C 435 0.51 30.58 -20.89
N ALA C 436 1.26 29.70 -20.23
CA ALA C 436 0.82 28.31 -20.10
C ALA C 436 -0.48 28.21 -19.31
N ALA C 437 -0.62 28.99 -18.24
CA ALA C 437 -1.85 28.99 -17.47
C ALA C 437 -3.02 29.53 -18.28
N ALA C 438 -2.79 30.54 -19.10
CA ALA C 438 -3.84 31.07 -19.97
C ALA C 438 -4.28 30.06 -21.02
N LEU C 439 -3.31 29.41 -21.68
CA LEU C 439 -3.66 28.34 -22.62
C LEU C 439 -4.29 27.14 -21.94
N LEU C 440 -3.88 26.83 -20.71
CA LEU C 440 -4.50 25.72 -19.99
C LEU C 440 -5.96 26.00 -19.62
N GLU C 441 -6.29 27.20 -19.15
CA GLU C 441 -7.70 27.50 -18.90
C GLU C 441 -8.51 27.61 -20.20
N LEU C 442 -7.88 28.02 -21.29
CA LEU C 442 -8.61 28.09 -22.56
C LEU C 442 -9.04 26.70 -23.02
N CYS C 443 -8.11 25.76 -23.13
CA CYS C 443 -8.43 24.43 -23.65
C CYS C 443 -9.03 23.51 -22.59
N GLY C 444 -8.70 23.69 -21.33
CA GLY C 444 -8.96 22.68 -20.32
C GLY C 444 -7.91 21.59 -20.28
N GLY C 445 -7.57 21.14 -19.09
CA GLY C 445 -6.46 20.23 -18.91
C GLY C 445 -5.87 20.39 -17.52
N LYS C 446 -4.75 19.71 -17.31
CA LYS C 446 -4.14 19.59 -15.98
C LYS C 446 -2.65 19.88 -16.02
N ALA C 447 -2.11 20.30 -14.90
CA ALA C 447 -0.67 20.50 -14.72
C ALA C 447 -0.07 19.37 -13.90
N LEU C 448 1.05 18.82 -14.36
CA LEU C 448 1.73 17.70 -13.70
C LEU C 448 3.15 18.09 -13.30
N ASN C 449 3.54 17.70 -12.09
CA ASN C 449 4.88 17.97 -11.56
C ASN C 449 5.72 16.70 -11.54
N VAL C 450 6.43 16.45 -12.64
CA VAL C 450 7.32 15.28 -12.78
C VAL C 450 8.68 15.45 -12.12
N ASN C 451 8.89 16.52 -11.35
CA ASN C 451 10.06 16.57 -10.49
C ASN C 451 9.95 15.68 -9.26
N LEU C 452 8.74 15.33 -8.83
CA LEU C 452 8.55 14.46 -7.67
C LEU C 452 9.14 13.07 -7.89
N PRO C 453 9.39 12.34 -6.80
CA PRO C 453 10.18 11.10 -6.90
C PRO C 453 9.62 10.09 -7.88
N LEU C 454 10.53 9.29 -8.41
CA LEU C 454 10.27 8.39 -9.51
C LEU C 454 9.22 7.32 -9.20
N ASP C 455 8.85 7.10 -7.94
CA ASP C 455 7.77 6.16 -7.64
C ASP C 455 6.40 6.82 -7.56
N ARG C 456 6.30 7.97 -6.91
CA ARG C 456 5.04 8.70 -6.89
C ARG C 456 4.61 9.10 -8.29
N LEU C 457 5.58 9.21 -9.20
CA LEU C 457 5.33 9.58 -10.60
C LEU C 457 4.22 8.79 -11.26
N ASN C 458 4.03 7.52 -10.92
CA ASN C 458 2.98 6.73 -11.55
C ASN C 458 1.58 7.29 -11.32
N PHE C 459 1.23 7.64 -10.08
CA PHE C 459 -0.08 8.25 -9.82
C PHE C 459 -0.15 9.71 -10.22
N GLU C 460 0.98 10.41 -10.27
CA GLU C 460 0.98 11.77 -10.79
C GLU C 460 0.57 11.80 -12.26
N LEU C 461 1.19 10.96 -13.08
CA LEU C 461 0.81 10.87 -14.49
C LEU C 461 -0.61 10.37 -14.70
N GLY C 462 -1.18 9.63 -13.74
CA GLY C 462 -2.56 9.20 -13.80
C GLY C 462 -3.60 10.31 -13.85
N VAL C 463 -3.23 11.54 -13.49
CA VAL C 463 -4.13 12.67 -13.60
C VAL C 463 -4.48 13.04 -15.03
N ALA C 464 -3.68 12.62 -16.00
CA ALA C 464 -3.93 12.91 -17.41
C ALA C 464 -5.11 12.16 -18.01
N ILE C 465 -5.70 11.19 -17.31
CA ILE C 465 -6.78 10.38 -17.88
C ILE C 465 -7.94 11.25 -18.37
N ASP C 466 -8.31 11.04 -19.64
CA ASP C 466 -9.36 11.77 -20.38
C ASP C 466 -9.13 13.27 -20.57
N GLN C 467 -7.96 13.80 -20.25
CA GLN C 467 -7.74 15.25 -20.38
C GLN C 467 -7.40 15.64 -21.81
N PHE C 468 -7.63 16.91 -22.14
CA PHE C 468 -7.27 17.48 -23.43
C PHE C 468 -5.81 17.97 -23.45
N LEU C 469 -5.46 18.95 -22.64
CA LEU C 469 -4.06 19.36 -22.48
C LEU C 469 -3.43 18.72 -21.26
N VAL C 470 -2.11 18.63 -21.29
CA VAL C 470 -1.29 18.45 -20.10
C VAL C 470 -0.12 19.44 -20.13
N VAL C 471 0.14 20.09 -19.00
CA VAL C 471 1.23 21.06 -18.86
C VAL C 471 2.20 20.56 -17.81
N PHE C 472 3.47 20.41 -18.21
CA PHE C 472 4.54 19.99 -17.33
C PHE C 472 5.30 21.22 -16.86
N GLU C 473 5.27 21.49 -15.56
CA GLU C 473 5.67 22.79 -15.03
C GLU C 473 7.08 22.79 -14.45
N ASP C 474 7.88 23.71 -14.93
CA ASP C 474 9.21 24.03 -14.40
C ASP C 474 10.04 22.78 -14.09
N VAL C 475 10.29 21.99 -15.12
CA VAL C 475 11.05 20.77 -14.97
C VAL C 475 12.53 21.10 -14.78
N LYS C 476 13.12 20.53 -13.75
CA LYS C 476 14.54 20.71 -13.44
C LYS C 476 15.43 19.81 -14.29
N GLY C 477 16.47 20.40 -14.86
CA GLY C 477 17.58 19.64 -15.44
C GLY C 477 18.69 19.41 -14.44
N THR C 478 19.90 19.22 -14.97
CA THR C 478 21.13 19.20 -14.19
C THR C 478 22.18 20.04 -14.92
N GLY C 479 23.23 20.39 -14.20
CA GLY C 479 24.32 21.12 -14.82
C GLY C 479 23.95 22.53 -15.20
N GLY C 480 23.41 23.27 -14.24
CA GLY C 480 23.04 24.66 -14.44
C GLY C 480 23.69 25.57 -13.41
N GLU C 481 24.43 24.99 -12.47
CA GLU C 481 24.98 25.74 -11.35
C GLU C 481 26.05 26.73 -11.76
N SER C 482 26.60 26.58 -12.96
CA SER C 482 27.42 27.65 -13.52
C SER C 482 26.61 28.91 -13.78
N ARG C 483 25.29 28.78 -13.90
CA ARG C 483 24.39 29.90 -14.14
C ARG C 483 23.29 29.97 -13.08
N ASP C 484 23.61 29.48 -11.87
CA ASP C 484 22.77 29.50 -10.68
C ASP C 484 21.47 28.69 -10.76
N LEU C 485 21.35 27.76 -11.70
CA LEU C 485 20.14 26.92 -11.79
C LEU C 485 20.39 25.58 -11.10
N PRO C 486 19.63 25.22 -10.06
CA PRO C 486 19.91 24.00 -9.32
C PRO C 486 19.48 22.73 -10.05
N SER C 487 20.23 21.66 -9.79
CA SER C 487 19.95 20.34 -10.33
C SER C 487 18.66 19.71 -9.80
N GLY C 488 18.09 18.82 -10.60
CA GLY C 488 16.99 17.97 -10.21
C GLY C 488 16.86 16.81 -11.18
N GLN C 489 15.72 16.13 -11.16
CA GLN C 489 15.51 14.93 -11.95
C GLN C 489 14.47 15.06 -13.06
N GLY C 490 13.81 16.21 -13.19
CA GLY C 490 12.75 16.34 -14.18
C GLY C 490 13.13 15.95 -15.61
N ILE C 491 14.27 16.42 -16.09
CA ILE C 491 14.66 16.13 -17.47
C ILE C 491 15.06 14.68 -17.65
N ASN C 492 15.71 14.10 -16.64
CA ASN C 492 15.98 12.66 -16.67
C ASN C 492 14.70 11.84 -16.66
N ASN C 493 13.70 12.23 -15.86
CA ASN C 493 12.40 11.57 -15.88
C ASN C 493 11.69 11.70 -17.22
N LEU C 494 11.63 12.90 -17.78
CA LEU C 494 10.94 13.08 -19.05
C LEU C 494 11.58 12.24 -20.15
N ASP C 495 12.90 12.12 -20.14
CA ASP C 495 13.54 11.25 -21.10
C ASP C 495 13.21 9.77 -20.91
N ASN C 496 12.64 9.37 -19.79
CA ASN C 496 12.13 8.01 -19.61
C ASN C 496 10.68 7.84 -20.06
N LEU C 497 9.95 8.93 -20.29
CA LEU C 497 8.53 8.90 -20.64
C LEU C 497 8.27 9.15 -22.13
N ARG C 498 9.27 8.88 -22.98
CA ARG C 498 9.19 9.21 -24.41
C ARG C 498 7.93 8.68 -25.10
N ASP C 499 7.56 7.43 -24.83
CA ASP C 499 6.36 6.88 -25.48
C ASP C 499 5.07 7.56 -25.05
N TYR C 500 5.06 8.25 -23.91
CA TYR C 500 3.91 9.07 -23.54
C TYR C 500 3.88 10.37 -24.34
N LEU C 501 5.03 11.03 -24.50
CA LEU C 501 5.08 12.26 -25.27
C LEU C 501 4.81 12.02 -26.76
N ASP C 502 5.33 10.93 -27.32
CA ASP C 502 5.20 10.68 -28.75
C ASP C 502 3.76 10.49 -29.18
N GLY C 503 2.96 9.77 -28.40
CA GLY C 503 1.56 9.56 -28.73
C GLY C 503 1.30 8.63 -29.88
N SER C 504 2.29 7.88 -30.36
CA SER C 504 2.06 6.86 -31.37
C SER C 504 1.28 5.67 -30.81
N VAL C 505 1.49 5.33 -29.55
CA VAL C 505 0.95 4.12 -28.95
C VAL C 505 0.12 4.46 -27.72
N LYS C 506 -0.84 3.59 -27.44
CA LYS C 506 -1.62 3.71 -26.21
C LYS C 506 -0.78 3.28 -25.01
N VAL C 507 -0.95 4.01 -23.90
CA VAL C 507 -0.11 3.87 -22.72
C VAL C 507 -0.99 3.70 -21.49
N ASN C 508 -0.41 3.07 -20.46
CA ASN C 508 -1.14 2.55 -19.31
C ASN C 508 -1.17 3.57 -18.17
N LEU C 509 -2.35 4.08 -17.82
CA LEU C 509 -2.50 5.15 -16.83
C LEU C 509 -3.38 4.68 -15.68
N GLU C 510 -3.03 5.09 -14.45
CA GLU C 510 -3.56 4.45 -13.25
C GLU C 510 -4.04 5.43 -12.19
N LYS C 511 -5.12 5.07 -11.51
CA LYS C 511 -5.65 5.79 -10.36
C LYS C 511 -5.68 4.84 -9.16
N LYS C 512 -5.61 5.40 -7.95
CA LYS C 512 -5.63 4.57 -6.76
C LYS C 512 -6.95 3.82 -6.63
N HIS C 513 -6.84 2.56 -6.23
CA HIS C 513 -7.97 1.63 -6.13
C HIS C 513 -8.71 1.45 -7.46
N LEU C 514 -8.01 1.67 -8.58
CA LEU C 514 -8.49 1.25 -9.89
C LEU C 514 -7.34 0.63 -10.65
N ASN C 515 -7.67 -0.26 -11.58
CA ASN C 515 -6.69 -0.75 -12.54
C ASN C 515 -6.57 0.18 -13.75
N LYS C 516 -5.51 -0.04 -14.52
CA LYS C 516 -5.06 0.94 -15.50
C LYS C 516 -6.04 1.19 -16.64
N ARG C 517 -6.07 2.45 -17.08
CA ARG C 517 -6.80 2.92 -18.26
C ARG C 517 -5.80 3.16 -19.41
N THR C 518 -6.05 2.56 -20.57
CA THR C 518 -5.11 2.58 -21.68
C THR C 518 -5.54 3.60 -22.73
N GLN C 519 -4.69 4.62 -22.98
CA GLN C 519 -5.02 5.66 -23.94
C GLN C 519 -3.75 6.35 -24.45
N ILE C 520 -3.92 7.13 -25.52
CA ILE C 520 -2.89 8.05 -25.98
C ILE C 520 -2.76 9.21 -25.00
N PHE C 521 -1.56 9.42 -24.49
CA PHE C 521 -1.33 10.48 -23.50
C PHE C 521 -1.39 11.86 -24.16
N PRO C 522 -2.15 12.81 -23.61
CA PRO C 522 -2.52 14.05 -24.35
C PRO C 522 -1.33 14.94 -24.69
N PRO C 523 -1.51 15.86 -25.63
CA PRO C 523 -0.48 16.85 -25.97
C PRO C 523 -0.42 18.01 -24.97
N GLY C 524 0.57 18.89 -25.17
CA GLY C 524 0.65 20.14 -24.42
C GLY C 524 2.02 20.80 -24.29
N ILE C 525 2.32 21.38 -23.12
CA ILE C 525 3.39 22.37 -22.97
C ILE C 525 4.36 21.93 -21.87
N VAL C 526 5.65 22.08 -22.13
CA VAL C 526 6.70 21.92 -21.12
C VAL C 526 7.36 23.27 -20.86
N THR C 527 7.44 23.65 -19.58
CA THR C 527 8.06 24.91 -19.17
C THR C 527 9.37 24.65 -18.42
N MET C 528 10.45 25.31 -18.83
CA MET C 528 11.72 25.11 -18.15
C MET C 528 12.64 26.32 -18.28
N ASN C 529 13.48 26.50 -17.27
CA ASN C 529 14.59 27.42 -17.30
C ASN C 529 15.73 26.85 -18.16
N GLU C 530 16.79 27.63 -18.35
CA GLU C 530 17.81 27.33 -19.35
C GLU C 530 18.76 26.18 -19.01
N TYR C 531 18.22 25.02 -18.67
CA TYR C 531 18.98 23.78 -18.63
C TYR C 531 19.18 23.23 -20.05
N SER C 532 20.21 22.38 -20.21
CA SER C 532 20.44 21.72 -21.50
C SER C 532 19.56 20.48 -21.66
N VAL C 533 19.08 20.26 -22.87
CA VAL C 533 18.09 19.20 -23.16
C VAL C 533 18.73 18.13 -24.05
N PRO C 534 18.54 16.84 -23.75
CA PRO C 534 19.03 15.77 -24.64
C PRO C 534 18.54 15.90 -26.08
N LYS C 535 19.36 15.40 -27.01
CA LYS C 535 18.92 15.24 -28.40
C LYS C 535 17.67 14.38 -28.50
N THR C 536 17.60 13.32 -27.69
CA THR C 536 16.46 12.41 -27.72
C THR C 536 15.16 13.10 -27.34
N LEU C 537 15.22 14.02 -26.39
CA LEU C 537 14.01 14.74 -25.99
C LEU C 537 13.78 15.94 -26.90
N GLN C 538 14.84 16.62 -27.33
CA GLN C 538 14.68 17.73 -28.25
C GLN C 538 13.96 17.31 -29.54
N ALA C 539 14.16 16.07 -29.99
CA ALA C 539 13.41 15.52 -31.12
C ALA C 539 11.91 15.44 -30.92
N ARG C 540 11.40 15.48 -29.68
CA ARG C 540 9.95 15.46 -29.46
C ARG C 540 9.25 16.81 -29.61
N PHE C 541 9.97 17.92 -29.61
CA PHE C 541 9.34 19.24 -29.54
C PHE C 541 9.22 19.87 -30.92
N VAL C 542 7.99 20.24 -31.30
CA VAL C 542 7.73 20.83 -32.60
C VAL C 542 8.05 22.32 -32.63
N LYS C 543 7.98 23.03 -31.50
CA LYS C 543 8.39 24.42 -31.47
C LYS C 543 8.94 24.80 -30.10
N GLN C 544 9.96 25.65 -30.11
CA GLN C 544 10.50 26.25 -28.90
C GLN C 544 10.30 27.77 -28.92
N ILE C 545 9.78 28.30 -27.82
CA ILE C 545 9.64 29.74 -27.60
C ILE C 545 10.63 30.17 -26.52
N ASP C 546 11.48 31.15 -26.83
CA ASP C 546 12.31 31.81 -25.83
C ASP C 546 11.62 33.09 -25.33
N PHE C 547 11.39 33.17 -24.03
CA PHE C 547 10.77 34.32 -23.41
C PHE C 547 11.85 35.17 -22.78
N ARG C 548 11.84 36.48 -23.04
CA ARG C 548 12.80 37.37 -22.40
C ARG C 548 12.12 38.32 -21.41
N PRO C 549 12.64 38.47 -20.19
CA PRO C 549 12.16 39.54 -19.30
C PRO C 549 12.37 40.91 -19.92
N LYS C 550 11.34 41.76 -19.87
CA LYS C 550 11.44 43.10 -20.42
C LYS C 550 10.90 44.14 -19.46
N ASP C 551 11.66 45.24 -19.31
CA ASP C 551 11.44 46.22 -18.25
C ASP C 551 10.08 46.89 -18.32
N TYR C 552 9.61 47.25 -19.51
CA TYR C 552 8.38 48.03 -19.59
C TYR C 552 7.16 47.27 -19.08
N LEU C 553 7.13 45.95 -19.27
CA LEU C 553 6.04 45.15 -18.72
C LEU C 553 6.04 45.15 -17.19
N LYS C 554 7.22 45.08 -16.57
CA LYS C 554 7.28 45.16 -15.13
C LYS C 554 6.81 46.52 -14.60
N HIS C 555 7.30 47.60 -15.19
CA HIS C 555 6.89 48.94 -14.77
C HIS C 555 5.42 49.23 -15.04
N CYS C 556 4.86 48.67 -16.11
CA CYS C 556 3.42 48.75 -16.31
C CYS C 556 2.64 48.06 -15.18
N LEU C 557 3.04 46.85 -14.81
CA LEU C 557 2.28 46.14 -13.78
C LEU C 557 2.38 46.81 -12.42
N GLU C 558 3.47 47.50 -12.13
CA GLU C 558 3.54 48.29 -10.91
C GLU C 558 2.46 49.35 -10.83
N ARG C 559 1.96 49.82 -11.96
CA ARG C 559 0.90 50.81 -12.00
C ARG C 559 -0.46 50.28 -12.43
N SER C 560 -0.55 49.05 -12.93
CA SER C 560 -1.79 48.48 -13.44
C SER C 560 -2.26 47.31 -12.58
N GLU C 561 -2.26 47.51 -11.26
CA GLU C 561 -2.31 46.43 -10.29
C GLU C 561 -3.56 45.56 -10.40
N PHE C 562 -4.66 46.10 -10.92
CA PHE C 562 -5.89 45.31 -11.08
C PHE C 562 -5.69 44.05 -11.91
N LEU C 563 -4.75 44.07 -12.85
CA LEU C 563 -4.47 42.90 -13.68
C LEU C 563 -4.09 41.68 -12.85
N LEU C 564 -3.17 41.84 -11.91
CA LEU C 564 -2.75 40.69 -11.11
C LEU C 564 -3.82 40.31 -10.10
N GLU C 565 -4.43 41.29 -9.45
CA GLU C 565 -5.39 41.00 -8.40
C GLU C 565 -6.59 40.22 -8.92
N LYS C 566 -7.18 40.64 -10.03
CA LYS C 566 -8.29 39.91 -10.62
C LYS C 566 -7.84 38.76 -11.51
N ARG C 567 -6.54 38.49 -11.56
CA ARG C 567 -5.95 37.40 -12.34
C ARG C 567 -6.25 37.49 -13.83
N ILE C 568 -6.36 38.71 -14.36
CA ILE C 568 -6.83 38.90 -15.73
C ILE C 568 -5.85 38.26 -16.72
N ILE C 569 -4.55 38.48 -16.55
CA ILE C 569 -3.60 37.90 -17.49
C ILE C 569 -3.43 36.39 -17.34
N GLN C 570 -3.86 35.79 -16.23
CA GLN C 570 -3.81 34.33 -16.12
C GLN C 570 -4.84 33.64 -16.99
N SER C 571 -5.91 34.34 -17.36
CA SER C 571 -7.18 33.70 -17.63
C SER C 571 -7.41 33.43 -19.11
N GLY C 572 -7.95 32.26 -19.42
CA GLY C 572 -8.33 31.90 -20.77
C GLY C 572 -9.41 32.80 -21.34
N ILE C 573 -10.16 33.48 -20.48
CA ILE C 573 -11.11 34.50 -20.92
C ILE C 573 -10.40 35.62 -21.67
N ALA C 574 -9.22 36.00 -21.19
CA ALA C 574 -8.44 37.03 -21.86
C ALA C 574 -7.90 36.59 -23.22
N LEU C 575 -7.43 35.34 -23.34
CA LEU C 575 -7.00 34.86 -24.65
C LEU C 575 -8.15 34.73 -25.63
N LEU C 576 -9.32 34.32 -25.16
CA LEU C 576 -10.49 34.25 -26.03
C LEU C 576 -10.92 35.64 -26.49
N LEU C 577 -10.93 36.62 -25.59
CA LEU C 577 -11.16 38.00 -25.99
C LEU C 577 -10.14 38.49 -27.02
N MET C 578 -8.88 38.09 -26.88
CA MET C 578 -7.87 38.39 -27.90
C MET C 578 -8.18 37.74 -29.25
N LEU C 579 -8.60 36.48 -29.27
CA LEU C 579 -8.97 35.85 -30.53
C LEU C 579 -10.20 36.48 -31.17
N ILE C 580 -11.19 36.86 -30.36
CA ILE C 580 -12.35 37.56 -30.91
C ILE C 580 -11.96 38.88 -31.55
N TRP C 581 -11.05 39.62 -30.91
CA TRP C 581 -10.59 40.89 -31.49
C TRP C 581 -9.78 40.68 -32.76
N TYR C 582 -8.77 39.81 -32.74
CA TYR C 582 -7.84 39.72 -33.87
C TYR C 582 -8.25 38.77 -35.01
N ARG C 583 -8.75 37.57 -34.73
CA ARG C 583 -8.86 36.58 -35.78
C ARG C 583 -10.11 36.78 -36.65
N PRO C 584 -10.05 36.40 -37.93
CA PRO C 584 -11.26 36.29 -38.74
C PRO C 584 -12.32 35.36 -38.15
N VAL C 585 -13.58 35.61 -38.52
CA VAL C 585 -14.69 34.77 -38.09
C VAL C 585 -14.57 33.37 -38.67
N ALA C 586 -14.10 33.25 -39.90
CA ALA C 586 -14.06 31.98 -40.61
C ALA C 586 -13.13 30.95 -39.99
N GLU C 587 -12.24 31.34 -39.08
CA GLU C 587 -11.41 30.34 -38.41
C GLU C 587 -12.19 29.53 -37.37
N PHE C 588 -13.26 30.08 -36.81
CA PHE C 588 -14.01 29.38 -35.78
C PHE C 588 -14.98 28.37 -36.37
N ALA C 589 -15.29 27.34 -35.59
CA ALA C 589 -16.24 26.32 -36.02
C ALA C 589 -17.62 26.93 -36.28
N GLN C 590 -18.32 26.33 -37.25
CA GLN C 590 -19.55 26.94 -37.78
C GLN C 590 -20.66 27.07 -36.75
N SER C 591 -20.76 26.17 -35.78
CA SER C 591 -21.84 26.29 -34.83
C SER C 591 -21.64 27.44 -33.85
N ILE C 592 -20.40 27.71 -33.46
CA ILE C 592 -20.13 28.81 -32.55
C ILE C 592 -20.06 30.17 -33.24
N GLN C 593 -19.85 30.20 -34.56
CA GLN C 593 -19.72 31.45 -35.31
C GLN C 593 -20.84 32.46 -35.03
N SER C 594 -22.07 32.01 -34.83
CA SER C 594 -23.15 32.97 -34.56
C SER C 594 -23.01 33.72 -33.23
N ARG C 595 -22.51 33.05 -32.18
CA ARG C 595 -22.18 33.76 -30.94
C ARG C 595 -20.95 34.65 -31.10
N ILE C 596 -19.99 34.22 -31.91
CA ILE C 596 -18.80 35.03 -32.14
C ILE C 596 -19.17 36.37 -32.78
N VAL C 597 -20.10 36.37 -33.73
CA VAL C 597 -20.52 37.62 -34.36
C VAL C 597 -21.12 38.59 -33.36
N GLU C 598 -21.96 38.11 -32.44
CA GLU C 598 -22.52 38.99 -31.42
C GLU C 598 -21.47 39.52 -30.45
N TRP C 599 -20.42 38.76 -30.18
CA TRP C 599 -19.32 39.27 -29.36
C TRP C 599 -18.40 40.23 -30.10
N LYS C 600 -18.18 40.03 -31.41
CA LYS C 600 -17.46 41.04 -32.18
C LYS C 600 -18.20 42.37 -32.25
N GLU C 601 -19.52 42.34 -32.40
CA GLU C 601 -20.30 43.58 -32.37
C GLU C 601 -20.14 44.33 -31.06
N ARG C 602 -20.18 43.60 -29.96
CA ARG C 602 -20.10 44.22 -28.64
C ARG C 602 -18.74 44.86 -28.37
N LEU C 603 -17.64 44.23 -28.79
CA LEU C 603 -16.35 44.88 -28.65
C LEU C 603 -16.20 46.12 -29.53
N ASP C 604 -16.65 46.08 -30.79
CA ASP C 604 -16.59 47.29 -31.60
C ASP C 604 -17.50 48.39 -31.09
N LYS C 605 -18.58 48.04 -30.41
CA LYS C 605 -19.41 49.05 -29.76
C LYS C 605 -18.68 49.70 -28.59
N GLU C 606 -18.11 48.90 -27.69
CA GLU C 606 -17.55 49.40 -26.45
C GLU C 606 -16.08 49.83 -26.52
N PHE C 607 -15.36 49.54 -27.61
CA PHE C 607 -14.04 50.11 -27.86
C PHE C 607 -13.96 50.68 -29.26
N SER C 608 -13.40 51.87 -29.38
CA SER C 608 -12.83 52.30 -30.64
C SER C 608 -11.42 51.75 -30.79
N LEU C 609 -10.88 51.81 -32.01
CA LEU C 609 -9.50 51.37 -32.24
C LEU C 609 -8.49 52.25 -31.52
N SER C 610 -8.74 53.56 -31.47
CA SER C 610 -7.80 54.46 -30.85
C SER C 610 -7.65 54.22 -29.35
N VAL C 611 -8.73 53.83 -28.68
CA VAL C 611 -8.62 53.42 -27.27
C VAL C 611 -7.65 52.26 -27.13
N TYR C 612 -7.81 51.21 -27.94
CA TYR C 612 -6.93 50.05 -27.84
C TYR C 612 -5.50 50.36 -28.25
N GLN C 613 -5.30 51.14 -29.31
CA GLN C 613 -3.94 51.51 -29.70
C GLN C 613 -3.28 52.42 -28.68
N LYS C 614 -4.05 53.28 -28.02
CA LYS C 614 -3.52 54.04 -26.89
C LYS C 614 -3.09 53.13 -25.75
N MET C 615 -3.86 52.08 -25.46
CA MET C 615 -3.43 51.11 -24.44
C MET C 615 -2.10 50.44 -24.77
N LYS C 616 -1.89 50.00 -26.02
CA LYS C 616 -0.62 49.38 -26.35
C LYS C 616 0.54 50.38 -26.26
N PHE C 617 0.30 51.62 -26.63
CA PHE C 617 1.30 52.66 -26.41
C PHE C 617 1.61 52.86 -24.92
N ASN C 618 0.58 52.87 -24.07
CA ASN C 618 0.81 52.93 -22.63
C ASN C 618 1.64 51.76 -22.09
N VAL C 619 1.39 50.54 -22.58
CA VAL C 619 2.21 49.41 -22.14
C VAL C 619 3.66 49.58 -22.54
N ALA C 620 3.91 50.01 -23.78
CA ALA C 620 5.30 50.23 -24.19
C ALA C 620 5.97 51.31 -23.35
N MET C 621 5.23 52.36 -22.99
CA MET C 621 5.78 53.41 -22.14
C MET C 621 5.96 52.99 -20.69
N GLY C 622 5.46 51.82 -20.29
CA GLY C 622 5.59 51.40 -18.91
C GLY C 622 4.82 52.25 -17.92
N ILE C 623 3.83 52.98 -18.40
CA ILE C 623 2.90 53.71 -17.54
C ILE C 623 1.67 52.85 -17.33
N GLY C 624 0.69 53.33 -16.56
CA GLY C 624 -0.51 52.53 -16.31
C GLY C 624 -1.32 52.36 -17.58
N VAL C 625 -1.87 51.16 -17.77
CA VAL C 625 -2.54 50.86 -19.03
C VAL C 625 -3.71 51.81 -19.28
N LEU C 626 -4.42 52.19 -18.22
CA LEU C 626 -5.56 53.09 -18.37
C LEU C 626 -5.18 54.56 -18.30
N ASP C 627 -3.89 54.89 -18.32
CA ASP C 627 -3.47 56.28 -18.19
C ASP C 627 -3.92 57.10 -19.39
N LYS D 266 -39.70 4.06 18.65
CA LYS D 266 -39.43 4.87 17.48
C LYS D 266 -38.00 4.70 17.02
N GLN D 267 -37.70 5.19 15.82
CA GLN D 267 -36.37 5.08 15.25
C GLN D 267 -35.45 6.24 15.66
N VAL D 268 -34.15 5.99 15.54
CA VAL D 268 -33.17 7.07 15.57
C VAL D 268 -33.48 8.05 14.45
N SER D 269 -33.53 9.33 14.76
CA SER D 269 -33.52 10.36 13.74
C SER D 269 -32.07 10.68 13.37
N TRP D 270 -31.68 10.35 12.14
CA TRP D 270 -30.35 10.72 11.66
C TRP D 270 -30.25 12.22 11.42
N LYS D 271 -31.37 12.88 11.18
CA LYS D 271 -31.41 14.33 11.02
C LYS D 271 -30.96 15.06 12.28
N LEU D 272 -31.49 14.67 13.44
CA LEU D 272 -31.11 15.29 14.71
C LEU D 272 -29.63 15.09 15.06
N VAL D 273 -29.06 13.94 14.75
CA VAL D 273 -27.61 13.76 14.94
C VAL D 273 -26.83 14.68 14.01
N THR D 274 -27.26 14.79 12.75
CA THR D 274 -26.56 15.64 11.80
C THR D 274 -26.63 17.12 12.20
N GLU D 275 -27.76 17.54 12.75
CA GLU D 275 -27.86 18.90 13.27
C GLU D 275 -26.86 19.18 14.39
N TYR D 276 -26.67 18.24 15.32
CA TYR D 276 -25.66 18.45 16.36
C TYR D 276 -24.25 18.54 15.79
N ALA D 277 -23.94 17.74 14.78
CA ALA D 277 -22.63 17.84 14.13
C ALA D 277 -22.42 19.21 13.48
N MET D 278 -23.43 19.70 12.78
CA MET D 278 -23.34 21.03 12.19
C MET D 278 -23.24 22.10 13.25
N GLU D 279 -24.04 21.98 14.31
CA GLU D 279 -24.03 22.97 15.38
C GLU D 279 -22.67 23.08 16.06
N THR D 280 -21.99 21.96 16.31
CA THR D 280 -20.69 21.96 16.95
C THR D 280 -19.52 21.96 15.97
N LYS D 281 -19.77 21.92 14.66
CA LYS D 281 -18.72 21.89 13.63
C LYS D 281 -17.75 20.73 13.79
N CYS D 282 -18.25 19.58 14.23
CA CYS D 282 -17.43 18.43 14.53
C CYS D 282 -17.11 17.63 13.27
N ASP D 283 -15.83 17.32 13.03
CA ASP D 283 -15.44 16.50 11.89
C ASP D 283 -14.52 15.35 12.28
N ASP D 284 -14.64 14.88 13.52
CA ASP D 284 -13.99 13.66 13.98
C ASP D 284 -15.06 12.66 14.44
N VAL D 285 -15.08 11.47 13.84
CA VAL D 285 -16.18 10.53 14.07
C VAL D 285 -16.18 9.98 15.48
N LEU D 286 -15.01 9.61 16.01
CA LEU D 286 -14.94 9.11 17.37
C LEU D 286 -15.30 10.16 18.40
N LEU D 287 -14.97 11.42 18.14
CA LEU D 287 -15.40 12.50 19.03
C LEU D 287 -16.92 12.64 19.03
N LEU D 288 -17.53 12.74 17.84
CA LEU D 288 -18.98 12.85 17.76
C LEU D 288 -19.67 11.68 18.44
N LEU D 289 -19.21 10.45 18.16
CA LEU D 289 -19.78 9.28 18.79
C LEU D 289 -19.73 9.38 20.31
N GLY D 290 -18.58 9.76 20.86
CA GLY D 290 -18.45 9.94 22.29
C GLY D 290 -19.35 11.02 22.85
N MET D 291 -19.33 12.20 22.24
CA MET D 291 -20.16 13.31 22.70
C MET D 291 -21.64 12.95 22.74
N TYR D 292 -22.16 12.36 21.66
CA TYR D 292 -23.59 12.08 21.63
C TYR D 292 -24.01 11.02 22.67
N LEU D 293 -23.14 10.07 22.98
CA LEU D 293 -23.47 9.10 24.02
C LEU D 293 -23.48 9.71 25.41
N GLU D 294 -22.81 10.83 25.64
CA GLU D 294 -22.96 11.55 26.90
C GLU D 294 -24.42 11.86 27.20
N PHE D 295 -25.21 12.17 26.17
CA PHE D 295 -26.59 12.59 26.35
C PHE D 295 -27.56 11.47 26.69
N GLN D 296 -27.14 10.21 26.71
CA GLN D 296 -28.10 9.15 26.95
C GLN D 296 -28.70 9.20 28.35
N TYR D 297 -27.99 9.77 29.32
CA TYR D 297 -28.48 9.80 30.69
C TYR D 297 -29.49 10.91 30.91
N SER D 298 -30.24 10.79 32.00
CA SER D 298 -31.29 11.75 32.31
C SER D 298 -30.74 13.16 32.46
N PHE D 299 -31.44 14.12 31.85
CA PHE D 299 -31.09 15.52 32.01
C PHE D 299 -31.41 16.03 33.41
N GLU D 300 -32.38 15.43 34.08
CA GLU D 300 -32.88 15.97 35.35
C GLU D 300 -31.80 16.06 36.42
N MET D 301 -30.71 15.31 36.26
CA MET D 301 -29.72 15.15 37.32
C MET D 301 -28.29 15.31 36.81
N CYS D 302 -28.11 15.76 35.59
CA CYS D 302 -26.82 15.66 34.91
C CYS D 302 -25.76 16.51 35.60
N LEU D 303 -24.80 15.85 36.26
CA LEU D 303 -23.75 16.55 36.99
C LEU D 303 -22.89 17.44 36.09
N LYS D 304 -22.72 17.06 34.82
CA LYS D 304 -21.95 17.89 33.90
C LYS D 304 -22.68 19.17 33.54
N CYS D 305 -23.99 19.10 33.34
CA CYS D 305 -24.78 20.32 33.21
C CYS D 305 -24.73 21.16 34.47
N ILE D 306 -24.84 20.53 35.63
CA ILE D 306 -24.86 21.24 36.91
C ILE D 306 -23.54 21.94 37.19
N LYS D 307 -22.41 21.34 36.82
CA LYS D 307 -21.14 22.05 36.89
C LYS D 307 -20.94 23.07 35.77
N LYS D 308 -21.78 23.08 34.74
CA LYS D 308 -21.59 23.93 33.56
C LYS D 308 -20.20 23.78 32.95
N GLU D 309 -19.74 22.54 32.81
CA GLU D 309 -18.35 22.30 32.46
C GLU D 309 -18.01 22.77 31.04
N GLN D 310 -18.74 22.27 30.04
CA GLN D 310 -18.34 22.43 28.64
C GLN D 310 -19.48 22.94 27.77
N PRO D 311 -19.25 23.95 26.92
CA PRO D 311 -20.35 24.51 26.11
C PRO D 311 -21.09 23.49 25.27
N SER D 312 -20.35 22.60 24.62
CA SER D 312 -20.89 21.61 23.70
C SER D 312 -21.68 20.52 24.38
N HIS D 313 -21.75 20.52 25.70
CA HIS D 313 -22.65 19.66 26.44
C HIS D 313 -23.87 20.43 26.95
N TYR D 314 -23.65 21.43 27.80
CA TYR D 314 -24.76 21.99 28.57
C TYR D 314 -25.77 22.72 27.70
N LYS D 315 -25.38 23.24 26.54
CA LYS D 315 -26.36 23.85 25.63
C LYS D 315 -27.30 22.83 24.99
N TYR D 316 -26.83 21.60 24.76
CA TYR D 316 -27.43 20.69 23.81
C TYR D 316 -28.14 19.49 24.41
N HIS D 317 -27.73 19.05 25.59
CA HIS D 317 -28.27 17.84 26.20
C HIS D 317 -29.80 17.85 26.30
N GLU D 318 -30.38 18.95 26.77
CA GLU D 318 -31.82 18.98 26.98
C GLU D 318 -32.61 18.72 25.70
N LYS D 319 -32.17 19.32 24.59
CA LYS D 319 -32.81 19.09 23.29
C LYS D 319 -32.68 17.65 22.81
N HIS D 320 -31.50 17.07 22.92
CA HIS D 320 -31.18 15.80 22.28
C HIS D 320 -31.40 14.55 23.15
N TYR D 321 -31.77 14.69 24.41
CA TYR D 321 -31.92 13.54 25.30
C TYR D 321 -32.77 12.40 24.73
N ALA D 322 -33.93 12.71 24.17
CA ALA D 322 -34.79 11.64 23.65
C ALA D 322 -34.13 10.86 22.52
N ASN D 323 -33.43 11.55 21.63
CA ASN D 323 -32.78 10.87 20.52
C ASN D 323 -31.53 10.10 20.94
N ALA D 324 -30.79 10.61 21.93
CA ALA D 324 -29.66 9.85 22.48
C ALA D 324 -30.10 8.56 23.16
N ALA D 325 -31.27 8.54 23.79
CA ALA D 325 -31.77 7.31 24.39
C ALA D 325 -32.05 6.23 23.35
N ILE D 326 -32.59 6.61 22.19
CA ILE D 326 -32.83 5.65 21.12
C ILE D 326 -31.55 5.28 20.38
N PHE D 327 -30.61 6.22 20.26
CA PHE D 327 -29.30 5.96 19.67
C PHE D 327 -28.50 4.95 20.49
N ALA D 328 -28.60 5.01 21.81
CA ALA D 328 -27.85 4.08 22.66
C ALA D 328 -28.27 2.61 22.47
N ASP D 329 -29.50 2.35 21.99
CA ASP D 329 -29.93 1.01 21.64
C ASP D 329 -29.51 0.58 20.23
N SER D 330 -29.28 1.53 19.34
CA SER D 330 -29.17 1.25 17.91
C SER D 330 -27.92 0.45 17.54
N LYS D 331 -28.05 -0.28 16.44
CA LYS D 331 -27.05 -1.20 15.92
C LYS D 331 -26.15 -0.57 14.84
N ASN D 332 -26.45 0.64 14.39
CA ASN D 332 -25.79 1.30 13.27
C ASN D 332 -24.94 2.49 13.68
N GLN D 333 -24.48 2.53 14.94
CA GLN D 333 -24.00 3.78 15.53
C GLN D 333 -22.92 4.46 14.69
N LYS D 334 -21.91 3.73 14.23
CA LYS D 334 -20.85 4.40 13.45
C LYS D 334 -21.32 4.84 12.07
N THR D 335 -22.29 4.14 11.48
CA THR D 335 -22.83 4.55 10.19
C THR D 335 -23.60 5.86 10.30
N ILE D 336 -24.38 6.03 11.37
CA ILE D 336 -25.07 7.29 11.61
C ILE D 336 -24.07 8.45 11.72
N CYS D 337 -23.02 8.27 12.52
CA CYS D 337 -22.03 9.33 12.71
C CYS D 337 -21.22 9.63 11.44
N GLN D 338 -20.96 8.63 10.60
CA GLN D 338 -20.22 8.89 9.37
C GLN D 338 -20.99 9.80 8.42
N GLN D 339 -22.31 9.60 8.31
CA GLN D 339 -23.12 10.52 7.51
C GLN D 339 -23.16 11.93 8.08
N ALA D 340 -23.24 12.05 9.41
CA ALA D 340 -23.21 13.36 10.07
C ALA D 340 -21.88 14.09 9.86
N VAL D 341 -20.76 13.40 10.00
CA VAL D 341 -19.47 14.04 9.78
C VAL D 341 -19.24 14.39 8.32
N ASP D 342 -19.70 13.55 7.39
CA ASP D 342 -19.57 13.92 5.99
C ASP D 342 -20.43 15.13 5.62
N THR D 343 -21.53 15.35 6.31
CA THR D 343 -22.29 16.59 6.12
C THR D 343 -21.50 17.83 6.54
N VAL D 344 -20.70 17.74 7.60
CA VAL D 344 -19.87 18.87 8.01
C VAL D 344 -18.70 19.09 7.04
N LEU D 345 -18.08 18.01 6.57
CA LEU D 345 -17.03 18.14 5.56
C LEU D 345 -17.56 18.66 4.23
N ALA D 346 -18.79 18.29 3.86
CA ALA D 346 -19.41 18.83 2.65
C ALA D 346 -19.63 20.35 2.75
N LYS D 347 -20.11 20.82 3.90
CA LYS D 347 -20.26 22.26 4.12
C LYS D 347 -18.96 23.01 3.90
N LYS D 348 -17.86 22.56 4.50
CA LYS D 348 -16.58 23.24 4.35
C LYS D 348 -16.08 23.30 2.90
N ARG D 349 -16.30 22.25 2.10
CA ARG D 349 -15.93 22.34 0.69
C ARG D 349 -16.82 23.29 -0.11
N VAL D 350 -18.12 23.32 0.18
CA VAL D 350 -18.98 24.33 -0.43
C VAL D 350 -18.49 25.73 -0.08
N ASP D 351 -18.28 25.98 1.21
CA ASP D 351 -17.82 27.30 1.65
C ASP D 351 -16.53 27.72 0.98
N SER D 352 -15.52 26.86 0.97
CA SER D 352 -14.22 27.27 0.45
C SER D 352 -14.21 27.53 -1.06
N LEU D 353 -15.12 26.93 -1.83
CA LEU D 353 -15.24 27.33 -3.23
C LEU D 353 -15.99 28.65 -3.40
N GLN D 354 -17.06 28.85 -2.66
CA GLN D 354 -18.01 29.91 -2.98
C GLN D 354 -17.78 31.21 -2.21
N LEU D 355 -17.30 31.17 -0.98
CA LEU D 355 -17.16 32.40 -0.21
C LEU D 355 -15.97 33.22 -0.71
N THR D 356 -16.14 34.54 -0.72
CA THR D 356 -14.99 35.40 -0.87
C THR D 356 -14.08 35.25 0.35
N ARG D 357 -12.77 35.38 0.12
CA ARG D 357 -11.82 35.17 1.19
C ARG D 357 -12.03 36.14 2.36
N GLU D 358 -12.56 37.32 2.08
CA GLU D 358 -12.84 38.26 3.16
C GLU D 358 -14.00 37.81 4.04
N GLN D 359 -14.99 37.11 3.49
CA GLN D 359 -16.00 36.50 4.34
C GLN D 359 -15.46 35.33 5.15
N MET D 360 -14.55 34.53 4.58
CA MET D 360 -13.94 33.46 5.36
C MET D 360 -13.23 34.02 6.59
N LEU D 361 -12.47 35.10 6.41
CA LEU D 361 -11.83 35.76 7.54
C LEU D 361 -12.84 36.37 8.50
N THR D 362 -13.90 37.00 7.97
CA THR D 362 -14.95 37.54 8.83
C THR D 362 -15.62 36.46 9.67
N ASN D 363 -15.92 35.32 9.06
CA ASN D 363 -16.48 34.18 9.80
C ASN D 363 -15.54 33.70 10.89
N ARG D 364 -14.24 33.61 10.59
CA ARG D 364 -13.26 33.23 11.59
C ARG D 364 -13.18 34.22 12.74
N PHE D 365 -13.23 35.51 12.45
CA PHE D 365 -13.21 36.51 13.52
C PHE D 365 -14.45 36.41 14.40
N ASN D 366 -15.61 36.15 13.82
CA ASN D 366 -16.81 35.91 14.61
C ASN D 366 -16.65 34.74 15.58
N ASP D 367 -16.08 33.62 15.13
CA ASP D 367 -15.81 32.50 16.05
C ASP D 367 -14.85 32.90 17.18
N LEU D 368 -13.80 33.65 16.86
CA LEU D 368 -12.87 34.07 17.90
C LEU D 368 -13.52 35.02 18.90
N LEU D 369 -14.34 35.95 18.40
CA LEU D 369 -15.07 36.87 19.27
C LEU D 369 -16.13 36.16 20.13
N ASP D 370 -16.75 35.10 19.62
CA ASP D 370 -17.59 34.25 20.46
C ASP D 370 -16.82 33.57 21.59
N ARG D 371 -15.62 33.07 21.32
CA ARG D 371 -14.78 32.54 22.40
C ARG D 371 -14.39 33.60 23.42
N MET D 372 -14.08 34.80 22.96
CA MET D 372 -13.71 35.87 23.88
C MET D 372 -14.85 36.21 24.84
N ASP D 373 -16.10 36.18 24.38
CA ASP D 373 -17.23 36.33 25.29
C ASP D 373 -17.26 35.25 26.37
N ILE D 374 -16.97 34.00 26.01
CA ILE D 374 -16.95 32.94 27.01
C ILE D 374 -15.74 33.02 27.93
N MET D 375 -14.60 33.49 27.44
CA MET D 375 -13.42 33.61 28.31
C MET D 375 -13.61 34.69 29.36
N PHE D 376 -14.03 35.87 28.95
CA PHE D 376 -14.01 37.04 29.80
C PHE D 376 -15.38 37.39 30.39
N GLY D 377 -16.44 36.73 29.96
CA GLY D 377 -17.68 36.78 30.69
C GLY D 377 -17.57 36.08 32.03
N SER D 378 -18.49 36.40 32.93
CA SER D 378 -18.33 36.02 34.32
C SER D 378 -18.26 34.52 34.52
N THR D 379 -18.78 33.73 33.58
CA THR D 379 -18.65 32.28 33.67
C THR D 379 -17.24 31.81 33.40
N GLY D 380 -16.42 32.65 32.78
CA GLY D 380 -15.10 32.26 32.33
C GLY D 380 -14.04 32.37 33.41
N SER D 381 -12.79 32.31 32.97
CA SER D 381 -11.66 32.17 33.87
C SER D 381 -10.44 32.99 33.47
N ALA D 382 -10.50 33.75 32.37
CA ALA D 382 -9.38 34.57 31.95
C ALA D 382 -9.40 35.92 32.64
N ASP D 383 -8.22 36.52 32.78
CA ASP D 383 -8.07 37.89 33.25
C ASP D 383 -7.57 38.76 32.11
N ILE D 384 -8.36 39.78 31.75
CA ILE D 384 -8.04 40.59 30.57
C ILE D 384 -6.75 41.39 30.76
N GLU D 385 -6.38 41.71 31.99
CA GLU D 385 -5.09 42.36 32.23
C GLU D 385 -3.93 41.47 31.86
N GLU D 386 -4.00 40.18 32.19
CA GLU D 386 -2.96 39.25 31.79
C GLU D 386 -2.88 39.09 30.27
N TRP D 387 -4.03 39.14 29.59
CA TRP D 387 -4.00 39.10 28.13
C TRP D 387 -3.45 40.39 27.51
N MET D 388 -3.76 41.56 28.06
CA MET D 388 -3.18 42.80 27.54
C MET D 388 -1.69 42.96 27.85
N ALA D 389 -1.16 42.25 28.85
CA ALA D 389 0.29 42.16 28.98
C ALA D 389 0.92 41.48 27.77
N GLY D 390 0.23 40.50 27.19
CA GLY D 390 0.74 39.83 26.01
C GLY D 390 0.86 40.74 24.80
N VAL D 391 -0.12 41.61 24.60
CA VAL D 391 -0.02 42.64 23.57
C VAL D 391 1.25 43.45 23.76
N ALA D 392 1.50 43.93 24.98
CA ALA D 392 2.68 44.75 25.22
C ALA D 392 3.97 44.02 24.92
N TRP D 393 4.04 42.73 25.26
CA TRP D 393 5.23 41.94 24.91
C TRP D 393 5.37 41.79 23.39
N LEU D 394 4.31 41.35 22.73
CA LEU D 394 4.38 41.10 21.29
C LEU D 394 4.75 42.35 20.51
N HIS D 395 4.25 43.50 20.94
CA HIS D 395 4.52 44.73 20.20
C HIS D 395 6.00 45.10 20.14
N CYS D 396 6.86 44.51 20.98
CA CYS D 396 8.29 44.78 20.90
C CYS D 396 9.08 43.74 20.09
N LEU D 397 8.49 42.59 19.78
CA LEU D 397 9.21 41.54 19.08
C LEU D 397 9.68 42.01 17.70
N LEU D 398 8.83 42.73 16.99
CA LEU D 398 9.15 43.40 15.73
C LEU D 398 8.75 44.87 15.83
N PRO D 399 9.43 45.77 15.14
CA PRO D 399 8.90 47.12 14.96
C PRO D 399 7.51 47.12 14.34
N LYS D 400 6.71 48.12 14.71
CA LYS D 400 5.48 48.46 14.01
C LYS D 400 4.54 47.25 13.87
N MET D 401 4.45 46.47 14.94
CA MET D 401 3.86 45.13 14.89
C MET D 401 2.45 45.10 14.31
N ASP D 402 1.59 46.05 14.69
CA ASP D 402 0.21 46.01 14.21
C ASP D 402 0.12 46.26 12.71
N SER D 403 0.98 47.11 12.16
CA SER D 403 1.02 47.27 10.71
C SER D 403 1.50 45.99 10.02
N VAL D 404 2.49 45.31 10.58
CA VAL D 404 2.94 44.04 10.03
C VAL D 404 1.81 43.03 9.99
N VAL D 405 1.04 42.92 11.07
CA VAL D 405 -0.06 41.95 11.10
C VAL D 405 -1.13 42.31 10.09
N TYR D 406 -1.51 43.57 10.00
CA TYR D 406 -2.50 43.98 9.01
C TYR D 406 -2.00 43.80 7.58
N ASP D 407 -0.73 44.09 7.32
CA ASP D 407 -0.14 43.81 6.02
C ASP D 407 -0.20 42.34 5.64
N PHE D 408 0.07 41.46 6.60
CA PHE D 408 -0.14 40.03 6.39
C PHE D 408 -1.60 39.68 6.11
N LEU D 409 -2.52 40.18 6.94
CA LEU D 409 -3.94 39.89 6.70
C LEU D 409 -4.40 40.33 5.31
N LYS D 410 -3.99 41.52 4.89
CA LYS D 410 -4.26 41.96 3.52
C LYS D 410 -3.68 41.00 2.49
N CYS D 411 -2.39 40.66 2.65
CA CYS D 411 -1.76 39.73 1.71
C CYS D 411 -2.49 38.40 1.62
N MET D 412 -2.93 37.84 2.75
CA MET D 412 -3.64 36.57 2.70
C MET D 412 -5.02 36.71 2.05
N VAL D 413 -5.70 37.83 2.25
CA VAL D 413 -7.00 38.03 1.60
C VAL D 413 -6.83 38.23 0.10
N TYR D 414 -5.93 39.12 -0.33
CA TYR D 414 -5.84 39.43 -1.75
C TYR D 414 -5.23 38.29 -2.58
N ASN D 415 -4.30 37.52 -2.03
CA ASN D 415 -3.82 36.30 -2.69
C ASN D 415 -3.40 36.55 -4.14
N ILE D 416 -2.56 37.57 -4.33
CA ILE D 416 -2.03 37.96 -5.64
C ILE D 416 -1.01 36.92 -6.12
N PRO D 417 -1.17 36.33 -7.31
CA PRO D 417 -0.22 35.30 -7.76
C PRO D 417 1.26 35.66 -7.64
N LYS D 418 2.05 34.69 -7.16
CA LYS D 418 3.48 34.83 -6.86
C LYS D 418 3.83 35.85 -5.79
N LYS D 419 2.87 36.62 -5.32
CA LYS D 419 3.09 37.63 -4.29
C LYS D 419 2.42 37.23 -2.99
N ARG D 420 2.62 36.00 -2.54
CA ARG D 420 1.77 35.34 -1.56
C ARG D 420 2.48 34.90 -0.29
N TYR D 421 3.76 34.57 -0.33
CA TYR D 421 4.44 33.90 0.78
C TYR D 421 5.41 34.83 1.51
N TRP D 422 5.44 34.71 2.84
CA TRP D 422 6.31 35.48 3.72
C TRP D 422 7.37 34.60 4.39
N LEU D 423 8.61 35.09 4.41
CA LEU D 423 9.76 34.35 4.92
C LEU D 423 10.18 34.89 6.29
N PHE D 424 10.15 34.03 7.30
CA PHE D 424 10.63 34.35 8.64
C PHE D 424 11.98 33.67 8.85
N LYS D 425 13.01 34.44 9.19
CA LYS D 425 14.30 33.82 9.47
C LYS D 425 15.04 34.57 10.57
N GLY D 426 15.99 33.87 11.18
CA GLY D 426 16.83 34.41 12.22
C GLY D 426 17.72 33.32 12.79
N PRO D 427 18.45 33.61 13.86
CA PRO D 427 19.03 32.52 14.65
C PRO D 427 17.96 31.72 15.41
N ILE D 428 18.38 30.71 16.18
CA ILE D 428 17.46 29.98 17.04
C ILE D 428 16.88 30.88 18.12
N ASP D 429 15.76 30.45 18.69
CA ASP D 429 15.08 31.17 19.77
C ASP D 429 14.90 32.64 19.43
N SER D 430 14.34 32.89 18.25
CA SER D 430 14.18 34.23 17.71
C SER D 430 12.73 34.71 17.71
N GLY D 431 11.78 33.83 17.96
CA GLY D 431 10.38 34.20 18.02
C GLY D 431 9.63 34.07 16.71
N LYS D 432 10.25 33.51 15.68
CA LYS D 432 9.53 33.23 14.44
C LYS D 432 8.37 32.26 14.66
N THR D 433 8.57 31.17 15.41
CA THR D 433 7.44 30.29 15.71
C THR D 433 6.42 30.96 16.61
N THR D 434 6.87 31.78 17.55
CA THR D 434 5.95 32.53 18.40
C THR D 434 4.95 33.35 17.59
N LEU D 435 5.45 34.13 16.63
CA LEU D 435 4.55 34.92 15.80
C LEU D 435 3.75 34.06 14.81
N ALA D 436 4.38 33.03 14.24
CA ALA D 436 3.68 32.19 13.28
C ALA D 436 2.49 31.48 13.91
N ALA D 437 2.66 30.91 15.10
CA ALA D 437 1.57 30.21 15.75
C ALA D 437 0.41 31.13 16.07
N ALA D 438 0.72 32.36 16.48
CA ALA D 438 -0.32 33.35 16.73
C ALA D 438 -1.07 33.72 15.46
N LEU D 439 -0.36 33.95 14.37
CA LEU D 439 -1.02 34.25 13.10
C LEU D 439 -1.82 33.07 12.59
N LEU D 440 -1.34 31.84 12.79
CA LEU D 440 -2.08 30.67 12.34
C LEU D 440 -3.36 30.45 13.13
N GLU D 441 -3.39 30.75 14.42
CA GLU D 441 -4.66 30.66 15.12
C GLU D 441 -5.63 31.73 14.63
N LEU D 442 -5.13 32.93 14.34
CA LEU D 442 -6.00 33.99 13.85
C LEU D 442 -6.54 33.64 12.46
N CYS D 443 -5.66 33.25 11.55
CA CYS D 443 -6.03 32.78 10.22
C CYS D 443 -6.02 31.25 10.18
N GLY D 444 -7.10 30.65 10.66
CA GLY D 444 -7.12 29.22 10.89
C GLY D 444 -6.58 28.36 9.76
N GLY D 445 -5.53 27.59 10.03
CA GLY D 445 -4.83 26.86 8.99
C GLY D 445 -4.04 25.68 9.56
N LYS D 446 -3.02 25.24 8.83
CA LYS D 446 -2.25 24.06 9.21
C LYS D 446 -0.75 24.30 9.06
N ALA D 447 0.03 23.53 9.82
CA ALA D 447 1.48 23.51 9.72
C ALA D 447 1.99 22.23 9.07
N LEU D 448 2.96 22.36 8.16
CA LEU D 448 3.50 21.23 7.40
C LEU D 448 5.02 21.21 7.55
N ASN D 449 5.61 20.00 7.57
CA ASN D 449 7.07 19.88 7.60
C ASN D 449 7.59 19.17 6.35
N VAL D 450 8.40 19.88 5.58
CA VAL D 450 8.99 19.35 4.35
C VAL D 450 10.36 18.74 4.56
N ASN D 451 10.84 18.64 5.80
CA ASN D 451 12.05 17.87 6.10
C ASN D 451 11.83 16.37 6.04
N LEU D 452 10.59 15.90 5.99
CA LEU D 452 10.28 14.49 5.76
C LEU D 452 10.86 13.99 4.44
N PRO D 453 10.95 12.67 4.27
CA PRO D 453 11.47 12.13 3.01
C PRO D 453 10.54 12.41 1.85
N LEU D 454 11.15 12.48 0.66
CA LEU D 454 10.48 12.97 -0.52
C LEU D 454 9.23 12.19 -0.90
N ASP D 455 9.11 10.93 -0.48
CA ASP D 455 7.90 10.16 -0.79
C ASP D 455 6.78 10.39 0.20
N ARG D 456 7.08 10.51 1.49
CA ARG D 456 6.04 10.83 2.48
C ARG D 456 5.59 12.28 2.36
N LEU D 457 6.47 13.16 1.93
CA LEU D 457 6.16 14.54 1.59
C LEU D 457 4.85 14.69 0.82
N ASN D 458 4.60 13.77 -0.09
CA ASN D 458 3.40 13.80 -0.91
C ASN D 458 2.11 13.68 -0.10
N PHE D 459 2.07 12.80 0.90
CA PHE D 459 0.89 12.70 1.76
C PHE D 459 0.76 13.86 2.73
N GLU D 460 1.88 14.43 3.20
CA GLU D 460 1.79 15.54 4.13
C GLU D 460 1.22 16.79 3.48
N LEU D 461 1.56 17.06 2.23
CA LEU D 461 0.97 18.19 1.52
C LEU D 461 -0.55 18.09 1.37
N GLY D 462 -1.12 16.88 1.44
CA GLY D 462 -2.56 16.71 1.40
C GLY D 462 -3.32 17.33 2.55
N VAL D 463 -2.63 17.69 3.63
CA VAL D 463 -3.24 18.41 4.74
C VAL D 463 -3.74 19.80 4.36
N ALA D 464 -3.16 20.42 3.34
CA ALA D 464 -3.57 21.75 2.89
C ALA D 464 -4.92 21.78 2.17
N ILE D 465 -5.56 20.65 1.92
CA ILE D 465 -6.88 20.63 1.28
C ILE D 465 -7.86 21.55 2.01
N ASP D 466 -8.39 22.53 1.28
CA ASP D 466 -9.37 23.53 1.73
C ASP D 466 -8.91 24.43 2.89
N GLN D 467 -7.62 24.51 3.21
CA GLN D 467 -7.16 25.39 4.29
C GLN D 467 -6.88 26.80 3.80
N PHE D 468 -7.07 27.77 4.71
CA PHE D 468 -6.90 29.18 4.38
C PHE D 468 -5.43 29.58 4.32
N LEU D 469 -4.60 29.03 5.20
CA LEU D 469 -3.22 29.46 5.38
C LEU D 469 -2.39 28.23 5.75
N VAL D 470 -1.14 28.16 5.30
CA VAL D 470 -0.24 27.11 5.75
C VAL D 470 1.11 27.67 6.21
N VAL D 471 1.66 27.09 7.25
CA VAL D 471 2.99 27.39 7.77
C VAL D 471 3.89 26.18 7.52
N PHE D 472 4.94 26.39 6.74
CA PHE D 472 6.01 25.40 6.57
C PHE D 472 7.01 25.59 7.68
N GLU D 473 7.11 24.61 8.57
CA GLU D 473 7.80 24.82 9.84
C GLU D 473 9.24 24.33 9.82
N ASP D 474 10.12 25.22 10.30
CA ASP D 474 11.55 25.00 10.49
C ASP D 474 12.21 24.23 9.35
N VAL D 475 12.09 24.80 8.15
CA VAL D 475 12.62 24.18 6.94
C VAL D 475 14.14 24.21 7.00
N LYS D 476 14.75 23.03 7.00
CA LYS D 476 16.20 22.92 6.97
C LYS D 476 16.74 23.22 5.57
N GLY D 477 17.89 23.87 5.51
CA GLY D 477 18.66 24.00 4.29
C GLY D 477 19.80 23.02 4.18
N THR D 478 20.81 23.41 3.41
CA THR D 478 22.12 22.77 3.37
C THR D 478 23.18 23.86 3.42
N GLY D 479 24.38 23.49 3.84
CA GLY D 479 25.47 24.45 3.86
C GLY D 479 25.48 25.42 5.03
N GLY D 480 24.73 25.14 6.07
CA GLY D 480 24.71 25.97 7.26
C GLY D 480 25.82 25.73 8.26
N GLU D 481 26.73 24.80 7.99
CA GLU D 481 27.71 24.38 8.99
C GLU D 481 28.67 25.50 9.39
N SER D 482 28.79 26.55 8.58
CA SER D 482 29.52 27.74 9.02
C SER D 482 28.88 28.39 10.23
N ARG D 483 27.62 28.06 10.53
CA ARG D 483 26.94 28.50 11.73
C ARG D 483 26.67 27.34 12.68
N ASP D 484 27.28 26.18 12.44
CA ASP D 484 26.97 24.90 13.07
C ASP D 484 25.56 24.39 12.80
N LEU D 485 24.82 24.98 11.87
CA LEU D 485 23.47 24.48 11.57
C LEU D 485 23.54 23.19 10.75
N PRO D 486 22.83 22.13 11.16
CA PRO D 486 22.84 20.89 10.37
C PRO D 486 21.98 20.97 9.12
N SER D 487 22.29 20.08 8.17
CA SER D 487 21.63 20.01 6.87
C SER D 487 20.35 19.17 6.88
N GLY D 488 19.56 19.32 5.82
CA GLY D 488 18.40 18.50 5.58
C GLY D 488 17.83 18.75 4.20
N GLN D 489 16.80 17.96 3.85
CA GLN D 489 16.21 18.01 2.51
C GLN D 489 15.33 19.24 2.26
N GLY D 490 14.99 20.00 3.29
CA GLY D 490 13.91 20.97 3.19
C GLY D 490 13.94 21.95 2.02
N ILE D 491 15.00 22.75 1.90
CA ILE D 491 15.06 23.74 0.83
C ILE D 491 15.04 23.09 -0.54
N ASN D 492 15.62 21.90 -0.68
CA ASN D 492 15.54 21.18 -1.94
C ASN D 492 14.13 20.64 -2.23
N ASN D 493 13.40 20.20 -1.20
CA ASN D 493 12.00 19.85 -1.40
C ASN D 493 11.13 21.06 -1.74
N LEU D 494 11.31 22.20 -1.05
CA LEU D 494 10.55 23.39 -1.43
C LEU D 494 10.85 23.81 -2.85
N ASP D 495 12.10 23.74 -3.26
CA ASP D 495 12.44 24.09 -4.63
C ASP D 495 11.89 23.13 -5.67
N ASN D 496 11.40 21.96 -5.28
CA ASN D 496 10.64 21.11 -6.17
C ASN D 496 9.14 21.43 -6.17
N LEU D 497 8.66 22.18 -5.18
CA LEU D 497 7.25 22.54 -5.04
C LEU D 497 6.96 23.97 -5.50
N ARG D 498 7.83 24.56 -6.32
CA ARG D 498 7.65 25.93 -6.81
C ARG D 498 6.23 26.22 -7.29
N ASP D 499 5.67 25.34 -8.11
CA ASP D 499 4.32 25.58 -8.63
C ASP D 499 3.23 25.49 -7.56
N TYR D 500 3.50 24.89 -6.41
CA TYR D 500 2.59 25.03 -5.29
C TYR D 500 2.70 26.39 -4.63
N LEU D 501 3.92 26.90 -4.47
CA LEU D 501 4.10 28.22 -3.86
C LEU D 501 3.57 29.34 -4.77
N ASP D 502 3.74 29.20 -6.09
CA ASP D 502 3.35 30.26 -7.02
C ASP D 502 1.86 30.54 -7.02
N GLY D 503 1.04 29.49 -7.05
CA GLY D 503 -0.40 29.65 -7.03
C GLY D 503 -1.06 30.05 -8.34
N SER D 504 -0.33 30.03 -9.46
CA SER D 504 -0.97 30.30 -10.74
C SER D 504 -1.79 29.13 -11.23
N VAL D 505 -1.47 27.91 -10.81
CA VAL D 505 -2.07 26.68 -11.34
C VAL D 505 -2.67 25.85 -10.22
N LYS D 506 -3.69 25.08 -10.57
CA LYS D 506 -4.31 24.13 -9.65
C LYS D 506 -3.47 22.87 -9.54
N VAL D 507 -2.93 22.61 -8.34
CA VAL D 507 -2.18 21.40 -8.07
C VAL D 507 -3.12 20.28 -7.60
N ASN D 508 -2.62 19.05 -7.61
CA ASN D 508 -3.39 17.86 -7.28
C ASN D 508 -2.96 17.33 -5.91
N LEU D 509 -3.87 17.32 -4.95
CA LEU D 509 -3.54 17.06 -3.55
C LEU D 509 -4.00 15.67 -3.09
N GLU D 510 -3.10 14.98 -2.39
CA GLU D 510 -3.30 13.61 -1.93
C GLU D 510 -4.28 13.47 -0.77
N LYS D 511 -4.87 12.28 -0.68
CA LYS D 511 -5.46 11.76 0.54
C LYS D 511 -5.44 10.24 0.41
N LYS D 512 -5.60 9.56 1.53
CA LYS D 512 -5.66 8.10 1.52
C LYS D 512 -7.06 7.57 1.26
N HIS D 513 -7.11 6.45 0.54
CA HIS D 513 -8.36 5.80 0.13
C HIS D 513 -9.29 6.76 -0.60
N LEU D 514 -8.70 7.74 -1.30
CA LEU D 514 -9.45 8.80 -1.96
C LEU D 514 -8.54 9.41 -3.02
N ASN D 515 -9.00 9.45 -4.26
CA ASN D 515 -8.22 10.02 -5.35
C ASN D 515 -8.09 11.55 -5.24
N LYS D 516 -7.09 12.10 -5.93
CA LYS D 516 -6.62 13.46 -5.70
C LYS D 516 -7.69 14.54 -5.82
N ARG D 517 -7.54 15.59 -5.00
CA ARG D 517 -8.33 16.82 -5.00
C ARG D 517 -7.54 18.00 -5.59
N THR D 518 -8.08 18.67 -6.61
CA THR D 518 -7.33 19.65 -7.40
C THR D 518 -7.69 21.09 -7.00
N GLN D 519 -6.70 21.88 -6.57
CA GLN D 519 -6.97 23.25 -6.12
C GLN D 519 -5.71 24.11 -6.12
N ILE D 520 -5.91 25.42 -5.96
CA ILE D 520 -4.81 26.37 -5.74
C ILE D 520 -4.31 26.23 -4.30
N PHE D 521 -3.03 25.95 -4.14
CA PHE D 521 -2.44 25.72 -2.83
C PHE D 521 -2.32 27.03 -2.04
N PRO D 522 -2.76 27.07 -0.78
CA PRO D 522 -3.01 28.36 -0.09
C PRO D 522 -1.76 29.17 0.21
N PRO D 523 -1.92 30.47 0.52
CA PRO D 523 -0.81 31.32 0.99
C PRO D 523 -0.17 30.81 2.27
N GLY D 524 0.99 31.36 2.64
CA GLY D 524 1.69 30.77 3.78
C GLY D 524 2.91 31.50 4.29
N ILE D 525 3.39 31.00 5.42
CA ILE D 525 4.61 31.45 6.11
C ILE D 525 5.64 30.31 6.06
N VAL D 526 6.89 30.64 5.77
CA VAL D 526 8.00 29.71 5.90
C VAL D 526 8.94 30.17 7.02
N THR D 527 9.22 29.29 7.97
CA THR D 527 10.15 29.57 9.07
C THR D 527 11.44 28.78 8.87
N MET D 528 12.58 29.46 9.01
CA MET D 528 13.87 28.79 8.85
C MET D 528 14.97 29.59 9.54
N ASN D 529 16.09 28.92 9.80
CA ASN D 529 17.29 29.59 10.27
C ASN D 529 18.10 30.13 9.09
N GLU D 530 19.25 30.73 9.37
CA GLU D 530 19.96 31.53 8.36
C GLU D 530 20.72 30.72 7.32
N TYR D 531 20.12 29.66 6.79
CA TYR D 531 20.60 28.98 5.59
C TYR D 531 20.48 29.88 4.35
N SER D 532 21.35 29.66 3.37
CA SER D 532 21.26 30.33 2.09
C SER D 532 20.13 29.77 1.21
N VAL D 533 19.36 30.65 0.59
CA VAL D 533 18.22 30.29 -0.24
C VAL D 533 18.53 30.48 -1.73
N PRO D 534 18.17 29.53 -2.60
CA PRO D 534 18.37 29.73 -4.05
C PRO D 534 17.69 30.98 -4.58
N LYS D 535 18.28 31.55 -5.63
CA LYS D 535 17.64 32.65 -6.37
C LYS D 535 16.27 32.26 -6.92
N THR D 536 16.10 31.01 -7.36
CA THR D 536 14.80 30.58 -7.86
C THR D 536 13.73 30.63 -6.79
N LEU D 537 14.06 30.20 -5.58
CA LEU D 537 13.08 30.12 -4.52
C LEU D 537 12.86 31.47 -3.86
N GLN D 538 13.92 32.26 -3.73
CA GLN D 538 13.76 33.56 -3.12
C GLN D 538 12.82 34.46 -3.93
N ALA D 539 12.79 34.28 -5.26
CA ALA D 539 11.82 34.99 -6.10
C ALA D 539 10.35 34.71 -5.78
N ARG D 540 10.04 33.61 -5.08
CA ARG D 540 8.67 33.36 -4.65
C ARG D 540 8.24 34.20 -3.45
N PHE D 541 9.15 34.82 -2.72
CA PHE D 541 8.83 35.44 -1.44
C PHE D 541 8.64 36.94 -1.61
N VAL D 542 7.44 37.42 -1.28
CA VAL D 542 7.14 38.84 -1.40
C VAL D 542 7.78 39.65 -0.27
N LYS D 543 7.95 39.06 0.91
CA LYS D 543 8.51 39.80 2.04
C LYS D 543 9.31 38.86 2.93
N GLN D 544 10.38 39.40 3.52
CA GLN D 544 11.21 38.69 4.48
C GLN D 544 11.23 39.47 5.79
N ILE D 545 10.99 38.78 6.90
CA ILE D 545 11.10 39.35 8.24
C ILE D 545 12.25 38.68 8.97
N ASP D 546 13.21 39.50 9.42
CA ASP D 546 14.39 39.06 10.15
C ASP D 546 14.17 39.23 11.65
N PHE D 547 14.17 38.13 12.39
CA PHE D 547 13.90 38.13 13.82
C PHE D 547 15.22 38.19 14.61
N ARG D 548 15.61 39.38 15.08
CA ARG D 548 16.71 39.51 16.04
C ARG D 548 16.28 39.10 17.46
N PRO D 549 16.96 38.17 18.12
CA PRO D 549 16.74 37.95 19.56
C PRO D 549 17.03 39.17 20.41
N LYS D 550 16.28 39.32 21.51
CA LYS D 550 16.41 40.46 22.43
C LYS D 550 16.49 40.00 23.88
N ASP D 551 17.54 40.44 24.60
CA ASP D 551 17.74 40.02 25.98
C ASP D 551 16.69 40.57 26.94
N TYR D 552 16.17 41.76 26.71
CA TYR D 552 15.12 42.29 27.58
C TYR D 552 13.82 41.50 27.47
N LEU D 553 13.46 41.00 26.28
CA LEU D 553 12.28 40.14 26.21
C LEU D 553 12.47 38.84 26.97
N LYS D 554 13.68 38.29 26.97
CA LYS D 554 13.96 37.07 27.72
C LYS D 554 13.85 37.28 29.23
N HIS D 555 14.56 38.27 29.78
CA HIS D 555 14.49 38.54 31.21
C HIS D 555 13.10 39.00 31.65
N CYS D 556 12.32 39.63 30.78
CA CYS D 556 10.92 39.88 31.09
C CYS D 556 10.12 38.60 31.32
N LEU D 557 10.18 37.65 30.39
CA LEU D 557 9.43 36.41 30.57
C LEU D 557 9.84 35.67 31.84
N GLU D 558 11.13 35.69 32.16
CA GLU D 558 11.58 35.07 33.40
C GLU D 558 10.91 35.67 34.63
N ARG D 559 10.33 36.86 34.50
CA ARG D 559 9.65 37.53 35.59
C ARG D 559 8.14 37.63 35.38
N SER D 560 7.59 36.90 34.40
CA SER D 560 6.15 36.87 34.16
C SER D 560 5.74 35.58 33.46
N GLU D 561 6.07 34.43 34.06
CA GLU D 561 5.89 33.11 33.46
C GLU D 561 4.44 32.73 33.22
N PHE D 562 3.47 33.44 33.79
CA PHE D 562 2.05 33.20 33.50
C PHE D 562 1.72 33.34 32.02
N LEU D 563 2.47 34.17 31.28
CA LEU D 563 2.32 34.27 29.84
C LEU D 563 2.55 32.96 29.12
N LEU D 564 3.64 32.26 29.46
CA LEU D 564 3.92 30.99 28.81
C LEU D 564 3.08 29.84 29.37
N GLU D 565 2.79 29.85 30.67
CA GLU D 565 1.93 28.80 31.21
C GLU D 565 0.54 28.82 30.56
N LYS D 566 -0.01 29.99 30.33
CA LYS D 566 -1.31 30.09 29.69
C LYS D 566 -1.22 30.24 28.17
N ARG D 567 -0.01 30.21 27.62
CA ARG D 567 0.25 30.34 26.18
C ARG D 567 -0.25 31.65 25.57
N ILE D 568 -0.29 32.72 26.36
CA ILE D 568 -0.95 33.95 25.94
C ILE D 568 -0.26 34.56 24.72
N ILE D 569 1.07 34.64 24.71
CA ILE D 569 1.79 35.19 23.56
C ILE D 569 1.74 34.31 22.33
N GLN D 570 1.31 33.06 22.44
CA GLN D 570 1.16 32.22 21.26
C GLN D 570 -0.21 32.31 20.63
N SER D 571 -1.21 32.84 21.32
CA SER D 571 -2.58 32.71 20.89
C SER D 571 -3.00 33.84 19.95
N GLY D 572 -3.85 33.50 18.99
CA GLY D 572 -4.47 34.48 18.12
C GLY D 572 -5.38 35.46 18.84
N ILE D 573 -5.90 35.09 20.02
CA ILE D 573 -6.72 36.00 20.81
C ILE D 573 -5.94 37.24 21.22
N ALA D 574 -4.64 37.07 21.52
CA ALA D 574 -3.80 38.22 21.81
C ALA D 574 -3.63 39.14 20.60
N LEU D 575 -3.47 38.58 19.41
CA LEU D 575 -3.36 39.43 18.21
C LEU D 575 -4.65 40.17 17.92
N LEU D 576 -5.80 39.52 18.12
CA LEU D 576 -7.07 40.18 17.89
C LEU D 576 -7.29 41.35 18.85
N LEU D 577 -6.89 41.17 20.12
CA LEU D 577 -6.88 42.28 21.07
C LEU D 577 -5.92 43.39 20.68
N MET D 578 -4.75 43.04 20.13
CA MET D 578 -3.84 44.06 19.62
C MET D 578 -4.45 44.85 18.47
N LEU D 579 -5.08 44.17 17.51
CA LEU D 579 -5.70 44.88 16.40
C LEU D 579 -6.86 45.76 16.85
N ILE D 580 -7.66 45.29 17.81
CA ILE D 580 -8.72 46.11 18.38
C ILE D 580 -8.16 47.38 19.02
N TRP D 581 -7.02 47.28 19.67
CA TRP D 581 -6.41 48.47 20.28
C TRP D 581 -5.76 49.39 19.24
N TYR D 582 -5.08 48.82 18.25
CA TYR D 582 -4.27 49.63 17.34
C TYR D 582 -4.96 50.12 16.06
N ARG D 583 -5.96 49.37 15.49
CA ARG D 583 -6.52 49.71 14.17
C ARG D 583 -7.80 50.56 14.27
N PRO D 584 -8.07 51.42 13.28
CA PRO D 584 -9.40 52.01 13.13
C PRO D 584 -10.53 50.98 13.05
N VAL D 585 -11.73 51.41 13.43
CA VAL D 585 -12.93 50.59 13.25
C VAL D 585 -13.16 50.27 11.77
N ALA D 586 -12.92 51.24 10.90
CA ALA D 586 -13.29 51.13 9.50
C ALA D 586 -12.47 50.13 8.69
N GLU D 587 -11.34 49.63 9.21
CA GLU D 587 -10.63 48.57 8.50
C GLU D 587 -11.28 47.19 8.64
N PHE D 588 -12.16 47.00 9.61
CA PHE D 588 -12.93 45.77 9.70
C PHE D 588 -14.16 45.81 8.78
N ALA D 589 -14.66 44.63 8.41
CA ALA D 589 -15.83 44.52 7.55
C ALA D 589 -17.09 45.05 8.23
N GLN D 590 -18.00 45.61 7.43
CA GLN D 590 -19.15 46.33 7.99
C GLN D 590 -20.05 45.44 8.83
N SER D 591 -20.12 44.14 8.55
CA SER D 591 -20.89 43.25 9.41
C SER D 591 -20.28 43.10 10.79
N ILE D 592 -18.96 43.04 10.90
CA ILE D 592 -18.32 42.81 12.20
C ILE D 592 -18.03 44.09 12.97
N GLN D 593 -18.03 45.25 12.31
CA GLN D 593 -17.81 46.53 12.98
C GLN D 593 -18.72 46.77 14.18
N SER D 594 -19.96 46.28 14.16
CA SER D 594 -20.83 46.42 15.34
C SER D 594 -20.26 45.75 16.59
N ARG D 595 -19.76 44.52 16.46
CA ARG D 595 -19.14 43.85 17.61
C ARG D 595 -17.80 44.48 17.99
N ILE D 596 -17.04 44.95 17.02
CA ILE D 596 -15.78 45.64 17.33
C ILE D 596 -16.05 46.88 18.18
N VAL D 597 -17.09 47.65 17.84
CA VAL D 597 -17.41 48.84 18.62
C VAL D 597 -17.66 48.49 20.08
N GLU D 598 -18.42 47.42 20.34
CA GLU D 598 -18.61 46.95 21.72
C GLU D 598 -17.30 46.57 22.42
N TRP D 599 -16.40 45.87 21.73
CA TRP D 599 -15.15 45.47 22.36
C TRP D 599 -14.20 46.64 22.60
N LYS D 600 -14.16 47.63 21.70
CA LYS D 600 -13.36 48.82 21.98
C LYS D 600 -13.81 49.52 23.26
N GLU D 601 -15.12 49.66 23.44
CA GLU D 601 -15.63 50.26 24.66
C GLU D 601 -15.30 49.45 25.91
N ARG D 602 -15.24 48.12 25.81
CA ARG D 602 -14.83 47.32 26.96
C ARG D 602 -13.36 47.55 27.32
N LEU D 603 -12.47 47.59 26.33
CA LEU D 603 -11.06 47.86 26.64
C LEU D 603 -10.86 49.27 27.17
N ASP D 604 -11.57 50.26 26.62
CA ASP D 604 -11.47 51.63 27.15
C ASP D 604 -11.89 51.71 28.62
N LYS D 605 -12.77 50.81 29.05
CA LYS D 605 -13.29 50.82 30.40
C LYS D 605 -12.45 50.02 31.40
N GLU D 606 -11.80 48.95 30.96
CA GLU D 606 -10.92 48.18 31.84
C GLU D 606 -9.46 48.64 31.83
N PHE D 607 -9.04 49.54 30.95
CA PHE D 607 -7.64 50.00 30.91
C PHE D 607 -7.54 51.51 30.78
N SER D 608 -6.29 51.99 30.70
CA SER D 608 -5.96 53.34 30.27
C SER D 608 -4.62 53.31 29.55
N LEU D 609 -4.34 54.40 28.81
CA LEU D 609 -3.05 54.52 28.12
C LEU D 609 -1.86 54.45 29.08
N SER D 610 -1.99 55.06 30.25
CA SER D 610 -0.87 55.11 31.18
C SER D 610 -0.52 53.73 31.72
N VAL D 611 -1.52 52.91 32.01
CA VAL D 611 -1.28 51.51 32.36
C VAL D 611 -0.54 50.80 31.23
N TYR D 612 -1.02 50.95 30.00
CA TYR D 612 -0.37 50.28 28.87
C TYR D 612 1.07 50.75 28.67
N GLN D 613 1.33 52.05 28.73
CA GLN D 613 2.70 52.53 28.52
C GLN D 613 3.63 52.15 29.65
N LYS D 614 3.13 52.09 30.88
CA LYS D 614 3.89 51.52 31.97
C LYS D 614 4.23 50.05 31.74
N MET D 615 3.28 49.26 31.22
CA MET D 615 3.60 47.88 30.85
C MET D 615 4.69 47.80 29.79
N LYS D 616 4.61 48.61 28.74
CA LYS D 616 5.67 48.57 27.73
C LYS D 616 7.02 48.97 28.31
N PHE D 617 7.05 49.97 29.18
CA PHE D 617 8.30 50.30 29.85
C PHE D 617 8.79 49.17 30.76
N ASN D 618 7.88 48.48 31.45
CA ASN D 618 8.28 47.29 32.20
C ASN D 618 8.91 46.23 31.30
N VAL D 619 8.30 45.91 30.16
CA VAL D 619 8.91 44.96 29.23
C VAL D 619 10.26 45.49 28.74
N ALA D 620 10.31 46.76 28.39
CA ALA D 620 11.55 47.34 27.90
C ALA D 620 12.66 47.24 28.93
N MET D 621 12.35 47.46 30.20
CA MET D 621 13.32 47.32 31.28
C MET D 621 13.59 45.88 31.68
N GLY D 622 12.94 44.91 31.06
CA GLY D 622 13.19 43.51 31.39
C GLY D 622 12.76 43.10 32.78
N ILE D 623 11.82 43.83 33.38
CA ILE D 623 11.18 43.44 34.62
C ILE D 623 9.83 42.80 34.31
N GLY D 624 9.10 42.34 35.32
CA GLY D 624 7.80 41.73 35.09
C GLY D 624 6.80 42.73 34.54
N VAL D 625 6.01 42.28 33.55
CA VAL D 625 5.11 43.20 32.87
C VAL D 625 4.16 43.88 33.85
N LEU D 626 3.64 43.12 34.81
CA LEU D 626 2.64 43.67 35.72
C LEU D 626 3.22 44.48 36.87
N ASP D 627 4.54 44.64 36.95
CA ASP D 627 5.13 45.26 38.14
C ASP D 627 4.70 46.70 38.32
N LYS E 266 -35.90 -14.63 22.33
CA LYS E 266 -35.22 -13.40 22.72
C LYS E 266 -34.03 -13.11 21.82
N GLN E 267 -33.43 -11.92 21.97
CA GLN E 267 -32.35 -11.47 21.10
C GLN E 267 -31.22 -10.83 21.88
N VAL E 268 -30.04 -10.83 21.24
CA VAL E 268 -28.83 -10.24 21.84
C VAL E 268 -29.06 -8.77 22.11
N SER E 269 -28.65 -8.32 23.30
CA SER E 269 -28.66 -6.90 23.64
C SER E 269 -27.25 -6.35 23.52
N TRP E 270 -27.07 -5.39 22.60
CA TRP E 270 -25.78 -4.80 22.34
C TRP E 270 -25.35 -3.81 23.42
N LYS E 271 -26.31 -3.23 24.13
CA LYS E 271 -25.99 -2.36 25.27
C LYS E 271 -25.23 -3.11 26.36
N LEU E 272 -25.64 -4.34 26.67
CA LEU E 272 -24.98 -5.09 27.73
C LEU E 272 -23.52 -5.41 27.40
N VAL E 273 -23.22 -5.74 26.14
CA VAL E 273 -21.82 -5.97 25.77
C VAL E 273 -21.01 -4.69 25.90
N THR E 274 -21.58 -3.57 25.46
CA THR E 274 -20.89 -2.29 25.54
C THR E 274 -20.55 -1.90 26.97
N GLU E 275 -21.49 -2.11 27.89
CA GLU E 275 -21.22 -1.88 29.31
C GLU E 275 -20.07 -2.72 29.85
N TYR E 276 -19.99 -4.00 29.50
CA TYR E 276 -18.85 -4.80 29.94
C TYR E 276 -17.53 -4.23 29.43
N ALA E 277 -17.49 -3.86 28.15
CA ALA E 277 -16.27 -3.26 27.61
C ALA E 277 -15.90 -1.98 28.33
N MET E 278 -16.88 -1.13 28.61
CA MET E 278 -16.62 0.12 29.33
C MET E 278 -16.07 -0.14 30.72
N GLU E 279 -16.73 -1.01 31.47
CA GLU E 279 -16.29 -1.32 32.84
C GLU E 279 -14.91 -1.97 32.88
N THR E 280 -14.61 -2.88 31.96
CA THR E 280 -13.25 -3.41 31.88
C THR E 280 -12.28 -2.53 31.10
N LYS E 281 -12.72 -1.38 30.60
CA LYS E 281 -11.89 -0.46 29.81
C LYS E 281 -11.15 -1.15 28.68
N CYS E 282 -11.84 -2.03 27.97
CA CYS E 282 -11.22 -2.98 27.05
C CYS E 282 -11.30 -2.45 25.63
N ASP E 283 -10.17 -2.39 24.94
CA ASP E 283 -10.12 -1.80 23.60
C ASP E 283 -9.41 -2.71 22.59
N ASP E 284 -9.44 -4.02 22.77
CA ASP E 284 -9.05 -4.96 21.72
C ASP E 284 -10.18 -5.94 21.43
N VAL E 285 -10.51 -6.09 20.14
CA VAL E 285 -11.72 -6.78 19.71
C VAL E 285 -11.65 -8.28 19.99
N LEU E 286 -10.52 -8.92 19.70
CA LEU E 286 -10.38 -10.34 19.97
C LEU E 286 -10.34 -10.64 21.45
N LEU E 287 -9.81 -9.72 22.24
CA LEU E 287 -9.82 -9.87 23.70
C LEU E 287 -11.23 -9.75 24.25
N LEU E 288 -12.00 -8.75 23.80
CA LEU E 288 -13.38 -8.62 24.24
C LEU E 288 -14.21 -9.83 23.82
N LEU E 289 -14.07 -10.23 22.56
CA LEU E 289 -14.77 -11.43 22.07
C LEU E 289 -14.40 -12.64 22.90
N GLY E 290 -13.11 -12.86 23.13
CA GLY E 290 -12.67 -14.01 23.91
C GLY E 290 -13.25 -14.07 25.31
N MET E 291 -13.20 -12.95 26.04
CA MET E 291 -13.70 -12.98 27.41
C MET E 291 -15.21 -13.11 27.50
N TYR E 292 -15.95 -12.42 26.63
CA TYR E 292 -17.40 -12.50 26.72
C TYR E 292 -17.92 -13.90 26.40
N LEU E 293 -17.25 -14.60 25.49
CA LEU E 293 -17.57 -16.00 25.24
C LEU E 293 -17.41 -16.89 26.47
N GLU E 294 -16.50 -16.56 27.39
CA GLU E 294 -16.35 -17.38 28.59
C GLU E 294 -17.58 -17.37 29.48
N PHE E 295 -18.46 -16.37 29.36
CA PHE E 295 -19.64 -16.28 30.20
C PHE E 295 -20.81 -17.17 29.77
N GLN E 296 -20.69 -17.89 28.67
CA GLN E 296 -21.82 -18.68 28.18
C GLN E 296 -22.15 -19.87 29.06
N TYR E 297 -21.20 -20.37 29.86
CA TYR E 297 -21.42 -21.56 30.67
C TYR E 297 -22.20 -21.22 31.95
N SER E 298 -22.71 -22.26 32.60
CA SER E 298 -23.47 -22.08 33.83
C SER E 298 -22.62 -21.47 34.94
N PHE E 299 -23.20 -20.47 35.62
CA PHE E 299 -22.52 -19.82 36.74
C PHE E 299 -22.43 -20.70 37.98
N GLU E 300 -23.33 -21.67 38.14
CA GLU E 300 -23.42 -22.41 39.39
C GLU E 300 -22.18 -23.25 39.68
N MET E 301 -21.40 -23.60 38.68
CA MET E 301 -20.29 -24.53 38.86
C MET E 301 -19.00 -24.08 38.18
N CYS E 302 -18.94 -22.84 37.68
CA CYS E 302 -17.75 -22.40 36.98
C CYS E 302 -16.55 -22.38 37.92
N LEU E 303 -15.53 -23.15 37.57
CA LEU E 303 -14.27 -23.15 38.33
C LEU E 303 -13.63 -21.77 38.41
N LYS E 304 -13.65 -21.01 37.31
CA LYS E 304 -13.00 -19.70 37.34
C LYS E 304 -13.64 -18.78 38.35
N CYS E 305 -14.95 -18.85 38.47
CA CYS E 305 -15.66 -18.07 39.49
C CYS E 305 -15.37 -18.58 40.90
N ILE E 306 -15.12 -19.88 41.06
CA ILE E 306 -14.82 -20.43 42.38
C ILE E 306 -13.36 -20.19 42.78
N LYS E 307 -12.43 -20.35 41.84
CA LYS E 307 -11.02 -20.11 42.14
C LYS E 307 -10.67 -18.62 42.34
N LYS E 308 -11.51 -17.70 41.90
CA LYS E 308 -11.20 -16.25 41.96
C LYS E 308 -9.93 -15.88 41.18
N GLU E 309 -9.77 -16.45 40.00
CA GLU E 309 -8.52 -16.33 39.25
C GLU E 309 -8.29 -14.90 38.75
N GLN E 310 -9.24 -14.35 37.99
CA GLN E 310 -9.09 -13.07 37.32
C GLN E 310 -10.27 -12.15 37.62
N PRO E 311 -10.04 -10.95 38.16
CA PRO E 311 -11.16 -10.07 38.54
C PRO E 311 -12.20 -9.86 37.45
N SER E 312 -11.75 -9.59 36.24
CA SER E 312 -12.64 -9.23 35.14
C SER E 312 -13.45 -10.41 34.62
N HIS E 313 -13.25 -11.61 35.15
CA HIS E 313 -14.21 -12.69 34.97
C HIS E 313 -15.20 -12.75 36.13
N TYR E 314 -14.72 -13.00 37.33
CA TYR E 314 -15.63 -13.49 38.38
C TYR E 314 -16.61 -12.41 38.83
N LYS E 315 -16.25 -11.14 38.69
CA LYS E 315 -17.17 -10.06 39.00
C LYS E 315 -18.37 -9.98 38.05
N TYR E 316 -18.25 -10.48 36.83
CA TYR E 316 -19.17 -10.13 35.77
C TYR E 316 -20.01 -11.28 35.24
N HIS E 317 -19.63 -12.53 35.47
CA HIS E 317 -20.32 -13.68 34.89
C HIS E 317 -21.80 -13.70 35.26
N GLU E 318 -22.13 -13.47 36.53
CA GLU E 318 -23.51 -13.61 36.97
C GLU E 318 -24.44 -12.59 36.34
N LYS E 319 -23.96 -11.37 36.09
CA LYS E 319 -24.78 -10.37 35.41
C LYS E 319 -25.06 -10.74 33.95
N HIS E 320 -24.07 -11.26 33.24
CA HIS E 320 -24.15 -11.36 31.78
C HIS E 320 -24.55 -12.74 31.25
N TYR E 321 -24.74 -13.73 32.11
CA TYR E 321 -24.98 -15.10 31.63
C TYR E 321 -26.06 -15.19 30.56
N ALA E 322 -27.21 -14.56 30.77
CA ALA E 322 -28.28 -14.62 29.77
C ALA E 322 -27.84 -14.09 28.42
N ASN E 323 -27.21 -12.93 28.40
CA ASN E 323 -26.77 -12.33 27.15
C ASN E 323 -25.64 -13.11 26.48
N ALA E 324 -24.73 -13.67 27.27
CA ALA E 324 -23.66 -14.50 26.71
C ALA E 324 -24.17 -15.80 26.08
N ALA E 325 -25.21 -16.40 26.64
CA ALA E 325 -25.81 -17.58 26.01
C ALA E 325 -26.41 -17.25 24.64
N ILE E 326 -27.12 -16.13 24.52
CA ILE E 326 -27.70 -15.73 23.24
C ILE E 326 -26.61 -15.25 22.27
N PHE E 327 -25.55 -14.64 22.80
CA PHE E 327 -24.42 -14.21 21.99
C PHE E 327 -23.72 -15.38 21.29
N ALA E 328 -23.57 -16.51 21.98
CA ALA E 328 -22.94 -17.68 21.36
C ALA E 328 -23.71 -18.26 20.18
N ASP E 329 -25.01 -18.06 20.09
CA ASP E 329 -25.78 -18.47 18.91
C ASP E 329 -25.71 -17.47 17.75
N SER E 330 -25.24 -16.27 17.97
CA SER E 330 -25.39 -15.18 17.02
C SER E 330 -24.40 -15.26 15.85
N LYS E 331 -24.77 -14.56 14.79
CA LYS E 331 -24.05 -14.57 13.52
C LYS E 331 -23.30 -13.27 13.27
N ASN E 332 -23.43 -12.28 14.16
CA ASN E 332 -22.83 -10.96 14.05
C ASN E 332 -21.78 -10.70 15.11
N GLN E 333 -21.14 -11.74 15.63
CA GLN E 333 -20.34 -11.60 16.85
C GLN E 333 -19.27 -10.52 16.76
N LYS E 334 -18.45 -10.53 15.70
CA LYS E 334 -17.39 -9.54 15.62
C LYS E 334 -17.90 -8.13 15.32
N THR E 335 -19.08 -8.02 14.71
CA THR E 335 -19.70 -6.71 14.51
C THR E 335 -20.10 -6.07 15.83
N ILE E 336 -20.66 -6.86 16.76
CA ILE E 336 -20.99 -6.35 18.09
C ILE E 336 -19.75 -5.86 18.81
N CYS E 337 -18.68 -6.63 18.80
CA CYS E 337 -17.46 -6.27 19.50
C CYS E 337 -16.77 -5.05 18.91
N GLN E 338 -16.81 -4.88 17.60
CA GLN E 338 -16.21 -3.68 17.00
C GLN E 338 -16.91 -2.40 17.44
N GLN E 339 -18.24 -2.40 17.50
CA GLN E 339 -18.96 -1.24 18.03
C GLN E 339 -18.66 -1.00 19.50
N ALA E 340 -18.53 -2.06 20.29
CA ALA E 340 -18.21 -1.91 21.70
C ALA E 340 -16.81 -1.32 21.93
N VAL E 341 -15.82 -1.78 21.18
CA VAL E 341 -14.48 -1.21 21.28
C VAL E 341 -14.45 0.24 20.82
N ASP E 342 -15.18 0.57 19.75
CA ASP E 342 -15.25 1.97 19.34
C ASP E 342 -15.89 2.86 20.40
N THR E 343 -16.81 2.33 21.21
CA THR E 343 -17.33 3.12 22.32
C THR E 343 -16.26 3.41 23.37
N VAL E 344 -15.41 2.44 23.69
CA VAL E 344 -14.29 2.68 24.59
C VAL E 344 -13.27 3.65 23.98
N LEU E 345 -12.99 3.52 22.68
CA LEU E 345 -12.07 4.46 22.02
C LEU E 345 -12.65 5.87 21.95
N ALA E 346 -13.95 6.00 21.72
CA ALA E 346 -14.60 7.30 21.73
C ALA E 346 -14.50 7.98 23.10
N LYS E 347 -14.68 7.21 24.18
CA LYS E 347 -14.55 7.74 25.53
C LYS E 347 -13.17 8.33 25.79
N LYS E 348 -12.11 7.63 25.40
CA LYS E 348 -10.75 8.16 25.50
C LYS E 348 -10.56 9.46 24.71
N ARG E 349 -11.17 9.55 23.53
CA ARG E 349 -11.12 10.79 22.74
C ARG E 349 -11.77 11.96 23.45
N VAL E 350 -13.00 11.78 23.95
CA VAL E 350 -13.67 12.83 24.69
C VAL E 350 -12.86 13.27 25.91
N ASP E 351 -12.39 12.31 26.70
CA ASP E 351 -11.61 12.64 27.90
C ASP E 351 -10.36 13.45 27.57
N SER E 352 -9.60 13.01 26.57
CA SER E 352 -8.37 13.71 26.22
C SER E 352 -8.60 15.06 25.55
N LEU E 353 -9.79 15.35 25.06
CA LEU E 353 -10.11 16.69 24.59
C LEU E 353 -10.65 17.61 25.68
N GLN E 354 -11.28 17.08 26.72
CA GLN E 354 -12.02 17.91 27.66
C GLN E 354 -11.50 17.94 29.09
N LEU E 355 -10.73 16.95 29.53
CA LEU E 355 -10.20 16.98 30.89
C LEU E 355 -8.95 17.85 31.01
N THR E 356 -8.74 18.38 32.21
CA THR E 356 -7.47 18.99 32.55
C THR E 356 -6.44 17.90 32.86
N ARG E 357 -5.17 18.25 32.66
CA ARG E 357 -4.08 17.31 32.88
C ARG E 357 -3.92 16.89 34.33
N GLU E 358 -4.33 17.75 35.27
CA GLU E 358 -4.28 17.36 36.67
C GLU E 358 -5.34 16.33 37.00
N GLN E 359 -6.50 16.43 36.38
CA GLN E 359 -7.53 15.41 36.56
C GLN E 359 -7.20 14.12 35.84
N MET E 360 -6.55 14.20 34.67
CA MET E 360 -6.06 12.98 34.02
C MET E 360 -5.11 12.21 34.93
N LEU E 361 -4.17 12.92 35.55
CA LEU E 361 -3.23 12.29 36.47
C LEU E 361 -3.92 11.79 37.73
N THR E 362 -4.90 12.53 38.23
CA THR E 362 -5.71 12.06 39.35
C THR E 362 -6.48 10.79 39.01
N ASN E 363 -7.04 10.71 37.79
CA ASN E 363 -7.69 9.47 37.36
C ASN E 363 -6.71 8.31 37.28
N ARG E 364 -5.50 8.57 36.78
CA ARG E 364 -4.49 7.53 36.69
C ARG E 364 -4.02 7.04 38.06
N PHE E 365 -3.82 7.95 39.02
CA PHE E 365 -3.50 7.50 40.38
C PHE E 365 -4.63 6.69 41.00
N ASN E 366 -5.88 7.09 40.79
CA ASN E 366 -7.00 6.31 41.30
C ASN E 366 -7.00 4.87 40.78
N ASP E 367 -6.75 4.68 39.49
CA ASP E 367 -6.60 3.32 38.95
C ASP E 367 -5.47 2.53 39.60
N LEU E 368 -4.30 3.12 39.81
CA LEU E 368 -3.21 2.38 40.45
C LEU E 368 -3.51 2.03 41.90
N LEU E 369 -4.20 2.91 42.63
CA LEU E 369 -4.60 2.56 43.99
C LEU E 369 -5.59 1.41 44.02
N ASP E 370 -6.47 1.31 43.03
CA ASP E 370 -7.29 0.11 42.87
C ASP E 370 -6.47 -1.16 42.68
N ARG E 371 -5.36 -1.11 41.92
CA ARG E 371 -4.46 -2.26 41.90
C ARG E 371 -3.86 -2.55 43.26
N MET E 372 -3.36 -1.53 43.94
CA MET E 372 -2.72 -1.74 45.24
C MET E 372 -3.68 -2.39 46.24
N ASP E 373 -4.95 -1.96 46.25
CA ASP E 373 -5.95 -2.65 47.06
C ASP E 373 -6.07 -4.14 46.73
N ILE E 374 -6.10 -4.47 45.45
CA ILE E 374 -6.20 -5.87 45.02
C ILE E 374 -4.90 -6.63 45.25
N MET E 375 -3.75 -5.99 45.08
CA MET E 375 -2.48 -6.68 45.33
C MET E 375 -2.28 -7.03 46.79
N PHE E 376 -2.53 -6.11 47.70
CA PHE E 376 -2.18 -6.31 49.10
C PHE E 376 -3.36 -6.77 49.95
N GLY E 377 -4.57 -6.76 49.43
CA GLY E 377 -5.65 -7.48 50.07
C GLY E 377 -5.42 -8.97 50.08
N SER E 378 -6.14 -9.66 50.96
CA SER E 378 -5.80 -11.04 51.28
C SER E 378 -5.91 -11.98 50.07
N THR E 379 -6.64 -11.61 49.02
CA THR E 379 -6.66 -12.42 47.81
C THR E 379 -5.44 -12.22 46.94
N GLY E 380 -4.62 -11.22 47.22
CA GLY E 380 -3.41 -10.97 46.46
C GLY E 380 -2.27 -11.90 46.85
N SER E 381 -1.06 -11.52 46.45
CA SER E 381 0.10 -12.37 46.61
C SER E 381 1.38 -11.60 46.93
N ALA E 382 1.32 -10.27 46.92
CA ALA E 382 2.50 -9.45 47.13
C ALA E 382 2.87 -9.33 48.61
N ASP E 383 4.15 -9.07 48.87
CA ASP E 383 4.64 -8.71 50.20
C ASP E 383 5.15 -7.27 50.19
N ILE E 384 4.47 -6.39 50.94
CA ILE E 384 4.80 -4.97 50.95
C ILE E 384 6.20 -4.68 51.46
N GLU E 385 6.80 -5.58 52.24
CA GLU E 385 8.19 -5.38 52.66
C GLU E 385 9.15 -5.39 51.49
N GLU E 386 8.86 -6.15 50.45
CA GLU E 386 9.68 -6.12 49.25
C GLU E 386 9.47 -4.87 48.41
N TRP E 387 8.25 -4.35 48.37
CA TRP E 387 8.01 -3.11 47.64
C TRP E 387 8.67 -1.91 48.31
N MET E 388 8.61 -1.81 49.64
CA MET E 388 9.32 -0.71 50.30
C MET E 388 10.84 -0.88 50.28
N ALA E 389 11.34 -2.12 50.25
CA ALA E 389 12.73 -2.33 49.88
C ALA E 389 13.03 -1.80 48.48
N GLY E 390 12.10 -1.99 47.55
CA GLY E 390 12.25 -1.40 46.23
C GLY E 390 12.28 0.12 46.23
N VAL E 391 11.44 0.75 47.04
CA VAL E 391 11.49 2.21 47.20
C VAL E 391 12.86 2.65 47.71
N ALA E 392 13.38 1.96 48.73
CA ALA E 392 14.72 2.27 49.23
C ALA E 392 15.78 2.09 48.14
N TRP E 393 15.69 1.03 47.35
CA TRP E 393 16.65 0.82 46.27
C TRP E 393 16.57 1.91 45.19
N LEU E 394 15.37 2.28 44.78
CA LEU E 394 15.24 3.34 43.77
C LEU E 394 15.85 4.67 44.21
N HIS E 395 15.65 5.06 45.47
CA HIS E 395 16.14 6.36 45.91
C HIS E 395 17.65 6.49 45.79
N CYS E 396 18.38 5.38 45.75
CA CYS E 396 19.84 5.42 45.56
C CYS E 396 20.27 5.62 44.12
N LEU E 397 19.37 5.44 43.14
CA LEU E 397 19.77 5.51 41.74
C LEU E 397 20.19 6.92 41.34
N LEU E 398 19.47 7.94 41.81
CA LEU E 398 19.78 9.34 41.57
C LEU E 398 19.75 10.12 42.88
N PRO E 399 20.57 11.17 43.00
CA PRO E 399 20.39 12.10 44.13
C PRO E 399 19.00 12.70 44.17
N LYS E 400 18.48 12.89 45.38
CA LYS E 400 17.23 13.62 45.64
C LYS E 400 16.07 13.10 44.80
N MET E 401 16.02 11.78 44.60
CA MET E 401 15.07 11.16 43.68
C MET E 401 13.64 11.66 43.88
N ASP E 402 13.21 11.81 45.13
CA ASP E 402 11.86 12.25 45.43
C ASP E 402 11.54 13.64 44.90
N SER E 403 12.49 14.57 44.96
CA SER E 403 12.29 15.87 44.34
C SER E 403 12.17 15.75 42.82
N VAL E 404 12.99 14.90 42.22
CA VAL E 404 13.02 14.74 40.77
C VAL E 404 11.69 14.19 40.26
N VAL E 405 11.10 13.24 40.96
CA VAL E 405 9.80 12.71 40.52
C VAL E 405 8.74 13.81 40.55
N TYR E 406 8.68 14.57 41.64
CA TYR E 406 7.71 15.67 41.68
C TYR E 406 8.02 16.77 40.67
N ASP E 407 9.31 17.05 40.41
CA ASP E 407 9.66 17.99 39.36
C ASP E 407 9.24 17.51 37.98
N PHE E 408 9.44 16.22 37.69
CA PHE E 408 8.95 15.64 36.44
C PHE E 408 7.43 15.65 36.35
N LEU E 409 6.75 15.21 37.42
CA LEU E 409 5.29 15.22 37.43
C LEU E 409 4.72 16.63 37.26
N LYS E 410 5.25 17.60 38.00
CA LYS E 410 4.78 18.97 37.87
C LYS E 410 5.02 19.52 36.47
N CYS E 411 6.16 19.20 35.87
CA CYS E 411 6.38 19.56 34.48
C CYS E 411 5.32 19.01 33.54
N MET E 412 5.00 17.72 33.67
CA MET E 412 4.00 17.12 32.80
C MET E 412 2.60 17.68 33.05
N VAL E 413 2.29 18.07 34.28
CA VAL E 413 1.00 18.73 34.52
C VAL E 413 0.97 20.14 33.94
N TYR E 414 2.07 20.89 34.03
CA TYR E 414 2.06 22.28 33.58
C TYR E 414 2.26 22.46 32.07
N ASN E 415 3.06 21.60 31.42
CA ASN E 415 3.13 21.54 29.95
C ASN E 415 3.40 22.90 29.28
N ILE E 416 4.45 23.58 29.73
CA ILE E 416 4.92 24.86 29.16
C ILE E 416 5.54 24.63 27.77
N PRO E 417 5.15 25.38 26.73
CA PRO E 417 5.70 25.17 25.38
C PRO E 417 7.22 25.14 25.28
N LYS E 418 7.74 24.16 24.53
CA LYS E 418 9.17 23.95 24.30
C LYS E 418 9.98 23.71 25.57
N LYS E 419 9.34 23.77 26.72
CA LYS E 419 9.89 23.27 27.98
C LYS E 419 9.18 21.97 28.36
N ARG E 420 9.24 20.97 27.49
CA ARG E 420 8.36 19.81 27.54
C ARG E 420 9.08 18.48 27.66
N TYR E 421 10.39 18.41 27.42
CA TYR E 421 11.11 17.13 27.37
C TYR E 421 12.31 17.12 28.30
N TRP E 422 12.59 15.95 28.88
CA TRP E 422 13.79 15.69 29.67
C TRP E 422 14.66 14.63 29.00
N LEU E 423 15.97 14.80 29.15
CA LEU E 423 16.97 13.96 28.49
C LEU E 423 17.67 13.06 29.50
N PHE E 424 17.52 11.75 29.37
CA PHE E 424 18.20 10.79 30.23
C PHE E 424 19.41 10.25 29.47
N LYS E 425 20.61 10.54 29.97
CA LYS E 425 21.85 10.33 29.22
C LYS E 425 22.90 9.68 30.11
N GLY E 426 23.67 8.75 29.53
CA GLY E 426 24.86 8.25 30.20
C GLY E 426 25.38 6.92 29.67
N PRO E 427 26.39 6.37 30.36
CA PRO E 427 26.91 5.03 30.02
C PRO E 427 25.86 3.93 29.94
N ILE E 428 26.22 2.82 29.29
CA ILE E 428 25.38 1.63 29.29
C ILE E 428 25.25 1.06 30.70
N ASP E 429 24.16 0.34 30.92
CA ASP E 429 23.83 -0.29 32.20
C ASP E 429 23.81 0.72 33.34
N SER E 430 22.76 1.53 33.33
CA SER E 430 22.69 2.70 34.20
C SER E 430 21.30 2.97 34.73
N GLY E 431 20.31 2.15 34.41
CA GLY E 431 18.98 2.22 34.99
C GLY E 431 18.09 3.30 34.41
N LYS E 432 18.58 4.06 33.44
CA LYS E 432 17.77 5.09 32.80
C LYS E 432 16.49 4.51 32.22
N THR E 433 16.57 3.35 31.57
CA THR E 433 15.35 2.67 31.13
C THR E 433 14.50 2.21 32.30
N THR E 434 15.12 1.69 33.35
CA THR E 434 14.35 1.28 34.54
C THR E 434 13.57 2.45 35.13
N LEU E 435 14.23 3.57 35.36
CA LEU E 435 13.52 4.75 35.86
C LEU E 435 12.51 5.27 34.85
N ALA E 436 12.85 5.26 33.55
CA ALA E 436 11.92 5.72 32.54
C ALA E 436 10.68 4.84 32.45
N ALA E 437 10.86 3.52 32.51
CA ALA E 437 9.70 2.62 32.50
C ALA E 437 8.86 2.76 33.76
N ALA E 438 9.49 3.03 34.90
CA ALA E 438 8.73 3.31 36.12
C ALA E 438 7.95 4.61 36.02
N LEU E 439 8.60 5.69 35.60
CA LEU E 439 7.92 6.96 35.41
C LEU E 439 6.79 6.84 34.40
N LEU E 440 7.00 6.06 33.35
CA LEU E 440 5.94 5.82 32.37
C LEU E 440 4.70 5.19 32.99
N GLU E 441 4.84 4.04 33.65
CA GLU E 441 3.66 3.43 34.29
C GLU E 441 3.01 4.34 35.32
N LEU E 442 3.78 5.15 36.03
CA LEU E 442 3.19 6.14 36.93
C LEU E 442 2.31 7.14 36.19
N CYS E 443 2.70 7.55 34.98
CA CYS E 443 1.96 8.55 34.22
C CYS E 443 0.99 7.98 33.19
N GLY E 444 1.26 6.81 32.62
CA GLY E 444 0.53 6.32 31.44
C GLY E 444 1.43 6.07 30.24
N GLY E 445 1.14 6.70 29.11
CA GLY E 445 2.13 6.93 28.06
C GLY E 445 2.58 5.71 27.25
N LYS E 446 3.51 5.97 26.33
CA LYS E 446 3.99 5.00 25.34
C LYS E 446 5.49 5.19 25.09
N ALA E 447 6.12 4.13 24.59
CA ALA E 447 7.50 4.18 24.10
C ALA E 447 7.54 4.16 22.58
N LEU E 448 8.43 4.99 21.99
CA LEU E 448 8.60 5.07 20.53
C LEU E 448 10.05 4.81 20.14
N ASN E 449 10.26 4.04 19.08
CA ASN E 449 11.60 3.69 18.58
C ASN E 449 11.87 4.34 17.22
N VAL E 450 12.30 5.59 17.24
CA VAL E 450 12.56 6.35 16.02
C VAL E 450 13.94 6.05 15.42
N ASN E 451 14.58 4.97 15.85
CA ASN E 451 15.68 4.42 15.05
C ASN E 451 15.19 3.60 13.86
N LEU E 452 13.95 3.13 13.88
CA LEU E 452 13.32 2.60 12.67
C LEU E 452 13.15 3.69 11.61
N PRO E 453 13.11 3.31 10.34
CA PRO E 453 13.52 4.21 9.27
C PRO E 453 12.45 5.23 8.89
N LEU E 454 12.93 6.31 8.28
CA LEU E 454 12.06 7.28 7.63
C LEU E 454 11.10 6.64 6.63
N ASP E 455 11.42 5.44 6.14
CA ASP E 455 10.51 4.69 5.28
C ASP E 455 9.22 4.27 5.99
N ARG E 456 9.21 4.25 7.32
CA ARG E 456 8.04 3.84 8.10
C ARG E 456 7.72 4.80 9.24
N LEU E 457 8.57 5.79 9.50
CA LEU E 457 8.49 6.62 10.68
C LEU E 457 7.13 7.29 10.89
N ASN E 458 6.37 7.57 9.83
CA ASN E 458 5.02 8.12 9.99
C ASN E 458 4.16 7.28 10.92
N PHE E 459 4.05 5.98 10.69
CA PHE E 459 3.21 5.13 11.53
C PHE E 459 3.80 4.90 12.92
N GLU E 460 5.08 5.19 13.13
CA GLU E 460 5.65 5.07 14.47
C GLU E 460 5.16 6.18 15.40
N LEU E 461 5.39 7.45 15.02
CA LEU E 461 4.82 8.54 15.79
C LEU E 461 3.30 8.54 15.80
N GLY E 462 2.66 7.77 14.91
CA GLY E 462 1.23 7.47 14.96
C GLY E 462 0.76 6.74 16.21
N VAL E 463 1.69 6.26 17.05
CA VAL E 463 1.32 5.69 18.35
C VAL E 463 1.07 6.73 19.43
N ALA E 464 1.57 7.95 19.28
CA ALA E 464 1.42 9.01 20.28
C ALA E 464 0.03 9.65 20.33
N ILE E 465 -0.93 9.21 19.53
CA ILE E 465 -2.27 9.81 19.55
C ILE E 465 -2.92 9.67 20.93
N ASP E 466 -3.39 10.80 21.48
CA ASP E 466 -4.06 10.91 22.78
C ASP E 466 -3.28 10.37 23.98
N GLN E 467 -1.96 10.26 23.93
CA GLN E 467 -1.19 9.82 25.09
C GLN E 467 -0.78 10.99 25.99
N PHE E 468 -0.50 10.67 27.25
CA PHE E 468 -0.07 11.65 28.25
C PHE E 468 1.43 11.88 28.25
N LEU E 469 2.24 10.84 28.01
CA LEU E 469 3.69 10.90 28.13
C LEU E 469 4.29 9.98 27.08
N VAL E 470 5.48 10.31 26.57
CA VAL E 470 6.20 9.45 25.63
C VAL E 470 7.63 9.23 26.11
N VAL E 471 8.17 8.02 25.89
CA VAL E 471 9.59 7.72 26.04
C VAL E 471 10.19 7.32 24.70
N PHE E 472 11.09 8.14 24.17
CA PHE E 472 11.87 7.78 22.98
C PHE E 472 13.06 6.95 23.42
N GLU E 473 13.01 5.65 23.17
CA GLU E 473 14.02 4.75 23.71
C GLU E 473 15.22 4.57 22.77
N ASP E 474 16.41 4.53 23.38
CA ASP E 474 17.63 4.08 22.70
C ASP E 474 17.93 4.83 21.39
N VAL E 475 17.79 6.15 21.40
CA VAL E 475 18.02 6.96 20.21
C VAL E 475 19.51 6.95 19.87
N LYS E 476 19.86 6.35 18.73
CA LYS E 476 21.24 6.35 18.23
C LYS E 476 21.65 7.70 17.67
N GLY E 477 22.88 8.12 17.97
CA GLY E 477 23.47 9.30 17.36
C GLY E 477 24.53 8.99 16.31
N THR E 478 25.50 9.89 16.19
CA THR E 478 26.69 9.69 15.36
C THR E 478 27.85 10.43 16.01
N GLY E 479 29.07 9.98 15.70
CA GLY E 479 30.27 10.57 16.30
C GLY E 479 30.64 10.05 17.67
N GLY E 480 30.05 8.94 18.13
CA GLY E 480 30.38 8.29 19.38
C GLY E 480 31.46 7.23 19.30
N GLU E 481 32.10 7.08 18.14
CA GLU E 481 33.03 5.98 17.92
C GLU E 481 34.23 6.02 18.86
N SER E 482 34.72 7.22 19.20
CA SER E 482 35.80 7.34 20.18
C SER E 482 35.38 6.91 21.58
N ARG E 483 34.08 6.72 21.82
CA ARG E 483 33.57 6.16 23.05
C ARG E 483 32.98 4.77 22.82
N ASP E 484 33.31 4.15 21.68
CA ASP E 484 32.86 2.81 21.31
C ASP E 484 31.34 2.68 21.18
N LEU E 485 30.68 3.75 20.69
CA LEU E 485 29.24 3.74 20.45
C LEU E 485 28.94 3.62 18.96
N PRO E 486 28.13 2.66 18.52
CA PRO E 486 27.80 2.56 17.08
C PRO E 486 26.79 3.60 16.62
N SER E 487 26.91 3.99 15.35
CA SER E 487 26.12 5.06 14.77
C SER E 487 24.76 4.58 14.24
N GLY E 488 23.84 5.54 14.06
CA GLY E 488 22.56 5.28 13.46
C GLY E 488 21.81 6.57 13.16
N GLN E 489 20.58 6.41 12.69
CA GLN E 489 19.77 7.51 12.18
C GLN E 489 19.13 8.37 13.28
N GLY E 490 19.05 7.84 14.50
CA GLY E 490 18.14 8.40 15.50
C GLY E 490 18.20 9.90 15.71
N ILE E 491 19.39 10.44 16.00
CA ILE E 491 19.48 11.86 16.31
C ILE E 491 19.11 12.73 15.11
N ASN E 492 19.39 12.29 13.89
CA ASN E 492 18.94 13.03 12.72
C ASN E 492 17.43 12.97 12.54
N ASN E 493 16.79 11.86 12.90
CA ASN E 493 15.33 11.84 12.91
C ASN E 493 14.74 12.79 13.95
N LEU E 494 15.24 12.77 15.18
CA LEU E 494 14.72 13.72 16.17
C LEU E 494 14.96 15.16 15.77
N ASP E 495 16.14 15.47 15.22
CA ASP E 495 16.39 16.82 14.76
C ASP E 495 15.63 17.19 13.50
N ASN E 496 15.01 16.23 12.81
CA ASN E 496 14.02 16.52 11.79
C ASN E 496 12.61 16.70 12.34
N LEU E 497 12.35 16.31 13.58
CA LEU E 497 11.02 16.30 14.19
C LEU E 497 10.79 17.45 15.17
N ARG E 498 11.52 18.55 15.03
CA ARG E 498 11.46 19.62 16.03
C ARG E 498 10.05 20.12 16.28
N ASP E 499 9.23 20.19 15.25
CA ASP E 499 7.84 20.63 15.40
C ASP E 499 7.03 19.75 16.34
N TYR E 500 7.46 18.51 16.54
CA TYR E 500 6.82 17.64 17.51
C TYR E 500 7.36 17.85 18.93
N LEU E 501 8.67 18.07 19.07
CA LEU E 501 9.28 18.28 20.38
C LEU E 501 9.02 19.68 20.95
N ASP E 502 8.77 20.67 20.10
CA ASP E 502 8.43 22.02 20.57
C ASP E 502 7.03 22.09 21.16
N GLY E 503 6.03 21.56 20.45
CA GLY E 503 4.68 21.52 20.96
C GLY E 503 3.97 22.85 21.03
N SER E 504 4.43 23.86 20.30
CA SER E 504 3.68 25.11 20.20
C SER E 504 2.43 24.96 19.33
N VAL E 505 2.44 24.06 18.34
CA VAL E 505 1.37 23.99 17.34
C VAL E 505 0.99 22.55 17.07
N LYS E 506 -0.19 22.38 16.47
CA LYS E 506 -0.75 21.06 16.23
C LYS E 506 -0.15 20.38 15.01
N VAL E 507 0.09 19.08 15.14
CA VAL E 507 0.81 18.25 14.18
C VAL E 507 -0.07 17.08 13.75
N ASN E 508 0.07 16.66 12.50
CA ASN E 508 -0.93 15.81 11.81
C ASN E 508 -0.64 14.31 11.96
N LEU E 509 -0.95 13.79 13.15
CA LEU E 509 -0.65 12.39 13.46
C LEU E 509 -1.51 11.42 12.66
N GLU E 510 -0.93 10.27 12.32
CA GLU E 510 -1.42 9.35 11.30
C GLU E 510 -1.40 7.91 11.78
N LYS E 511 -2.49 7.18 11.57
CA LYS E 511 -2.51 5.74 11.77
C LYS E 511 -3.30 5.07 10.65
N LYS E 512 -2.92 3.84 10.33
CA LYS E 512 -3.37 3.23 9.08
C LYS E 512 -4.87 2.97 9.06
N HIS E 513 -5.45 3.04 7.86
CA HIS E 513 -6.89 2.89 7.63
C HIS E 513 -7.70 3.88 8.46
N LEU E 514 -7.14 5.06 8.68
CA LEU E 514 -7.86 6.18 9.28
C LEU E 514 -7.28 7.48 8.72
N ASN E 515 -8.09 8.55 8.76
CA ASN E 515 -7.61 9.89 8.47
C ASN E 515 -6.53 10.34 9.46
N LYS E 516 -5.73 11.32 9.03
CA LYS E 516 -4.86 12.06 9.95
C LYS E 516 -5.69 12.81 10.99
N ARG E 517 -5.20 12.84 12.24
CA ARG E 517 -5.75 13.71 13.29
C ARG E 517 -4.71 14.71 13.81
N THR E 518 -5.01 16.00 13.64
CA THR E 518 -4.19 17.12 14.08
C THR E 518 -4.27 17.33 15.60
N GLN E 519 -3.12 17.27 16.30
CA GLN E 519 -3.08 17.53 17.73
C GLN E 519 -1.68 17.99 18.16
N ILE E 520 -1.60 18.52 19.38
CA ILE E 520 -0.30 18.76 20.02
C ILE E 520 0.32 17.43 20.43
N PHE E 521 1.51 17.14 19.93
CA PHE E 521 2.22 15.91 20.27
C PHE E 521 2.63 15.93 21.75
N PRO E 522 2.47 14.82 22.47
CA PRO E 522 2.73 14.80 23.95
C PRO E 522 4.16 15.09 24.37
N PRO E 523 4.37 15.41 25.66
CA PRO E 523 5.71 15.54 26.26
C PRO E 523 6.28 14.18 26.70
N GLY E 524 7.57 14.15 27.09
CA GLY E 524 8.23 12.86 27.18
C GLY E 524 9.68 12.87 27.69
N ILE E 525 10.26 11.66 27.70
CA ILE E 525 11.65 11.36 28.08
C ILE E 525 12.40 10.81 26.87
N VAL E 526 13.61 11.31 26.62
CA VAL E 526 14.49 10.74 25.60
C VAL E 526 15.67 10.03 26.28
N THR E 527 15.89 8.77 25.93
CA THR E 527 17.00 7.97 26.47
C THR E 527 18.07 7.74 25.41
N MET E 528 19.33 8.04 25.75
CA MET E 528 20.44 7.86 24.82
C MET E 528 21.75 7.66 25.58
N ASN E 529 22.72 7.09 24.89
CA ASN E 529 24.10 7.02 25.38
C ASN E 529 24.81 8.36 25.14
N GLU E 530 26.10 8.42 25.44
CA GLU E 530 26.92 9.62 25.24
C GLU E 530 27.18 9.96 23.78
N TYR E 531 26.13 10.02 22.97
CA TYR E 531 26.20 10.64 21.66
C TYR E 531 26.23 12.17 21.76
N SER E 532 26.78 12.81 20.73
CA SER E 532 26.63 14.25 20.59
C SER E 532 25.20 14.61 20.24
N VAL E 533 24.66 15.63 20.90
CA VAL E 533 23.35 16.20 20.58
C VAL E 533 23.57 17.58 19.95
N PRO E 534 23.10 17.82 18.72
CA PRO E 534 23.21 19.15 18.11
C PRO E 534 22.59 20.27 18.93
N LYS E 535 23.19 21.46 18.80
CA LYS E 535 22.72 22.67 19.48
C LYS E 535 21.27 23.02 19.16
N THR E 536 20.80 22.77 17.94
CA THR E 536 19.40 23.03 17.62
C THR E 536 18.48 22.07 18.36
N LEU E 537 18.90 20.84 18.55
CA LEU E 537 18.07 19.88 19.27
C LEU E 537 18.14 20.12 20.77
N GLN E 538 19.30 20.45 21.31
CA GLN E 538 19.41 20.61 22.76
C GLN E 538 18.48 21.70 23.30
N ALA E 539 18.18 22.72 22.50
CA ALA E 539 17.24 23.78 22.89
C ALA E 539 15.81 23.32 23.07
N ARG E 540 15.49 22.04 22.85
CA ARG E 540 14.17 21.47 23.14
C ARG E 540 14.06 20.81 24.51
N PHE E 541 15.15 20.69 25.27
CA PHE E 541 15.15 19.96 26.53
C PHE E 541 15.20 20.91 27.72
N VAL E 542 14.35 20.65 28.71
CA VAL E 542 14.35 21.44 29.95
C VAL E 542 15.60 21.14 30.78
N LYS E 543 15.83 19.86 31.08
CA LYS E 543 17.00 19.46 31.84
C LYS E 543 17.40 18.05 31.44
N GLN E 544 18.66 17.71 31.71
CA GLN E 544 19.16 16.35 31.53
C GLN E 544 19.52 15.72 32.87
N ILE E 545 19.44 14.39 32.92
CA ILE E 545 19.88 13.61 34.08
C ILE E 545 21.06 12.75 33.68
N ASP E 546 22.16 12.89 34.43
CA ASP E 546 23.47 12.32 34.09
C ASP E 546 23.70 10.94 34.75
N PHE E 547 22.98 9.93 34.28
CA PHE E 547 23.09 8.60 34.88
C PHE E 547 24.51 8.02 34.74
N ARG E 548 24.90 7.18 35.69
CA ARG E 548 26.08 6.32 35.57
C ARG E 548 25.92 5.11 36.49
N PRO E 549 26.60 3.99 36.18
CA PRO E 549 26.51 2.80 37.04
C PRO E 549 27.04 3.02 38.45
N LYS E 550 26.44 2.31 39.41
CA LYS E 550 26.93 2.27 40.80
C LYS E 550 27.19 0.83 41.23
N ASP E 551 28.43 0.55 41.67
CA ASP E 551 28.85 -0.81 41.98
C ASP E 551 28.01 -1.45 43.08
N TYR E 552 27.66 -0.69 44.11
CA TYR E 552 26.85 -1.25 45.18
C TYR E 552 25.45 -1.64 44.71
N LEU E 553 24.86 -0.89 43.79
CA LEU E 553 23.56 -1.29 43.25
C LEU E 553 23.65 -2.60 42.50
N LYS E 554 24.75 -2.84 41.80
CA LYS E 554 24.95 -4.15 41.15
C LYS E 554 25.00 -5.28 42.17
N HIS E 555 25.87 -5.18 43.17
CA HIS E 555 25.99 -6.25 44.15
C HIS E 555 24.73 -6.41 45.01
N CYS E 556 23.91 -5.37 45.11
CA CYS E 556 22.60 -5.52 45.75
C CYS E 556 21.65 -6.38 44.93
N LEU E 557 21.49 -6.07 43.64
CA LEU E 557 20.60 -6.89 42.81
C LEU E 557 21.09 -8.32 42.68
N GLU E 558 22.41 -8.53 42.69
CA GLU E 558 22.96 -9.88 42.71
C GLU E 558 22.52 -10.71 43.91
N ARG E 559 21.93 -10.10 44.91
CA ARG E 559 21.52 -10.80 46.12
C ARG E 559 20.05 -10.60 46.44
N SER E 560 19.53 -9.40 46.25
CA SER E 560 18.10 -9.11 46.40
C SER E 560 17.30 -9.46 45.16
N GLU E 561 17.57 -10.61 44.56
CA GLU E 561 17.18 -10.91 43.19
C GLU E 561 15.66 -10.92 42.97
N PHE E 562 14.86 -11.06 44.03
CA PHE E 562 13.41 -10.88 43.90
C PHE E 562 13.01 -9.52 43.31
N LEU E 563 13.87 -8.51 43.43
CA LEU E 563 13.57 -7.21 42.82
C LEU E 563 13.44 -7.31 41.31
N LEU E 564 14.40 -7.96 40.66
CA LEU E 564 14.34 -8.09 39.21
C LEU E 564 13.28 -9.10 38.77
N GLU E 565 13.19 -10.24 39.46
CA GLU E 565 12.24 -11.26 39.05
C GLU E 565 10.81 -10.73 39.10
N LYS E 566 10.44 -10.03 40.16
CA LYS E 566 9.10 -9.50 40.27
C LYS E 566 8.95 -8.14 39.60
N ARG E 567 10.03 -7.60 39.03
CA ARG E 567 10.05 -6.28 38.37
C ARG E 567 9.70 -5.12 39.31
N ILE E 568 10.05 -5.25 40.58
CA ILE E 568 9.66 -4.26 41.59
C ILE E 568 10.30 -2.90 41.33
N ILE E 569 11.58 -2.88 40.95
CA ILE E 569 12.24 -1.61 40.64
C ILE E 569 11.75 -1.00 39.33
N GLN E 570 11.09 -1.77 38.47
CA GLN E 570 10.50 -1.18 37.27
C GLN E 570 9.10 -0.60 37.51
N SER E 571 8.29 -1.19 38.36
CA SER E 571 6.87 -0.83 38.38
C SER E 571 6.63 0.54 39.03
N GLY E 572 5.67 1.27 38.45
CA GLY E 572 5.23 2.54 39.00
C GLY E 572 4.62 2.45 40.38
N ILE E 573 4.21 1.25 40.79
CA ILE E 573 3.70 1.04 42.14
C ILE E 573 4.78 1.35 43.17
N ALA E 574 6.04 1.04 42.86
CA ALA E 574 7.13 1.45 43.74
C ALA E 574 7.30 2.96 43.79
N LEU E 575 7.23 3.66 42.65
CA LEU E 575 7.32 5.11 42.69
C LEU E 575 6.14 5.75 43.42
N LEU E 576 4.93 5.20 43.26
CA LEU E 576 3.80 5.75 43.99
C LEU E 576 3.93 5.53 45.49
N LEU E 577 4.36 4.33 45.91
CA LEU E 577 4.63 4.10 47.34
C LEU E 577 5.73 5.01 47.86
N MET E 578 6.68 5.40 47.02
CA MET E 578 7.65 6.42 47.40
C MET E 578 7.01 7.79 47.58
N LEU E 579 6.13 8.20 46.68
CA LEU E 579 5.46 9.50 46.83
C LEU E 579 4.55 9.52 48.05
N ILE E 580 3.95 8.39 48.38
CA ILE E 580 3.24 8.25 49.66
C ILE E 580 4.20 8.45 50.84
N TRP E 581 5.44 8.02 50.73
CA TRP E 581 6.39 8.12 51.84
C TRP E 581 7.07 9.50 51.97
N TYR E 582 7.70 10.01 50.92
CA TYR E 582 8.47 11.26 51.06
C TYR E 582 7.69 12.57 50.91
N ARG E 583 6.50 12.62 50.17
CA ARG E 583 5.84 13.92 49.94
C ARG E 583 4.73 14.22 50.96
N PRO E 584 4.46 15.51 51.20
CA PRO E 584 3.24 15.90 51.93
C PRO E 584 1.95 15.42 51.27
N VAL E 585 0.92 15.25 52.12
CA VAL E 585 -0.42 14.98 51.61
C VAL E 585 -0.87 16.10 50.68
N ALA E 586 -0.53 17.34 51.01
CA ALA E 586 -1.02 18.54 50.33
C ALA E 586 -0.55 18.68 48.88
N GLU E 587 0.42 17.91 48.42
CA GLU E 587 0.74 17.91 46.99
C GLU E 587 -0.33 17.22 46.13
N PHE E 588 -1.16 16.37 46.72
CA PHE E 588 -2.16 15.63 45.97
C PHE E 588 -3.50 16.36 45.90
N ALA E 589 -4.26 16.06 44.85
CA ALA E 589 -5.58 16.64 44.62
C ALA E 589 -6.58 16.22 45.70
N GLN E 590 -7.51 17.13 46.01
CA GLN E 590 -8.40 16.96 47.15
C GLN E 590 -9.35 15.76 47.02
N SER E 591 -9.68 15.32 45.81
CA SER E 591 -10.51 14.14 45.69
C SER E 591 -9.77 12.86 46.09
N ILE E 592 -8.47 12.78 45.78
CA ILE E 592 -7.72 11.56 46.09
C ILE E 592 -7.08 11.58 47.48
N GLN E 593 -6.86 12.75 48.06
CA GLN E 593 -6.27 12.83 49.40
C GLN E 593 -6.95 11.92 50.42
N SER E 594 -8.25 11.70 50.30
CA SER E 594 -8.94 10.73 51.16
C SER E 594 -8.31 9.34 51.12
N ARG E 595 -8.06 8.81 49.92
CA ARG E 595 -7.39 7.51 49.81
C ARG E 595 -5.93 7.57 50.25
N ILE E 596 -5.24 8.66 49.94
CA ILE E 596 -3.83 8.77 50.28
C ILE E 596 -3.61 8.63 51.78
N VAL E 597 -4.46 9.26 52.58
CA VAL E 597 -4.28 9.19 54.04
C VAL E 597 -4.49 7.77 54.58
N GLU E 598 -5.43 7.01 54.01
CA GLU E 598 -5.53 5.61 54.40
C GLU E 598 -4.28 4.81 54.07
N TRP E 599 -3.67 5.07 52.91
CA TRP E 599 -2.42 4.40 52.59
C TRP E 599 -1.25 4.91 53.44
N LYS E 600 -1.16 6.21 53.71
CA LYS E 600 -0.12 6.70 54.61
C LYS E 600 -0.17 6.03 55.97
N GLU E 601 -1.36 5.91 56.56
CA GLU E 601 -1.47 5.21 57.84
C GLU E 601 -0.98 3.77 57.74
N ARG E 602 -1.33 3.07 56.68
CA ARG E 602 -0.96 1.68 56.52
C ARG E 602 0.55 1.45 56.44
N LEU E 603 1.29 2.35 55.78
CA LEU E 603 2.74 2.21 55.74
C LEU E 603 3.42 2.44 57.09
N ASP E 604 2.89 3.33 57.93
CA ASP E 604 3.39 3.40 59.30
C ASP E 604 3.02 2.15 60.10
N LYS E 605 1.79 1.66 59.93
CA LYS E 605 1.33 0.52 60.71
C LYS E 605 2.04 -0.78 60.36
N GLU E 606 2.55 -0.89 59.13
CA GLU E 606 3.27 -2.08 58.71
C GLU E 606 4.80 -1.92 58.65
N PHE E 607 5.35 -0.75 59.00
CA PHE E 607 6.80 -0.56 59.00
C PHE E 607 7.23 0.23 60.25
N SER E 608 8.48 0.71 60.19
CA SER E 608 9.01 1.75 61.06
C SER E 608 10.11 2.48 60.30
N LEU E 609 10.49 3.66 60.81
CA LEU E 609 11.59 4.41 60.20
C LEU E 609 12.91 3.66 60.26
N SER E 610 13.18 2.95 61.35
CA SER E 610 14.43 2.22 61.47
C SER E 610 14.54 1.07 60.48
N VAL E 611 13.41 0.41 60.20
CA VAL E 611 13.39 -0.62 59.16
C VAL E 611 13.74 -0.05 57.80
N TYR E 612 13.15 1.10 57.44
CA TYR E 612 13.53 1.74 56.18
C TYR E 612 14.99 2.18 56.16
N GLN E 613 15.47 2.76 57.25
CA GLN E 613 16.88 3.13 57.35
C GLN E 613 17.80 1.92 57.21
N LYS E 614 17.43 0.80 57.81
CA LYS E 614 18.18 -0.44 57.62
C LYS E 614 18.18 -0.90 56.16
N MET E 615 17.03 -0.84 55.48
CA MET E 615 16.99 -1.19 54.07
C MET E 615 17.92 -0.33 53.21
N LYS E 616 17.85 0.99 53.34
CA LYS E 616 18.75 1.84 52.55
C LYS E 616 20.21 1.57 52.85
N PHE E 617 20.56 1.40 54.12
CA PHE E 617 21.94 1.07 54.45
C PHE E 617 22.37 -0.27 53.88
N ASN E 618 21.47 -1.26 53.86
CA ASN E 618 21.77 -2.52 53.20
C ASN E 618 22.06 -2.32 51.71
N VAL E 619 21.30 -1.46 51.03
CA VAL E 619 21.61 -1.13 49.63
C VAL E 619 22.96 -0.44 49.53
N ALA E 620 23.25 0.50 50.43
CA ALA E 620 24.54 1.19 50.40
C ALA E 620 25.69 0.23 50.67
N MET E 621 25.49 -0.75 51.54
CA MET E 621 26.45 -1.84 51.70
C MET E 621 26.43 -2.82 50.54
N GLY E 622 25.45 -2.72 49.64
CA GLY E 622 25.36 -3.61 48.50
C GLY E 622 25.01 -5.05 48.84
N ILE E 623 24.39 -5.27 50.00
CA ILE E 623 23.99 -6.60 50.44
C ILE E 623 22.49 -6.78 50.19
N GLY E 624 21.94 -7.93 50.57
CA GLY E 624 20.51 -8.15 50.44
C GLY E 624 19.67 -7.19 51.26
N VAL E 625 18.66 -6.58 50.63
CA VAL E 625 17.96 -5.47 51.25
C VAL E 625 17.18 -5.92 52.49
N LEU E 626 16.62 -7.13 52.46
CA LEU E 626 15.81 -7.63 53.57
C LEU E 626 16.62 -8.03 54.80
N ASP E 627 17.94 -7.99 54.75
CA ASP E 627 18.75 -8.46 55.87
C ASP E 627 18.41 -7.71 57.15
N LYS F 266 -33.85 -26.89 7.54
CA LYS F 266 -33.25 -26.23 8.69
C LYS F 266 -31.99 -25.46 8.35
N GLN F 267 -31.55 -24.63 9.29
CA GLN F 267 -30.34 -23.83 9.17
C GLN F 267 -29.08 -24.58 9.63
N VAL F 268 -27.94 -24.10 9.13
CA VAL F 268 -26.64 -24.50 9.67
C VAL F 268 -26.53 -24.05 11.10
N SER F 269 -26.01 -24.91 11.96
CA SER F 269 -25.59 -24.49 13.30
C SER F 269 -24.18 -23.92 13.25
N TRP F 270 -24.06 -22.60 13.42
CA TRP F 270 -22.75 -21.96 13.47
C TRP F 270 -22.01 -22.32 14.75
N LYS F 271 -22.76 -22.60 15.80
CA LYS F 271 -22.24 -23.14 17.06
C LYS F 271 -21.49 -24.46 16.87
N LEU F 272 -22.10 -25.41 16.17
CA LEU F 272 -21.45 -26.71 15.97
C LEU F 272 -20.15 -26.61 15.17
N VAL F 273 -20.10 -25.73 14.17
CA VAL F 273 -18.84 -25.51 13.46
C VAL F 273 -17.77 -24.96 14.39
N THR F 274 -18.15 -24.05 15.28
CA THR F 274 -17.18 -23.48 16.20
C THR F 274 -16.70 -24.49 17.25
N GLU F 275 -17.55 -25.44 17.65
CA GLU F 275 -17.07 -26.54 18.50
C GLU F 275 -16.01 -27.38 17.81
N TYR F 276 -16.22 -27.78 16.57
CA TYR F 276 -15.16 -28.50 15.85
C TYR F 276 -13.88 -27.68 15.76
N ALA F 277 -13.99 -26.40 15.46
CA ALA F 277 -12.80 -25.57 15.32
C ALA F 277 -11.99 -25.51 16.60
N MET F 278 -12.65 -25.38 17.75
CA MET F 278 -11.95 -25.36 19.02
C MET F 278 -11.45 -26.74 19.42
N GLU F 279 -12.26 -27.77 19.24
CA GLU F 279 -11.80 -29.11 19.54
C GLU F 279 -10.59 -29.51 18.71
N THR F 280 -10.46 -29.02 17.47
CA THR F 280 -9.28 -29.29 16.65
C THR F 280 -8.25 -28.16 16.62
N LYS F 281 -8.44 -27.08 17.38
CA LYS F 281 -7.46 -26.00 17.52
C LYS F 281 -6.99 -25.43 16.18
N CYS F 282 -7.94 -25.15 15.30
CA CYS F 282 -7.67 -24.85 13.89
C CYS F 282 -7.85 -23.36 13.63
N ASP F 283 -6.80 -22.70 13.14
CA ASP F 283 -6.85 -21.25 12.94
C ASP F 283 -6.45 -20.87 11.52
N ASP F 284 -6.77 -21.70 10.54
CA ASP F 284 -6.68 -21.35 9.13
C ASP F 284 -8.05 -21.55 8.46
N VAL F 285 -8.55 -20.50 7.82
CA VAL F 285 -9.93 -20.49 7.34
C VAL F 285 -10.17 -21.54 6.25
N LEU F 286 -9.26 -21.64 5.29
CA LEU F 286 -9.42 -22.64 4.22
C LEU F 286 -9.26 -24.06 4.72
N LEU F 287 -8.42 -24.28 5.72
CA LEU F 287 -8.28 -25.62 6.28
C LEU F 287 -9.54 -26.07 7.01
N LEU F 288 -10.11 -25.20 7.84
CA LEU F 288 -11.39 -25.52 8.47
C LEU F 288 -12.46 -25.81 7.43
N LEU F 289 -12.57 -24.94 6.42
CA LEU F 289 -13.56 -25.14 5.37
C LEU F 289 -13.40 -26.50 4.70
N GLY F 290 -12.17 -26.82 4.29
CA GLY F 290 -11.94 -28.05 3.57
C GLY F 290 -12.26 -29.29 4.38
N MET F 291 -11.82 -29.32 5.64
CA MET F 291 -12.09 -30.50 6.47
C MET F 291 -13.57 -30.65 6.79
N TYR F 292 -14.29 -29.56 7.04
CA TYR F 292 -15.70 -29.70 7.36
C TYR F 292 -16.53 -30.25 6.20
N LEU F 293 -16.17 -29.91 4.96
CA LEU F 293 -16.88 -30.41 3.80
C LEU F 293 -16.76 -31.92 3.63
N GLU F 294 -15.68 -32.53 4.11
CA GLU F 294 -15.54 -33.97 4.05
C GLU F 294 -16.67 -34.70 4.76
N PHE F 295 -17.26 -34.10 5.79
CA PHE F 295 -18.29 -34.76 6.58
C PHE F 295 -19.65 -34.87 5.90
N GLN F 296 -19.85 -34.25 4.74
CA GLN F 296 -21.16 -34.30 4.08
C GLN F 296 -21.52 -35.68 3.56
N TYR F 297 -20.54 -36.54 3.31
CA TYR F 297 -20.79 -37.89 2.79
C TYR F 297 -21.28 -38.83 3.89
N SER F 298 -21.92 -39.92 3.46
CA SER F 298 -22.49 -40.88 4.39
C SER F 298 -21.44 -41.49 5.30
N PHE F 299 -21.74 -41.48 6.61
CA PHE F 299 -20.82 -42.03 7.61
C PHE F 299 -20.67 -43.54 7.52
N GLU F 300 -21.74 -44.26 7.15
CA GLU F 300 -21.65 -45.71 7.09
C GLU F 300 -20.63 -46.23 6.08
N MET F 301 -20.38 -45.48 5.02
CA MET F 301 -19.44 -45.91 3.98
C MET F 301 -18.04 -45.33 4.15
N CYS F 302 -17.82 -44.44 5.10
CA CYS F 302 -16.68 -43.52 5.04
C CYS F 302 -15.35 -44.27 5.15
N LEU F 303 -14.61 -44.30 4.05
CA LEU F 303 -13.35 -45.04 3.97
C LEU F 303 -12.27 -44.47 4.89
N LYS F 304 -12.24 -43.15 5.06
CA LYS F 304 -11.29 -42.54 5.98
C LYS F 304 -11.54 -42.96 7.42
N CYS F 305 -12.80 -43.16 7.79
CA CYS F 305 -13.11 -43.73 9.10
C CYS F 305 -12.77 -45.21 9.17
N ILE F 306 -13.04 -45.97 8.12
CA ILE F 306 -12.68 -47.38 8.11
C ILE F 306 -11.16 -47.56 8.21
N LYS F 307 -10.38 -46.74 7.50
CA LYS F 307 -8.93 -46.79 7.64
C LYS F 307 -8.40 -46.15 8.92
N LYS F 308 -9.21 -45.37 9.63
CA LYS F 308 -8.75 -44.62 10.81
C LYS F 308 -7.49 -43.80 10.50
N GLU F 309 -7.53 -43.06 9.40
CA GLU F 309 -6.30 -42.50 8.83
C GLU F 309 -5.81 -41.26 9.56
N GLN F 310 -6.63 -40.20 9.61
CA GLN F 310 -6.28 -38.93 10.26
C GLN F 310 -7.11 -38.71 11.51
N PRO F 311 -6.49 -38.50 12.68
CA PRO F 311 -7.26 -38.42 13.93
C PRO F 311 -8.41 -37.41 13.90
N SER F 312 -8.16 -36.22 13.36
CA SER F 312 -9.14 -35.14 13.34
C SER F 312 -10.25 -35.34 12.33
N HIS F 313 -10.22 -36.41 11.55
CA HIS F 313 -11.41 -36.82 10.81
C HIS F 313 -12.26 -37.79 11.61
N TYR F 314 -11.73 -38.97 11.90
CA TYR F 314 -12.60 -40.07 12.30
C TYR F 314 -13.16 -39.91 13.71
N LYS F 315 -12.52 -39.12 14.57
CA LYS F 315 -13.12 -38.80 15.85
C LYS F 315 -14.40 -37.97 15.74
N TYR F 316 -14.61 -37.25 14.63
CA TYR F 316 -15.64 -36.22 14.57
C TYR F 316 -16.75 -36.46 13.55
N HIS F 317 -16.55 -37.29 12.54
CA HIS F 317 -17.48 -37.34 11.42
C HIS F 317 -18.94 -37.56 11.85
N GLU F 318 -19.20 -38.56 12.71
CA GLU F 318 -20.58 -38.85 13.06
C GLU F 318 -21.25 -37.73 13.86
N LYS F 319 -20.51 -37.10 14.76
CA LYS F 319 -21.05 -35.99 15.53
C LYS F 319 -21.51 -34.84 14.63
N HIS F 320 -20.78 -34.59 13.56
CA HIS F 320 -20.99 -33.41 12.71
C HIS F 320 -21.68 -33.69 11.38
N TYR F 321 -21.92 -34.96 11.03
CA TYR F 321 -22.49 -35.30 9.73
C TYR F 321 -23.80 -34.56 9.40
N ALA F 322 -24.74 -34.53 10.33
CA ALA F 322 -26.01 -33.86 10.07
C ALA F 322 -25.82 -32.39 9.73
N ASN F 323 -24.95 -31.70 10.45
CA ASN F 323 -24.71 -30.29 10.20
C ASN F 323 -23.93 -30.07 8.90
N ALA F 324 -23.06 -31.00 8.53
CA ALA F 324 -22.33 -30.88 7.25
C ALA F 324 -23.22 -31.05 6.03
N ALA F 325 -24.28 -31.87 6.11
CA ALA F 325 -25.24 -31.93 5.00
C ALA F 325 -25.94 -30.61 4.74
N ILE F 326 -26.20 -29.81 5.79
CA ILE F 326 -26.82 -28.51 5.60
C ILE F 326 -25.79 -27.45 5.22
N PHE F 327 -24.60 -27.53 5.78
CA PHE F 327 -23.49 -26.64 5.42
C PHE F 327 -23.13 -26.76 3.94
N ALA F 328 -23.23 -27.96 3.37
CA ALA F 328 -22.98 -28.15 1.94
C ALA F 328 -23.91 -27.35 1.03
N ASP F 329 -25.18 -27.15 1.41
CA ASP F 329 -26.09 -26.30 0.66
C ASP F 329 -25.94 -24.81 0.93
N SER F 330 -25.26 -24.43 1.99
CA SER F 330 -25.20 -23.04 2.43
C SER F 330 -24.48 -22.11 1.45
N LYS F 331 -24.94 -20.86 1.44
CA LYS F 331 -24.42 -19.78 0.61
C LYS F 331 -23.43 -18.87 1.34
N ASN F 332 -23.13 -19.16 2.62
CA ASN F 332 -22.34 -18.29 3.50
C ASN F 332 -21.05 -18.96 3.98
N GLN F 333 -20.56 -19.98 3.28
CA GLN F 333 -19.58 -20.89 3.87
C GLN F 333 -18.36 -20.18 4.45
N LYS F 334 -17.73 -19.29 3.69
CA LYS F 334 -16.54 -18.62 4.25
C LYS F 334 -16.88 -17.68 5.40
N THR F 335 -18.07 -17.09 5.40
CA THR F 335 -18.51 -16.25 6.53
C THR F 335 -18.61 -17.04 7.82
N ILE F 336 -19.19 -18.24 7.76
CA ILE F 336 -19.26 -19.12 8.93
C ILE F 336 -17.86 -19.48 9.44
N CYS F 337 -16.99 -19.90 8.55
CA CYS F 337 -15.66 -20.36 8.97
C CYS F 337 -14.78 -19.23 9.49
N GLN F 338 -14.89 -18.02 8.93
CA GLN F 338 -14.11 -16.91 9.47
C GLN F 338 -14.46 -16.62 10.93
N GLN F 339 -15.75 -16.64 11.27
CA GLN F 339 -16.15 -16.45 12.67
C GLN F 339 -15.68 -17.61 13.56
N ALA F 340 -15.74 -18.84 13.06
CA ALA F 340 -15.18 -19.95 13.81
C ALA F 340 -13.68 -19.79 14.05
N VAL F 341 -12.94 -19.31 13.05
CA VAL F 341 -11.51 -19.05 13.25
C VAL F 341 -11.27 -17.88 14.20
N ASP F 342 -12.06 -16.81 14.11
CA ASP F 342 -11.94 -15.72 15.06
C ASP F 342 -12.12 -16.19 16.50
N THR F 343 -13.01 -17.16 16.72
CA THR F 343 -13.21 -17.69 18.06
C THR F 343 -11.97 -18.42 18.59
N VAL F 344 -11.29 -19.19 17.73
CA VAL F 344 -10.03 -19.83 18.12
C VAL F 344 -8.93 -18.82 18.37
N LEU F 345 -8.81 -17.80 17.52
CA LEU F 345 -7.81 -16.75 17.75
C LEU F 345 -8.06 -15.98 19.03
N ALA F 346 -9.32 -15.70 19.34
CA ALA F 346 -9.67 -15.02 20.59
C ALA F 346 -9.27 -15.81 21.83
N LYS F 347 -9.48 -17.12 21.82
CA LYS F 347 -9.05 -17.95 22.94
C LYS F 347 -7.55 -17.83 23.18
N LYS F 348 -6.74 -17.89 22.13
CA LYS F 348 -5.29 -17.76 22.28
C LYS F 348 -4.86 -16.43 22.88
N ARG F 349 -5.48 -15.32 22.46
CA ARG F 349 -5.16 -14.04 23.09
C ARG F 349 -5.54 -13.99 24.56
N VAL F 350 -6.75 -14.42 24.92
CA VAL F 350 -7.14 -14.47 26.33
C VAL F 350 -6.12 -15.25 27.14
N ASP F 351 -5.75 -16.43 26.68
CA ASP F 351 -4.72 -17.22 27.36
C ASP F 351 -3.40 -16.47 27.52
N SER F 352 -2.95 -15.78 26.47
CA SER F 352 -1.66 -15.11 26.52
C SER F 352 -1.60 -13.99 27.57
N LEU F 353 -2.72 -13.33 27.86
CA LEU F 353 -2.70 -12.35 28.94
C LEU F 353 -2.81 -12.98 30.32
N GLN F 354 -3.65 -14.00 30.47
CA GLN F 354 -4.10 -14.41 31.79
C GLN F 354 -3.42 -15.64 32.37
N LEU F 355 -2.85 -16.54 31.55
CA LEU F 355 -2.14 -17.67 32.11
C LEU F 355 -0.74 -17.28 32.60
N THR F 356 -0.31 -17.95 33.66
CA THR F 356 1.08 -17.87 34.05
C THR F 356 1.93 -18.67 33.09
N ARG F 357 3.20 -18.29 32.99
CA ARG F 357 4.08 -18.96 32.03
C ARG F 357 4.30 -20.44 32.37
N GLU F 358 4.22 -20.81 33.64
CA GLU F 358 4.27 -22.24 33.98
C GLU F 358 3.05 -22.99 33.47
N GLN F 359 1.87 -22.39 33.54
CA GLN F 359 0.67 -23.03 33.00
C GLN F 359 0.74 -23.18 31.49
N MET F 360 1.25 -22.16 30.78
CA MET F 360 1.43 -22.29 29.35
C MET F 360 2.35 -23.44 28.99
N LEU F 361 3.51 -23.52 29.66
CA LEU F 361 4.44 -24.59 29.37
C LEU F 361 3.88 -25.95 29.75
N THR F 362 3.08 -26.02 30.81
CA THR F 362 2.37 -27.25 31.14
C THR F 362 1.36 -27.65 30.06
N ASN F 363 0.58 -26.70 29.56
CA ASN F 363 -0.35 -26.98 28.47
C ASN F 363 0.39 -27.40 27.19
N ARG F 364 1.55 -26.82 26.93
CA ARG F 364 2.38 -27.25 25.80
C ARG F 364 2.91 -28.68 25.95
N PHE F 365 3.39 -29.06 27.14
CA PHE F 365 3.84 -30.44 27.33
C PHE F 365 2.70 -31.44 27.21
N ASN F 366 1.53 -31.10 27.73
CA ASN F 366 0.36 -31.96 27.56
C ASN F 366 0.07 -32.25 26.10
N ASP F 367 0.11 -31.23 25.24
CA ASP F 367 -0.11 -31.47 23.80
C ASP F 367 0.94 -32.40 23.21
N LEU F 368 2.21 -32.21 23.54
CA LEU F 368 3.24 -33.13 23.08
C LEU F 368 2.97 -34.55 23.56
N LEU F 369 2.65 -34.71 24.84
CA LEU F 369 2.38 -36.03 25.41
C LEU F 369 1.20 -36.72 24.74
N ASP F 370 0.14 -35.98 24.42
CA ASP F 370 -0.94 -36.55 23.62
C ASP F 370 -0.48 -37.05 22.26
N ARG F 371 0.43 -36.34 21.59
CA ARG F 371 1.00 -36.86 20.34
C ARG F 371 1.87 -38.09 20.56
N MET F 372 2.63 -38.14 21.65
CA MET F 372 3.39 -39.35 21.96
C MET F 372 2.48 -40.58 22.14
N ASP F 373 1.33 -40.39 22.77
CA ASP F 373 0.36 -41.49 22.85
C ASP F 373 -0.10 -41.99 21.47
N ILE F 374 -0.28 -41.08 20.52
CA ILE F 374 -0.72 -41.49 19.18
C ILE F 374 0.40 -42.15 18.39
N MET F 375 1.60 -41.58 18.42
CA MET F 375 2.70 -42.11 17.62
C MET F 375 3.10 -43.52 18.02
N PHE F 376 3.19 -43.78 19.32
CA PHE F 376 3.72 -45.02 19.84
C PHE F 376 2.64 -46.01 20.27
N GLY F 377 1.40 -45.82 19.82
CA GLY F 377 0.31 -46.72 20.16
C GLY F 377 0.29 -47.97 19.30
N SER F 378 -0.83 -48.70 19.41
CA SER F 378 -1.12 -49.82 18.52
C SER F 378 -1.50 -49.36 17.12
N THR F 379 -2.13 -48.19 17.00
CA THR F 379 -2.28 -47.53 15.70
C THR F 379 -1.04 -46.73 15.34
N GLY F 380 0.06 -47.05 16.03
CA GLY F 380 1.26 -46.26 15.95
C GLY F 380 2.00 -46.38 14.64
N SER F 381 2.92 -45.44 14.45
CA SER F 381 3.67 -45.30 13.23
C SER F 381 5.18 -45.27 13.44
N ALA F 382 5.66 -45.41 14.67
CA ALA F 382 7.08 -45.29 14.94
C ALA F 382 7.48 -46.21 16.09
N ASP F 383 8.77 -46.49 16.18
CA ASP F 383 9.31 -47.31 17.24
C ASP F 383 10.09 -46.45 18.22
N ILE F 384 9.72 -46.55 19.50
CA ILE F 384 10.33 -45.77 20.58
C ILE F 384 11.83 -46.00 20.73
N GLU F 385 12.34 -47.14 20.27
CA GLU F 385 13.79 -47.30 20.23
C GLU F 385 14.45 -46.31 19.29
N GLU F 386 13.84 -46.06 18.14
CA GLU F 386 14.45 -45.11 17.20
C GLU F 386 14.49 -43.70 17.78
N TRP F 387 13.58 -43.36 18.67
CA TRP F 387 13.61 -42.07 19.33
C TRP F 387 14.50 -42.03 20.57
N MET F 388 14.65 -43.13 21.30
CA MET F 388 15.69 -43.18 22.34
C MET F 388 17.08 -43.25 21.74
N ALA F 389 17.23 -43.81 20.55
CA ALA F 389 18.43 -43.56 19.76
C ALA F 389 18.61 -42.07 19.50
N GLY F 390 17.52 -41.34 19.29
CA GLY F 390 17.62 -39.89 19.17
C GLY F 390 18.18 -39.21 20.41
N VAL F 391 17.70 -39.59 21.58
CA VAL F 391 18.22 -39.04 22.83
C VAL F 391 19.71 -39.32 22.99
N ALA F 392 20.15 -40.53 22.67
CA ALA F 392 21.58 -40.82 22.71
C ALA F 392 22.40 -39.94 21.76
N TRP F 393 21.92 -39.68 20.55
CA TRP F 393 22.65 -38.80 19.64
C TRP F 393 22.71 -37.37 20.14
N LEU F 394 21.57 -36.81 20.54
CA LEU F 394 21.55 -35.45 21.04
C LEU F 394 22.45 -35.25 22.25
N HIS F 395 22.46 -36.22 23.18
CA HIS F 395 23.21 -36.02 24.41
C HIS F 395 24.72 -35.88 24.18
N CYS F 396 25.22 -36.23 23.00
CA CYS F 396 26.62 -36.01 22.67
C CYS F 396 26.92 -34.61 22.14
N LEU F 397 25.91 -33.86 21.71
CA LEU F 397 26.17 -32.62 20.98
C LEU F 397 26.84 -31.56 21.86
N LEU F 398 26.39 -31.39 23.09
CA LEU F 398 26.96 -30.44 24.04
C LEU F 398 27.32 -31.17 25.32
N PRO F 399 28.23 -30.62 26.12
CA PRO F 399 28.37 -31.11 27.50
C PRO F 399 27.08 -30.96 28.29
N LYS F 400 26.69 -32.04 28.97
CA LYS F 400 25.53 -32.06 29.87
C LYS F 400 24.29 -31.43 29.25
N MET F 401 23.90 -31.95 28.09
CA MET F 401 22.72 -31.45 27.38
C MET F 401 21.49 -31.40 28.27
N ASP F 402 21.27 -32.43 29.08
CA ASP F 402 20.11 -32.49 29.96
C ASP F 402 19.97 -31.25 30.84
N SER F 403 21.09 -30.70 31.29
CA SER F 403 21.07 -29.57 32.20
C SER F 403 20.98 -28.23 31.47
N VAL F 404 21.56 -28.13 30.28
CA VAL F 404 21.39 -26.94 29.45
C VAL F 404 19.92 -26.77 29.05
N VAL F 405 19.22 -27.86 28.73
CA VAL F 405 17.79 -27.77 28.47
C VAL F 405 17.03 -27.22 29.68
N TYR F 406 17.26 -27.80 30.86
CA TYR F 406 16.53 -27.35 32.04
C TYR F 406 16.85 -25.89 32.42
N ASP F 407 18.09 -25.45 32.21
CA ASP F 407 18.41 -24.03 32.32
C ASP F 407 17.69 -23.16 31.29
N PHE F 408 17.61 -23.60 30.04
CA PHE F 408 16.84 -22.84 29.06
C PHE F 408 15.36 -22.76 29.44
N LEU F 409 14.75 -23.90 29.79
CA LEU F 409 13.36 -23.87 30.23
C LEU F 409 13.13 -22.88 31.36
N LYS F 410 13.98 -22.93 32.41
CA LYS F 410 13.87 -21.98 33.51
C LYS F 410 13.94 -20.54 33.04
N CYS F 411 14.92 -20.22 32.20
CA CYS F 411 15.09 -18.84 31.74
C CYS F 411 13.85 -18.32 31.01
N MET F 412 13.23 -19.13 30.16
CA MET F 412 12.03 -18.68 29.46
C MET F 412 10.83 -18.52 30.39
N VAL F 413 10.75 -19.31 31.46
CA VAL F 413 9.68 -19.12 32.44
C VAL F 413 9.89 -17.87 33.30
N TYR F 414 11.13 -17.57 33.70
CA TYR F 414 11.38 -16.43 34.58
C TYR F 414 11.47 -15.08 33.85
N ASN F 415 11.81 -15.06 32.58
CA ASN F 415 11.60 -13.88 31.72
C ASN F 415 12.10 -12.57 32.35
N ILE F 416 13.26 -12.63 33.02
CA ILE F 416 13.84 -11.49 33.76
C ILE F 416 14.30 -10.42 32.77
N PRO F 417 13.97 -9.14 32.97
CA PRO F 417 14.41 -8.09 32.03
C PRO F 417 15.90 -8.14 31.72
N LYS F 418 16.23 -7.87 30.46
CA LYS F 418 17.58 -8.04 29.91
C LYS F 418 18.03 -9.49 29.87
N LYS F 419 17.87 -10.22 30.97
CA LYS F 419 18.30 -11.62 31.10
C LYS F 419 17.36 -12.59 30.36
N ARG F 420 17.17 -12.37 29.06
CA ARG F 420 16.07 -12.99 28.32
C ARG F 420 16.47 -13.83 27.11
N TYR F 421 17.55 -13.50 26.42
CA TYR F 421 17.95 -14.16 25.19
C TYR F 421 19.23 -14.98 25.35
N TRP F 422 19.27 -16.14 24.68
CA TRP F 422 20.44 -17.01 24.62
C TRP F 422 21.06 -16.95 23.23
N LEU F 423 22.38 -16.83 23.16
CA LEU F 423 23.10 -16.65 21.90
C LEU F 423 23.81 -17.94 21.46
N PHE F 424 23.50 -18.40 20.24
CA PHE F 424 24.16 -19.56 19.63
C PHE F 424 25.04 -19.09 18.47
N LYS F 425 26.38 -19.20 18.60
CA LYS F 425 27.24 -18.49 17.66
C LYS F 425 28.50 -19.28 17.27
N GLY F 426 28.43 -20.60 17.15
CA GLY F 426 29.54 -21.36 16.64
C GLY F 426 29.81 -21.15 15.16
N PRO F 427 30.86 -21.82 14.64
CA PRO F 427 31.08 -21.89 13.19
C PRO F 427 29.93 -22.45 12.37
N ILE F 428 30.10 -22.43 11.05
CA ILE F 428 29.17 -23.08 10.13
C ILE F 428 28.99 -24.55 10.44
N ASP F 429 27.84 -25.09 10.04
CA ASP F 429 27.53 -26.53 10.07
C ASP F 429 27.95 -27.17 11.39
N SER F 430 27.37 -26.65 12.48
CA SER F 430 27.79 -27.01 13.82
C SER F 430 26.64 -27.38 14.76
N GLY F 431 25.40 -27.42 14.27
CA GLY F 431 24.30 -27.91 15.06
C GLY F 431 23.52 -26.86 15.83
N LYS F 432 23.82 -25.58 15.60
CA LYS F 432 23.07 -24.51 16.26
C LYS F 432 21.61 -24.49 15.81
N THR F 433 21.34 -24.72 14.53
CA THR F 433 19.95 -24.87 14.09
C THR F 433 19.33 -26.15 14.64
N THR F 434 20.09 -27.23 14.70
CA THR F 434 19.56 -28.50 15.20
C THR F 434 19.01 -28.38 16.62
N LEU F 435 19.78 -27.80 17.54
CA LEU F 435 19.26 -27.59 18.89
C LEU F 435 18.18 -26.52 18.93
N ALA F 436 18.35 -25.44 18.18
CA ALA F 436 17.35 -24.36 18.20
C ALA F 436 15.99 -24.83 17.73
N ALA F 437 15.94 -25.63 16.68
CA ALA F 437 14.65 -26.15 16.20
C ALA F 437 14.02 -27.10 17.20
N ALA F 438 14.83 -27.88 17.90
CA ALA F 438 14.31 -28.82 18.89
C ALA F 438 13.74 -28.09 20.10
N LEU F 439 14.46 -27.09 20.61
CA LEU F 439 13.93 -26.26 21.69
C LEU F 439 12.69 -25.49 21.24
N LEU F 440 12.69 -24.99 20.01
CA LEU F 440 11.52 -24.32 19.47
C LEU F 440 10.26 -25.19 19.48
N GLU F 441 10.35 -26.46 19.10
CA GLU F 441 9.16 -27.30 19.19
C GLU F 441 8.82 -27.71 20.61
N LEU F 442 9.82 -27.92 21.46
CA LEU F 442 9.53 -28.22 22.86
C LEU F 442 8.66 -27.14 23.50
N CYS F 443 9.05 -25.87 23.33
CA CYS F 443 8.33 -24.77 23.96
C CYS F 443 7.22 -24.18 23.09
N GLY F 444 7.30 -24.27 21.77
CA GLY F 444 6.44 -23.50 20.90
C GLY F 444 6.93 -22.07 20.69
N GLY F 445 6.82 -21.57 19.46
CA GLY F 445 7.39 -20.28 19.12
C GLY F 445 7.43 -20.11 17.61
N LYS F 446 8.19 -19.10 17.17
CA LYS F 446 8.37 -18.83 15.75
C LYS F 446 9.82 -18.48 15.44
N ALA F 447 10.25 -18.82 14.23
CA ALA F 447 11.42 -18.23 13.59
C ALA F 447 11.10 -16.88 12.96
N LEU F 448 12.03 -15.93 13.02
CA LEU F 448 11.86 -14.62 12.38
C LEU F 448 13.06 -14.24 11.52
N ASN F 449 12.78 -13.63 10.37
CA ASN F 449 13.77 -13.26 9.35
C ASN F 449 14.27 -11.82 9.47
N VAL F 450 15.14 -11.54 10.45
CA VAL F 450 15.67 -10.19 10.60
C VAL F 450 16.67 -9.78 9.53
N ASN F 451 17.03 -10.68 8.62
CA ASN F 451 17.91 -10.31 7.50
C ASN F 451 17.20 -9.57 6.36
N LEU F 452 15.87 -9.59 6.32
CA LEU F 452 15.08 -8.94 5.27
C LEU F 452 14.98 -7.43 5.55
N PRO F 453 14.31 -6.65 4.69
CA PRO F 453 14.57 -5.20 4.63
C PRO F 453 13.90 -4.42 5.75
N LEU F 454 14.61 -3.40 6.23
CA LEU F 454 14.18 -2.63 7.39
C LEU F 454 12.88 -1.87 7.16
N ASP F 455 12.48 -1.61 5.91
CA ASP F 455 11.18 -0.98 5.65
C ASP F 455 10.00 -1.96 5.64
N ARG F 456 10.26 -3.26 5.74
CA ARG F 456 9.20 -4.26 5.88
C ARG F 456 9.38 -5.12 7.12
N LEU F 457 10.53 -5.00 7.80
CA LEU F 457 10.76 -5.62 9.10
C LEU F 457 9.62 -5.36 10.08
N ASN F 458 8.95 -4.21 9.96
CA ASN F 458 7.72 -3.96 10.70
C ASN F 458 6.73 -5.11 10.63
N PHE F 459 6.43 -5.61 9.43
CA PHE F 459 5.50 -6.72 9.27
C PHE F 459 6.11 -8.08 9.53
N GLU F 460 7.42 -8.18 9.74
CA GLU F 460 7.99 -9.46 10.16
C GLU F 460 7.89 -9.65 11.66
N LEU F 461 8.34 -8.68 12.45
CA LEU F 461 8.27 -8.80 13.90
C LEU F 461 6.85 -8.91 14.41
N GLY F 462 5.87 -8.42 13.64
CA GLY F 462 4.47 -8.61 13.95
C GLY F 462 4.02 -10.05 14.08
N VAL F 463 4.84 -11.01 13.64
CA VAL F 463 4.53 -12.42 13.84
C VAL F 463 4.68 -12.86 15.29
N ALA F 464 5.41 -12.13 16.11
CA ALA F 464 5.63 -12.47 17.52
C ALA F 464 4.44 -12.20 18.42
N ILE F 465 3.35 -11.65 17.89
CA ILE F 465 2.16 -11.37 18.68
C ILE F 465 1.67 -12.63 19.39
N ASP F 466 1.57 -12.56 20.72
CA ASP F 466 1.14 -13.62 21.63
C ASP F 466 2.03 -14.87 21.69
N GLN F 467 3.21 -14.88 21.09
CA GLN F 467 4.02 -16.10 21.06
C GLN F 467 4.92 -16.21 22.31
N PHE F 468 5.39 -17.44 22.57
CA PHE F 468 6.22 -17.77 23.74
C PHE F 468 7.72 -17.65 23.49
N LEU F 469 8.26 -18.29 22.44
CA LEU F 469 9.63 -18.07 22.00
C LEU F 469 9.69 -17.38 20.65
N VAL F 470 10.77 -16.66 20.44
CA VAL F 470 11.25 -16.29 19.11
C VAL F 470 12.63 -16.91 18.91
N VAL F 471 12.89 -17.42 17.71
CA VAL F 471 14.23 -17.70 17.25
C VAL F 471 14.54 -16.77 16.09
N PHE F 472 15.57 -15.95 16.24
CA PHE F 472 16.06 -15.09 15.17
C PHE F 472 17.06 -15.90 14.36
N GLU F 473 16.63 -16.38 13.20
CA GLU F 473 17.40 -17.34 12.42
C GLU F 473 18.57 -16.69 11.70
N ASP F 474 19.77 -17.14 12.03
CA ASP F 474 20.98 -16.94 11.22
C ASP F 474 21.24 -15.47 10.89
N VAL F 475 21.35 -14.68 11.96
CA VAL F 475 21.56 -13.23 11.88
C VAL F 475 22.90 -12.92 11.21
N LYS F 476 22.86 -12.25 10.06
CA LYS F 476 24.09 -11.84 9.37
C LYS F 476 24.74 -10.63 10.04
N GLY F 477 26.06 -10.69 10.19
CA GLY F 477 26.85 -9.56 10.63
C GLY F 477 27.69 -8.93 9.54
N THR F 478 28.72 -8.19 9.96
CA THR F 478 29.77 -7.67 9.08
C THR F 478 31.11 -7.76 9.81
N GLY F 479 32.20 -7.77 9.04
CA GLY F 479 33.53 -7.90 9.61
C GLY F 479 34.06 -9.32 9.70
N GLY F 480 33.31 -10.31 9.26
CA GLY F 480 33.76 -11.68 9.17
C GLY F 480 34.36 -12.08 7.84
N GLU F 481 34.46 -11.12 6.91
CA GLU F 481 34.80 -11.44 5.52
C GLU F 481 36.23 -11.96 5.37
N SER F 482 37.13 -11.63 6.30
CA SER F 482 38.46 -12.23 6.30
C SER F 482 38.41 -13.73 6.57
N ARG F 483 37.32 -14.23 7.14
CA ARG F 483 37.09 -15.65 7.33
C ARG F 483 35.99 -16.17 6.41
N ASP F 484 35.86 -15.53 5.24
CA ASP F 484 34.88 -15.84 4.19
C ASP F 484 33.42 -15.63 4.56
N LEU F 485 33.12 -15.10 5.73
CA LEU F 485 31.72 -14.92 6.12
C LEU F 485 31.10 -13.73 5.39
N PRO F 486 30.03 -13.92 4.62
CA PRO F 486 29.47 -12.80 3.83
C PRO F 486 28.71 -11.80 4.68
N SER F 487 28.71 -10.56 4.21
CA SER F 487 28.11 -9.42 4.93
C SER F 487 26.58 -9.43 4.86
N GLY F 488 25.96 -8.80 5.86
CA GLY F 488 24.54 -8.50 5.81
C GLY F 488 24.10 -7.60 6.95
N GLN F 489 22.83 -7.21 6.92
CA GLN F 489 22.28 -6.19 7.81
C GLN F 489 21.60 -6.74 9.07
N GLY F 490 21.57 -8.06 9.26
CA GLY F 490 20.87 -8.62 10.41
C GLY F 490 21.31 -8.04 11.75
N ILE F 491 22.63 -7.94 11.96
CA ILE F 491 23.14 -7.39 13.22
C ILE F 491 22.74 -5.93 13.40
N ASN F 492 22.81 -5.13 12.35
CA ASN F 492 22.38 -3.73 12.46
C ASN F 492 20.89 -3.60 12.77
N ASN F 493 20.06 -4.49 12.23
CA ASN F 493 18.65 -4.51 12.61
C ASN F 493 18.43 -4.88 14.07
N LEU F 494 19.10 -5.93 14.58
CA LEU F 494 18.94 -6.25 15.99
C LEU F 494 19.44 -5.13 16.90
N ASP F 495 20.54 -4.49 16.55
CA ASP F 495 21.02 -3.39 17.37
C ASP F 495 20.14 -2.14 17.27
N ASN F 496 19.14 -2.13 16.39
CA ASN F 496 18.08 -1.12 16.43
C ASN F 496 16.89 -1.55 17.28
N LEU F 497 16.76 -2.84 17.57
CA LEU F 497 15.61 -3.41 18.28
C LEU F 497 15.91 -3.68 19.75
N ARG F 498 16.81 -2.91 20.36
CA ARG F 498 17.26 -3.22 21.72
C ARG F 498 16.13 -3.28 22.72
N ASP F 499 15.15 -2.37 22.63
CA ASP F 499 14.01 -2.44 23.55
C ASP F 499 13.20 -3.72 23.38
N TYR F 500 13.11 -4.25 22.16
CA TYR F 500 12.44 -5.53 21.99
C TYR F 500 13.19 -6.66 22.69
N LEU F 501 14.52 -6.65 22.63
CA LEU F 501 15.32 -7.67 23.30
C LEU F 501 15.28 -7.53 24.82
N ASP F 502 15.48 -6.31 25.31
CA ASP F 502 15.49 -6.06 26.76
C ASP F 502 14.19 -6.50 27.42
N GLY F 503 13.05 -6.26 26.78
CA GLY F 503 11.77 -6.65 27.34
C GLY F 503 11.34 -5.90 28.58
N SER F 504 12.01 -4.79 28.90
CA SER F 504 11.52 -3.90 29.94
C SER F 504 10.21 -3.23 29.52
N VAL F 505 10.27 -2.45 28.45
CA VAL F 505 9.13 -1.68 27.98
C VAL F 505 8.26 -2.50 27.04
N LYS F 506 6.99 -2.10 26.94
CA LYS F 506 6.02 -2.69 26.03
C LYS F 506 6.12 -2.01 24.66
N VAL F 507 6.39 -2.79 23.63
CA VAL F 507 6.64 -2.28 22.29
C VAL F 507 5.41 -2.52 21.39
N ASN F 508 5.41 -1.87 20.23
CA ASN F 508 4.25 -1.84 19.33
C ASN F 508 4.49 -2.70 18.10
N LEU F 509 3.62 -3.69 17.89
CA LEU F 509 3.81 -4.71 16.86
C LEU F 509 2.74 -4.55 15.77
N GLU F 510 3.17 -4.36 14.52
CA GLU F 510 2.26 -4.17 13.39
C GLU F 510 1.69 -5.50 12.90
N LYS F 511 0.57 -5.91 13.49
CA LYS F 511 -0.27 -6.93 12.86
C LYS F 511 -0.72 -6.47 11.49
N LYS F 512 -0.46 -7.30 10.47
CA LYS F 512 -0.69 -6.90 9.09
C LYS F 512 -2.15 -6.51 8.84
N HIS F 513 -2.32 -5.51 7.98
CA HIS F 513 -3.60 -4.95 7.58
C HIS F 513 -4.37 -4.32 8.75
N LEU F 514 -3.71 -4.13 9.90
CA LEU F 514 -4.35 -3.60 11.11
C LEU F 514 -3.35 -2.71 11.85
N ASN F 515 -3.86 -1.93 12.81
CA ASN F 515 -3.01 -1.10 13.66
C ASN F 515 -2.34 -1.90 14.79
N LYS F 516 -1.28 -1.33 15.36
CA LYS F 516 -0.32 -2.06 16.18
C LYS F 516 -0.92 -2.60 17.49
N ARG F 517 -0.50 -3.82 17.87
CA ARG F 517 -0.62 -4.34 19.24
C ARG F 517 0.48 -3.77 20.14
N THR F 518 0.22 -3.75 21.45
CA THR F 518 1.24 -3.40 22.44
C THR F 518 1.49 -4.55 23.40
N GLN F 519 2.75 -5.02 23.48
CA GLN F 519 3.11 -6.09 24.42
C GLN F 519 4.63 -6.15 24.61
N ILE F 520 5.05 -6.95 25.59
CA ILE F 520 6.47 -7.29 25.77
C ILE F 520 6.86 -8.36 24.76
N PHE F 521 7.79 -8.03 23.88
CA PHE F 521 8.23 -8.98 22.85
C PHE F 521 8.93 -10.19 23.49
N PRO F 522 8.57 -11.42 23.11
CA PRO F 522 8.98 -12.62 23.88
C PRO F 522 10.48 -12.90 23.91
N PRO F 523 10.93 -13.75 24.84
CA PRO F 523 12.32 -14.23 24.89
C PRO F 523 12.61 -15.29 23.83
N GLY F 524 13.89 -15.63 23.65
CA GLY F 524 14.27 -16.41 22.49
C GLY F 524 15.76 -16.63 22.30
N ILE F 525 16.08 -17.26 21.17
CA ILE F 525 17.42 -17.68 20.78
C ILE F 525 17.86 -16.92 19.52
N VAL F 526 19.10 -16.45 19.51
CA VAL F 526 19.70 -15.82 18.32
C VAL F 526 20.78 -16.76 17.79
N THR F 527 20.66 -17.16 16.52
CA THR F 527 21.67 -17.99 15.87
C THR F 527 22.46 -17.17 14.87
N MET F 528 23.78 -17.34 14.87
CA MET F 528 24.64 -16.64 13.92
C MET F 528 25.94 -17.40 13.75
N ASN F 529 26.64 -17.10 12.66
CA ASN F 529 28.02 -17.52 12.52
C ASN F 529 28.93 -16.57 13.30
N GLU F 530 30.23 -16.87 13.32
CA GLU F 530 31.15 -16.13 14.19
C GLU F 530 31.52 -14.75 13.67
N TYR F 531 30.53 -13.91 13.38
CA TYR F 531 30.75 -12.48 13.22
C TYR F 531 31.06 -11.82 14.56
N SER F 532 31.60 -10.60 14.50
CA SER F 532 31.64 -9.75 15.68
C SER F 532 30.25 -9.23 16.02
N VAL F 533 29.94 -9.17 17.32
CA VAL F 533 28.69 -8.61 17.83
C VAL F 533 28.98 -7.29 18.54
N PRO F 534 28.28 -6.19 18.21
CA PRO F 534 28.48 -4.93 18.94
C PRO F 534 28.24 -5.04 20.43
N LYS F 535 29.08 -4.34 21.21
CA LYS F 535 29.03 -4.39 22.66
C LYS F 535 27.67 -3.99 23.21
N THR F 536 27.01 -3.02 22.57
CA THR F 536 25.65 -2.64 22.96
C THR F 536 24.65 -3.78 22.81
N LEU F 537 24.82 -4.58 21.76
CA LEU F 537 23.95 -5.74 21.57
C LEU F 537 24.37 -6.91 22.44
N GLN F 538 25.68 -7.13 22.60
CA GLN F 538 26.18 -8.27 23.36
C GLN F 538 25.61 -8.33 24.79
N ALA F 539 25.38 -7.18 25.41
CA ALA F 539 24.82 -7.16 26.77
C ALA F 539 23.41 -7.73 26.88
N ARG F 540 22.67 -7.84 25.78
CA ARG F 540 21.30 -8.36 25.83
C ARG F 540 21.22 -9.88 26.01
N PHE F 541 22.34 -10.59 25.95
CA PHE F 541 22.35 -12.05 25.97
C PHE F 541 22.81 -12.57 27.32
N VAL F 542 21.98 -13.41 27.95
CA VAL F 542 22.27 -13.89 29.30
C VAL F 542 23.38 -14.93 29.29
N LYS F 543 23.41 -15.79 28.26
CA LYS F 543 24.37 -16.89 28.18
C LYS F 543 24.65 -17.20 26.72
N GLN F 544 25.82 -17.75 26.44
CA GLN F 544 26.27 -18.00 25.07
C GLN F 544 26.74 -19.45 24.90
N ILE F 545 26.38 -20.07 23.79
CA ILE F 545 26.76 -21.45 23.48
C ILE F 545 27.66 -21.50 22.24
N ASP F 546 28.87 -22.03 22.42
CA ASP F 546 29.89 -22.15 21.38
C ASP F 546 29.87 -23.53 20.74
N PHE F 547 28.95 -23.72 19.78
CA PHE F 547 28.94 -24.97 19.01
C PHE F 547 30.25 -25.17 18.24
N ARG F 548 30.54 -26.44 17.93
CA ARG F 548 31.65 -26.83 17.05
C ARG F 548 31.28 -28.06 16.24
N PRO F 549 31.87 -28.24 15.06
CA PRO F 549 31.80 -29.55 14.38
C PRO F 549 32.45 -30.67 15.19
N LYS F 550 31.83 -31.85 15.17
CA LYS F 550 32.43 -33.08 15.67
C LYS F 550 32.40 -34.15 14.57
N ASP F 551 33.58 -34.57 14.12
CA ASP F 551 33.66 -35.50 12.99
C ASP F 551 33.02 -36.84 13.31
N TYR F 552 33.23 -37.35 14.52
CA TYR F 552 32.62 -38.62 14.92
C TYR F 552 31.11 -38.55 14.92
N LEU F 553 30.54 -37.42 15.33
CA LEU F 553 29.10 -37.25 15.30
C LEU F 553 28.56 -37.28 13.87
N LYS F 554 29.30 -36.74 12.92
CA LYS F 554 28.90 -36.84 11.52
C LYS F 554 28.89 -38.27 11.01
N HIS F 555 29.95 -39.03 11.27
CA HIS F 555 29.99 -40.41 10.79
C HIS F 555 28.91 -41.29 11.41
N CYS F 556 28.51 -40.99 12.64
CA CYS F 556 27.35 -41.65 13.23
C CYS F 556 26.08 -41.41 12.42
N LEU F 557 25.83 -40.17 11.99
CA LEU F 557 24.68 -39.91 11.13
C LEU F 557 24.83 -40.55 9.76
N GLU F 558 26.05 -40.56 9.21
CA GLU F 558 26.26 -41.16 7.89
C GLU F 558 25.86 -42.64 7.86
N ARG F 559 25.90 -43.31 9.00
CA ARG F 559 25.37 -44.67 9.11
C ARG F 559 23.94 -44.74 9.63
N SER F 560 23.58 -43.94 10.61
CA SER F 560 22.26 -43.99 11.25
C SER F 560 21.21 -43.15 10.52
N GLU F 561 21.12 -43.31 9.20
CA GLU F 561 20.39 -42.38 8.36
C GLU F 561 18.91 -42.23 8.71
N PHE F 562 18.28 -43.23 9.35
CA PHE F 562 16.89 -43.07 9.78
C PHE F 562 16.70 -41.94 10.76
N LEU F 563 17.76 -41.50 11.45
CA LEU F 563 17.68 -40.33 12.32
C LEU F 563 17.37 -39.05 11.55
N LEU F 564 17.99 -38.88 10.39
CA LEU F 564 17.72 -37.68 9.59
C LEU F 564 16.43 -37.81 8.80
N GLU F 565 16.17 -38.98 8.22
CA GLU F 565 15.00 -39.13 7.37
C GLU F 565 13.71 -38.89 8.14
N LYS F 566 13.63 -39.36 9.38
CA LYS F 566 12.43 -39.19 10.19
C LYS F 566 12.49 -37.93 11.06
N ARG F 567 13.51 -37.10 10.87
CA ARG F 567 13.71 -35.86 11.65
C ARG F 567 13.88 -36.10 13.15
N ILE F 568 14.36 -37.29 13.53
CA ILE F 568 14.40 -37.70 14.94
C ILE F 568 15.28 -36.79 15.78
N ILE F 569 16.43 -36.36 15.26
CA ILE F 569 17.34 -35.51 16.04
C ILE F 569 16.89 -34.07 16.20
N GLN F 570 15.70 -33.74 15.71
CA GLN F 570 15.29 -32.37 15.52
C GLN F 570 13.96 -32.03 16.17
N SER F 571 13.10 -33.01 16.42
CA SER F 571 11.76 -32.77 16.95
C SER F 571 11.73 -32.70 18.47
N GLY F 572 10.82 -31.87 18.98
CA GLY F 572 10.70 -31.66 20.41
C GLY F 572 10.33 -32.91 21.19
N ILE F 573 9.70 -33.87 20.55
CA ILE F 573 9.41 -35.16 21.16
C ILE F 573 10.69 -35.82 21.67
N ALA F 574 11.79 -35.65 20.94
CA ALA F 574 13.07 -36.21 21.36
C ALA F 574 13.64 -35.56 22.61
N LEU F 575 13.60 -34.23 22.71
CA LEU F 575 14.00 -33.58 23.96
C LEU F 575 13.08 -33.92 25.12
N LEU F 576 11.78 -34.08 24.85
CA LEU F 576 10.87 -34.52 25.92
C LEU F 576 11.17 -35.94 26.38
N LEU F 577 11.51 -36.85 25.46
CA LEU F 577 11.95 -38.18 25.89
C LEU F 577 13.24 -38.10 26.68
N MET F 578 14.11 -37.15 26.36
CA MET F 578 15.31 -36.91 27.17
C MET F 578 14.96 -36.37 28.55
N LEU F 579 14.02 -35.43 28.63
CA LEU F 579 13.56 -34.93 29.93
C LEU F 579 12.87 -36.03 30.73
N ILE F 580 12.02 -36.83 30.08
CA ILE F 580 11.40 -37.97 30.76
C ILE F 580 12.47 -38.91 31.31
N TRP F 581 13.49 -39.23 30.52
CA TRP F 581 14.52 -40.15 30.98
C TRP F 581 15.33 -39.58 32.15
N TYR F 582 16.01 -38.45 31.95
CA TYR F 582 17.03 -38.00 32.90
C TYR F 582 16.48 -37.31 34.15
N ARG F 583 15.62 -36.31 34.00
CA ARG F 583 15.40 -35.38 35.11
C ARG F 583 14.52 -35.98 36.21
N PRO F 584 14.73 -35.57 37.46
CA PRO F 584 13.80 -35.93 38.54
C PRO F 584 12.36 -35.49 38.29
N VAL F 585 11.41 -36.33 38.73
CA VAL F 585 10.00 -36.02 38.58
C VAL F 585 9.63 -34.70 39.25
N ALA F 586 10.36 -34.32 40.31
CA ALA F 586 10.04 -33.11 41.05
C ALA F 586 10.19 -31.83 40.25
N GLU F 587 10.92 -31.84 39.15
CA GLU F 587 11.08 -30.64 38.34
C GLU F 587 9.89 -30.33 37.44
N PHE F 588 8.88 -31.19 37.39
CA PHE F 588 7.72 -31.03 36.51
C PHE F 588 6.51 -30.55 37.30
N ALA F 589 5.72 -29.67 36.69
CA ALA F 589 4.54 -29.13 37.35
C ALA F 589 3.56 -30.24 37.78
N GLN F 590 2.83 -29.96 38.86
CA GLN F 590 2.09 -30.99 39.58
C GLN F 590 1.07 -31.76 38.72
N SER F 591 0.42 -31.11 37.76
CA SER F 591 -0.62 -31.82 36.99
C SER F 591 -0.10 -32.79 35.95
N ILE F 592 1.11 -32.60 35.42
CA ILE F 592 1.69 -33.56 34.49
C ILE F 592 2.42 -34.71 35.18
N GLN F 593 2.69 -34.63 36.47
CA GLN F 593 3.40 -35.70 37.15
C GLN F 593 2.64 -37.04 37.07
N SER F 594 1.31 -37.01 36.97
CA SER F 594 0.56 -38.24 36.68
C SER F 594 0.95 -38.88 35.34
N ARG F 595 1.23 -38.07 34.32
CA ARG F 595 1.55 -38.58 32.99
C ARG F 595 3.02 -38.93 32.83
N ILE F 596 3.91 -38.10 33.37
CA ILE F 596 5.34 -38.33 33.26
C ILE F 596 5.71 -39.69 33.84
N VAL F 597 5.13 -40.05 34.98
CA VAL F 597 5.52 -41.30 35.66
C VAL F 597 5.06 -42.54 34.89
N GLU F 598 3.89 -42.51 34.25
CA GLU F 598 3.59 -43.58 33.30
C GLU F 598 4.63 -43.69 32.19
N TRP F 599 5.08 -42.57 31.65
CA TRP F 599 6.12 -42.62 30.62
C TRP F 599 7.48 -43.04 31.17
N LYS F 600 7.82 -42.65 32.41
CA LYS F 600 9.05 -43.20 33.01
C LYS F 600 8.96 -44.71 33.19
N GLU F 601 7.83 -45.22 33.66
CA GLU F 601 7.65 -46.68 33.71
C GLU F 601 7.69 -47.31 32.33
N ARG F 602 7.02 -46.71 31.34
CA ARG F 602 7.06 -47.26 29.98
C ARG F 602 8.47 -47.19 29.36
N LEU F 603 9.26 -46.16 29.64
CA LEU F 603 10.65 -46.16 29.16
C LEU F 603 11.53 -47.18 29.85
N ASP F 604 11.47 -47.28 31.18
CA ASP F 604 12.27 -48.30 31.85
C ASP F 604 11.83 -49.71 31.47
N LYS F 605 10.58 -49.88 31.08
CA LYS F 605 10.12 -51.17 30.60
C LYS F 605 10.74 -51.54 29.26
N GLU F 606 10.79 -50.60 28.32
CA GLU F 606 11.32 -50.91 26.99
C GLU F 606 12.84 -50.95 26.89
N PHE F 607 13.59 -50.30 27.79
CA PHE F 607 15.04 -50.21 27.65
C PHE F 607 15.78 -50.68 28.90
N SER F 608 16.95 -51.29 28.67
CA SER F 608 17.97 -51.44 29.70
C SER F 608 19.01 -50.32 29.60
N LEU F 609 19.66 -50.03 30.73
CA LEU F 609 20.67 -48.99 30.79
C LEU F 609 21.89 -49.33 29.93
N SER F 610 22.27 -50.60 29.86
CA SER F 610 23.41 -50.99 29.04
C SER F 610 23.14 -50.76 27.55
N VAL F 611 21.91 -51.04 27.10
CA VAL F 611 21.54 -50.74 25.72
C VAL F 611 21.69 -49.26 25.42
N TYR F 612 21.20 -48.40 26.31
CA TYR F 612 21.38 -46.96 26.11
C TYR F 612 22.85 -46.53 26.14
N GLN F 613 23.65 -47.11 27.03
CA GLN F 613 25.08 -46.84 27.00
C GLN F 613 25.73 -47.36 25.72
N LYS F 614 25.27 -48.50 25.21
CA LYS F 614 25.73 -49.01 23.93
C LYS F 614 25.37 -48.07 22.78
N MET F 615 24.19 -47.48 22.81
CA MET F 615 23.87 -46.42 21.86
C MET F 615 24.88 -45.28 21.90
N LYS F 616 25.11 -44.69 23.08
CA LYS F 616 26.04 -43.58 23.16
C LYS F 616 27.47 -43.98 22.78
N PHE F 617 27.88 -45.20 23.14
CA PHE F 617 29.19 -45.66 22.72
C PHE F 617 29.30 -45.71 21.20
N ASN F 618 28.27 -46.23 20.53
CA ASN F 618 28.29 -46.21 19.06
C ASN F 618 28.42 -44.79 18.50
N VAL F 619 27.72 -43.83 19.10
CA VAL F 619 27.83 -42.43 18.66
C VAL F 619 29.26 -41.92 18.82
N ALA F 620 29.88 -42.16 19.98
CA ALA F 620 31.25 -41.70 20.17
C ALA F 620 32.22 -42.38 19.21
N MET F 621 31.98 -43.65 18.88
CA MET F 621 32.78 -44.34 17.87
C MET F 621 32.39 -43.98 16.44
N GLY F 622 31.29 -43.26 16.24
CA GLY F 622 30.85 -42.86 14.91
C GLY F 622 30.23 -43.96 14.07
N ILE F 623 29.72 -45.01 14.69
CA ILE F 623 29.02 -46.09 13.97
C ILE F 623 27.51 -45.94 14.18
N GLY F 624 26.73 -46.83 13.55
CA GLY F 624 25.28 -46.71 13.61
C GLY F 624 24.73 -46.95 15.01
N VAL F 625 23.72 -46.15 15.38
CA VAL F 625 23.24 -46.18 16.75
C VAL F 625 22.55 -47.51 17.08
N LEU F 626 21.93 -48.15 16.09
CA LEU F 626 21.33 -49.46 16.33
C LEU F 626 22.33 -50.61 16.24
N ASP F 627 23.57 -50.36 15.84
CA ASP F 627 24.50 -51.46 15.59
C ASP F 627 24.76 -52.25 16.87
#